data_4NCW
# 
_entry.id   4NCW 
# 
_audit_conform.dict_name       mmcif_pdbx.dic 
_audit_conform.dict_version    5.379 
_audit_conform.dict_location   http://mmcif.pdb.org/dictionaries/ascii/mmcif_pdbx.dic 
# 
loop_
_database_2.database_id 
_database_2.database_code 
_database_2.pdbx_database_accession 
_database_2.pdbx_DOI 
PDB   4NCW         pdb_00004ncw 10.2210/pdb4ncw/pdb 
RCSB  RCSB083043   ?            ?                   
WWPDB D_1000083043 ?            ?                   
# 
loop_
_pdbx_database_related.db_name 
_pdbx_database_related.db_id 
_pdbx_database_related.details 
_pdbx_database_related.content_type 
PDB 1RFO 'Trimeric Foldon of the T4 phagehead fibritin (NMR structure)' unspecified 
PDB 4NCU 'Foldon domain wild type (X-ray)'                              unspecified 
PDB 4NCV .                                                              unspecified 
# 
_pdbx_database_status.status_code                     REL 
_pdbx_database_status.entry_id                        4NCW 
_pdbx_database_status.recvd_initial_deposition_date   2013-10-25 
_pdbx_database_status.deposit_site                    RCSB 
_pdbx_database_status.process_site                    RCSB 
_pdbx_database_status.status_code_sf                  REL 
_pdbx_database_status.status_code_mr                  ? 
_pdbx_database_status.SG_entry                        ? 
_pdbx_database_status.status_code_cs                  ? 
_pdbx_database_status.methods_development_category    ? 
_pdbx_database_status.pdb_format_compatible           Y 
_pdbx_database_status.status_code_nmr_data            ? 
# 
loop_
_audit_author.name 
_audit_author.pdbx_ordinal 
'Graewert, M.A.'  1 
'Berthelmann, A.' 2 
'Lach, J.'        3 
'Groll, M.'       4 
'Eichler, J.'     5 
# 
_citation.id                        primary 
_citation.title                     
'Versatile C(3)-symmetric scaffolds and their use for covalent stabilization of the foldon trimer.' 
_citation.journal_abbrev            Org.Biomol.Chem. 
_citation.journal_volume            12 
_citation.page_first                2606 
_citation.page_last                 2614 
_citation.year                      2014 
_citation.journal_id_ASTM           ? 
_citation.country                   UK 
_citation.journal_id_ISSN           1477-0520 
_citation.journal_id_CSD            ? 
_citation.book_publisher            ? 
_citation.pdbx_database_id_PubMed   24637609 
_citation.pdbx_database_id_DOI      10.1039/c3ob42251h 
# 
loop_
_citation_author.citation_id 
_citation_author.name 
_citation_author.ordinal 
_citation_author.identifier_ORCID 
primary 'Berthelmann, A.' 1 ? 
primary 'Lach, J.'        2 ? 
primary 'Grawert, M.A.'   3 ? 
primary 'Groll, M.'       4 ? 
primary 'Eichler, J.'     5 ? 
# 
_cell.entry_id           4NCW 
_cell.length_a           48.710 
_cell.length_b           28.100 
_cell.length_c           55.990 
_cell.angle_alpha        90.00 
_cell.angle_beta         106.81 
_cell.angle_gamma        90.00 
_cell.Z_PDB              12 
_cell.pdbx_unique_axis   ? 
_cell.length_a_esd       ? 
_cell.length_b_esd       ? 
_cell.length_c_esd       ? 
_cell.angle_alpha_esd    ? 
_cell.angle_beta_esd     ? 
_cell.angle_gamma_esd    ? 
# 
_symmetry.entry_id                         4NCW 
_symmetry.space_group_name_H-M             'C 1 2 1' 
_symmetry.pdbx_full_space_group_name_H-M   ? 
_symmetry.cell_setting                     ? 
_symmetry.Int_Tables_number                5 
_symmetry.space_group_name_Hall            ? 
# 
loop_
_entity.id 
_entity.type 
_entity.src_method 
_entity.pdbx_description 
_entity.formula_weight 
_entity.pdbx_number_of_molecules 
_entity.pdbx_ec 
_entity.pdbx_mutation 
_entity.pdbx_fragment 
_entity.details 
1 polymer     syn Fibritin                                        3084.461 3   ? ? 'C-terminus fragment (UNP residues 458-484)' ? 
2 non-polymer syn "N,N',N''-triethylbenzene-1,3,5-tricarboxamide" 291.346  1   ? ? ?                                            ? 
3 water       nat water                                           18.015   143 ? ? ?                                            ? 
# 
_entity_poly.entity_id                      1 
_entity_poly.type                           'polypeptide(L)' 
_entity_poly.nstd_linkage                   no 
_entity_poly.nstd_monomer                   no 
_entity_poly.pdbx_seq_one_letter_code       GYIPEAPRDGQAYVRKDGEWVLLSTFL 
_entity_poly.pdbx_seq_one_letter_code_can   GYIPEAPRDGQAYVRKDGEWVLLSTFL 
_entity_poly.pdbx_strand_id                 A,B,C 
_entity_poly.pdbx_target_identifier         ? 
# 
loop_
_entity_poly_seq.entity_id 
_entity_poly_seq.num 
_entity_poly_seq.mon_id 
_entity_poly_seq.hetero 
1 1  GLY n 
1 2  TYR n 
1 3  ILE n 
1 4  PRO n 
1 5  GLU n 
1 6  ALA n 
1 7  PRO n 
1 8  ARG n 
1 9  ASP n 
1 10 GLY n 
1 11 GLN n 
1 12 ALA n 
1 13 TYR n 
1 14 VAL n 
1 15 ARG n 
1 16 LYS n 
1 17 ASP n 
1 18 GLY n 
1 19 GLU n 
1 20 TRP n 
1 21 VAL n 
1 22 LEU n 
1 23 LEU n 
1 24 SER n 
1 25 THR n 
1 26 PHE n 
1 27 LEU n 
# 
_pdbx_entity_src_syn.entity_id              1 
_pdbx_entity_src_syn.pdbx_src_id            1 
_pdbx_entity_src_syn.pdbx_alt_source_flag   sample 
_pdbx_entity_src_syn.pdbx_beg_seq_num       ? 
_pdbx_entity_src_syn.pdbx_end_seq_num       ? 
_pdbx_entity_src_syn.organism_scientific    'Enterobacteria phage T4' 
_pdbx_entity_src_syn.organism_common_name   ? 
_pdbx_entity_src_syn.ncbi_taxonomy_id       10665 
_pdbx_entity_src_syn.details                
'This sequence occurs naturally in bacteriophage T4 fibritin at its C-terminus and harbors an trimesic acid C-conjugate' 
# 
_struct_ref.id                         1 
_struct_ref.db_name                    UNP 
_struct_ref.db_code                    D9IEJ2_BPT4 
_struct_ref.pdbx_db_accession          D9IEJ2 
_struct_ref.entity_id                  1 
_struct_ref.pdbx_seq_one_letter_code   GYIPEAPRDGQAYVRKDGEWVLLSTFL 
_struct_ref.pdbx_align_begin           458 
_struct_ref.pdbx_db_isoform            ? 
# 
loop_
_struct_ref_seq.align_id 
_struct_ref_seq.ref_id 
_struct_ref_seq.pdbx_PDB_id_code 
_struct_ref_seq.pdbx_strand_id 
_struct_ref_seq.seq_align_beg 
_struct_ref_seq.pdbx_seq_align_beg_ins_code 
_struct_ref_seq.seq_align_end 
_struct_ref_seq.pdbx_seq_align_end_ins_code 
_struct_ref_seq.pdbx_db_accession 
_struct_ref_seq.db_align_beg 
_struct_ref_seq.pdbx_db_align_beg_ins_code 
_struct_ref_seq.db_align_end 
_struct_ref_seq.pdbx_db_align_end_ins_code 
_struct_ref_seq.pdbx_auth_seq_align_beg 
_struct_ref_seq.pdbx_auth_seq_align_end 
1 1 4NCW A 1 ? 27 ? D9IEJ2 458 ? 484 ? 1 27 
2 1 4NCW B 1 ? 27 ? D9IEJ2 458 ? 484 ? 1 27 
3 1 4NCW C 1 ? 27 ? D9IEJ2 458 ? 484 ? 1 27 
# 
loop_
_chem_comp.id 
_chem_comp.type 
_chem_comp.mon_nstd_flag 
_chem_comp.name 
_chem_comp.pdbx_synonyms 
_chem_comp.formula 
_chem_comp.formula_weight 
2KN non-polymer         . "N,N',N''-triethylbenzene-1,3,5-tricarboxamide" ? 'C15 H21 N3 O3'  291.346 
ALA 'L-peptide linking' y ALANINE                                         ? 'C3 H7 N O2'     89.093  
ARG 'L-peptide linking' y ARGININE                                        ? 'C6 H15 N4 O2 1' 175.209 
ASP 'L-peptide linking' y 'ASPARTIC ACID'                                 ? 'C4 H7 N O4'     133.103 
GLN 'L-peptide linking' y GLUTAMINE                                       ? 'C5 H10 N2 O3'   146.144 
GLU 'L-peptide linking' y 'GLUTAMIC ACID'                                 ? 'C5 H9 N O4'     147.129 
GLY 'peptide linking'   y GLYCINE                                         ? 'C2 H5 N O2'     75.067  
HOH non-polymer         . WATER                                           ? 'H2 O'           18.015  
ILE 'L-peptide linking' y ISOLEUCINE                                      ? 'C6 H13 N O2'    131.173 
LEU 'L-peptide linking' y LEUCINE                                         ? 'C6 H13 N O2'    131.173 
LYS 'L-peptide linking' y LYSINE                                          ? 'C6 H15 N2 O2 1' 147.195 
PHE 'L-peptide linking' y PHENYLALANINE                                   ? 'C9 H11 N O2'    165.189 
PRO 'L-peptide linking' y PROLINE                                         ? 'C5 H9 N O2'     115.130 
SER 'L-peptide linking' y SERINE                                          ? 'C3 H7 N O3'     105.093 
THR 'L-peptide linking' y THREONINE                                       ? 'C4 H9 N O3'     119.119 
TRP 'L-peptide linking' y TRYPTOPHAN                                      ? 'C11 H12 N2 O2'  204.225 
TYR 'L-peptide linking' y TYROSINE                                        ? 'C9 H11 N O3'    181.189 
VAL 'L-peptide linking' y VALINE                                          ? 'C5 H11 N O2'    117.146 
# 
_exptl.entry_id          4NCW 
_exptl.method            'X-RAY DIFFRACTION' 
_exptl.crystals_number   1 
# 
_exptl_crystal.id                    1 
_exptl_crystal.density_meas          ? 
_exptl_crystal.density_Matthews      1.98 
_exptl_crystal.density_percent_sol   37.94 
_exptl_crystal.description           ? 
_exptl_crystal.F_000                 ? 
_exptl_crystal.preparation           ? 
# 
_exptl_crystal_grow.crystal_id      1 
_exptl_crystal_grow.method          'VAPOR DIFFUSION, HANGING DROP' 
_exptl_crystal_grow.temp            293 
_exptl_crystal_grow.temp_details    ? 
_exptl_crystal_grow.pH              7.0 
_exptl_crystal_grow.pdbx_details    '0.2 M Ammoniumsulfate, 30% PEG 4000, pH 7.0, VAPOR DIFFUSION, HANGING DROP, temperature 293K' 
_exptl_crystal_grow.pdbx_pH_range   ? 
# 
_diffrn.id                     1 
_diffrn.ambient_temp           100 
_diffrn.ambient_temp_details   ? 
_diffrn.crystal_id             1 
# 
_diffrn_detector.diffrn_id              1 
_diffrn_detector.detector               PIXEL 
_diffrn_detector.type                   'PSI PILATUS 6M' 
_diffrn_detector.pdbx_collection_date   2013-06-08 
_diffrn_detector.details                ? 
# 
_diffrn_radiation.diffrn_id                        1 
_diffrn_radiation.wavelength_id                    1 
_diffrn_radiation.pdbx_monochromatic_or_laue_m_l   M 
_diffrn_radiation.monochromator                    'LN2 cooled fixed-exit. Si(111) monochromator' 
_diffrn_radiation.pdbx_diffrn_protocol             'SINGLE WAVELENGTH' 
_diffrn_radiation.pdbx_scattering_type             x-ray 
# 
_diffrn_radiation_wavelength.id           1 
_diffrn_radiation_wavelength.wavelength   1.0 
_diffrn_radiation_wavelength.wt           1.0 
# 
_diffrn_source.diffrn_id                   1 
_diffrn_source.source                      SYNCHROTRON 
_diffrn_source.type                        'SLS BEAMLINE X06SA' 
_diffrn_source.pdbx_synchrotron_site       SLS 
_diffrn_source.pdbx_synchrotron_beamline   X06SA 
_diffrn_source.pdbx_wavelength             ? 
_diffrn_source.pdbx_wavelength_list        1.0 
# 
_reflns.entry_id                     4NCW 
_reflns.observed_criterion_sigma_I   2.0 
_reflns.observed_criterion_sigma_F   2.0 
_reflns.d_resolution_low             30 
_reflns.d_resolution_high            1.3 
_reflns.number_obs                   17100 
_reflns.number_all                   19197 
_reflns.percent_possible_obs         94.4 
_reflns.pdbx_Rmerge_I_obs            0.071 
_reflns.pdbx_Rsym_value              ? 
_reflns.pdbx_netI_over_sigmaI        9.3 
_reflns.B_iso_Wilson_estimate        ? 
_reflns.pdbx_redundancy              2.9 
_reflns.R_free_details               ? 
_reflns.limit_h_max                  ? 
_reflns.limit_h_min                  ? 
_reflns.limit_k_max                  ? 
_reflns.limit_k_min                  ? 
_reflns.limit_l_max                  ? 
_reflns.limit_l_min                  ? 
_reflns.observed_criterion_F_max     ? 
_reflns.observed_criterion_F_min     ? 
_reflns.pdbx_chi_squared             ? 
_reflns.pdbx_scaling_rejects         ? 
_reflns.pdbx_ordinal                 1 
_reflns.pdbx_diffrn_id               1 
# 
_reflns_shell.d_res_high             1.3 
_reflns_shell.d_res_low              1.4 
_reflns_shell.percent_possible_all   92.5 
_reflns_shell.Rmerge_I_obs           0.289 
_reflns_shell.pdbx_Rsym_value        ? 
_reflns_shell.meanI_over_sigI_obs    3.6 
_reflns_shell.pdbx_redundancy        ? 
_reflns_shell.percent_possible_obs   ? 
_reflns_shell.number_unique_all      ? 
_reflns_shell.number_measured_all    ? 
_reflns_shell.number_measured_obs    ? 
_reflns_shell.number_unique_obs      ? 
_reflns_shell.pdbx_chi_squared       ? 
_reflns_shell.pdbx_ordinal           1 
_reflns_shell.pdbx_diffrn_id         1 
# 
_refine.entry_id                                 4NCW 
_refine.ls_number_reflns_obs                     16244 
_refine.ls_number_reflns_all                     17099 
_refine.pdbx_ls_sigma_I                          2.0 
_refine.pdbx_ls_sigma_F                          ? 
_refine.pdbx_data_cutoff_high_absF               ? 
_refine.pdbx_data_cutoff_low_absF                ? 
_refine.pdbx_data_cutoff_high_rms_absF           ? 
_refine.ls_d_res_low                             15.00 
_refine.ls_d_res_high                            1.30 
_refine.ls_percent_reflns_obs                    94.54 
_refine.ls_R_factor_obs                          0.16984 
_refine.ls_R_factor_all                          ? 
_refine.ls_R_factor_R_work                       0.16835 
_refine.ls_R_factor_R_free                       0.19299 
_refine.ls_R_factor_R_free_error                 ? 
_refine.ls_R_factor_R_free_error_details         ? 
_refine.ls_percent_reflns_R_free                 5.0 
_refine.ls_number_reflns_R_free                  855 
_refine.ls_number_parameters                     ? 
_refine.ls_number_restraints                     ? 
_refine.occupancy_min                            ? 
_refine.occupancy_max                            ? 
_refine.correlation_coeff_Fo_to_Fc               0.968 
_refine.correlation_coeff_Fo_to_Fc_free          0.965 
_refine.B_iso_mean                               16.645 
_refine.aniso_B[1][1]                            -0.31 
_refine.aniso_B[2][2]                            -0.65 
_refine.aniso_B[3][3]                            0.75 
_refine.aniso_B[1][2]                            -0.00 
_refine.aniso_B[1][3]                            0.24 
_refine.aniso_B[2][3]                            -0.00 
_refine.solvent_model_details                    MASK 
_refine.solvent_model_param_ksol                 ? 
_refine.solvent_model_param_bsol                 ? 
_refine.pdbx_solvent_vdw_probe_radii             1.20 
_refine.pdbx_solvent_ion_probe_radii             0.80 
_refine.pdbx_solvent_shrinkage_radii             0.80 
_refine.pdbx_ls_cross_valid_method               THROUGHOUT 
_refine.details                                  'HYDROGENS HAVE BEEN ADDED IN THE RIDING POSITIONS' 
_refine.pdbx_starting_model                      4NCU 
_refine.pdbx_method_to_determine_struct          'MOLECULAR REPLACEMENT' 
_refine.pdbx_isotropic_thermal_model             ? 
_refine.pdbx_stereochemistry_target_values       'MAXIMUM LIKELIHOOD' 
_refine.pdbx_stereochem_target_val_spec_case     ? 
_refine.pdbx_R_Free_selection_details            RANDOM 
_refine.pdbx_overall_ESU_R                       0.064 
_refine.pdbx_overall_ESU_R_Free                  0.058 
_refine.overall_SU_ML                            0.039 
_refine.pdbx_overall_phase_error                 ? 
_refine.overall_SU_B                             2.063 
_refine.overall_SU_R_Cruickshank_DPI             ? 
_refine.ls_redundancy_reflns_obs                 ? 
_refine.B_iso_min                                ? 
_refine.B_iso_max                                ? 
_refine.overall_SU_R_free                        ? 
_refine.ls_wR_factor_R_free                      ? 
_refine.ls_wR_factor_R_work                      ? 
_refine.overall_FOM_free_R_set                   ? 
_refine.overall_FOM_work_R_set                   ? 
_refine.pdbx_diffrn_id                           1 
_refine.pdbx_refine_id                           'X-RAY DIFFRACTION' 
_refine.pdbx_TLS_residual_ADP_flag               ? 
_refine.pdbx_overall_SU_R_free_Cruickshank_DPI   ? 
_refine.pdbx_overall_SU_R_Blow_DPI               ? 
_refine.pdbx_overall_SU_R_free_Blow_DPI          ? 
# 
_refine_hist.pdbx_refine_id                   'X-RAY DIFFRACTION' 
_refine_hist.cycle_id                         LAST 
_refine_hist.pdbx_number_atoms_protein        590 
_refine_hist.pdbx_number_atoms_nucleic_acid   0 
_refine_hist.pdbx_number_atoms_ligand         21 
_refine_hist.number_atoms_solvent             143 
_refine_hist.number_atoms_total               754 
_refine_hist.d_res_high                       1.30 
_refine_hist.d_res_low                        15.00 
# 
loop_
_refine_ls_restr.type 
_refine_ls_restr.dev_ideal 
_refine_ls_restr.dev_ideal_target 
_refine_ls_restr.weight 
_refine_ls_restr.number 
_refine_ls_restr.pdbx_restraint_function 
_refine_ls_restr.pdbx_refine_id 
r_bond_refined_d       0.014  0.020  ? 629  ? 'X-RAY DIFFRACTION' 
r_bond_other_d         0.005  0.020  ? 593  ? 'X-RAY DIFFRACTION' 
r_angle_refined_deg    1.771  1.999  ? 852  ? 'X-RAY DIFFRACTION' 
r_angle_other_deg      1.014  3.010  ? 1358 ? 'X-RAY DIFFRACTION' 
r_dihedral_angle_1_deg 5.915  5.000  ? 70   ? 'X-RAY DIFFRACTION' 
r_dihedral_angle_2_deg 37.922 23.000 ? 30   ? 'X-RAY DIFFRACTION' 
r_dihedral_angle_3_deg 10.692 15.000 ? 95   ? 'X-RAY DIFFRACTION' 
r_dihedral_angle_4_deg 19.194 15.000 ? 6    ? 'X-RAY DIFFRACTION' 
r_chiral_restr         0.087  0.200  ? 86   ? 'X-RAY DIFFRACTION' 
r_gen_planes_refined   0.010  0.021  ? 701  ? 'X-RAY DIFFRACTION' 
r_gen_planes_other     0.001  0.020  ? 147  ? 'X-RAY DIFFRACTION' 
r_rigid_bond_restr     3.648  3.000  ? 1222 ? 'X-RAY DIFFRACTION' 
r_sphericity_free      28.887 5.000  ? 44   ? 'X-RAY DIFFRACTION' 
r_sphericity_bonded    7.511  5.000  ? 1306 ? 'X-RAY DIFFRACTION' 
# 
_refine_ls_shell.pdbx_total_number_of_bins_used   20 
_refine_ls_shell.d_res_high                       1.300 
_refine_ls_shell.d_res_low                        1.334 
_refine_ls_shell.number_reflns_R_work             1160 
_refine_ls_shell.R_factor_R_work                  0.251 
_refine_ls_shell.percent_reflns_obs               92.85 
_refine_ls_shell.R_factor_R_free                  0.281 
_refine_ls_shell.R_factor_R_free_error            ? 
_refine_ls_shell.percent_reflns_R_free            ? 
_refine_ls_shell.number_reflns_R_free             61 
_refine_ls_shell.number_reflns_all                ? 
_refine_ls_shell.R_factor_all                     ? 
_refine_ls_shell.number_reflns_obs                ? 
_refine_ls_shell.redundancy_reflns_obs            ? 
_refine_ls_shell.pdbx_refine_id                   'X-RAY DIFFRACTION' 
# 
loop_
_struct_ncs_oper.id 
_struct_ncs_oper.code 
_struct_ncs_oper.details 
_struct_ncs_oper.matrix[1][1] 
_struct_ncs_oper.matrix[1][2] 
_struct_ncs_oper.matrix[1][3] 
_struct_ncs_oper.matrix[2][1] 
_struct_ncs_oper.matrix[2][2] 
_struct_ncs_oper.matrix[2][3] 
_struct_ncs_oper.matrix[3][1] 
_struct_ncs_oper.matrix[3][2] 
_struct_ncs_oper.matrix[3][3] 
_struct_ncs_oper.vector[1] 
_struct_ncs_oper.vector[2] 
_struct_ncs_oper.vector[3] 
1 given ? 1.000000    0.000000    0.000000    0.000000    1.000000   0.000000    0.000000    0.000000    1.000000    0.00000 0.00000 0.00000  
2 given ? -0.34431255 -0.03055924 0.93835768  -0.78362435 0.55982981 -0.26930413 -0.51709069 -0.82804438 -0.21670326 0.07341 0.03542 0.03960  
3 given ? -0.34298862 -0.78464542 -0.51642053 -0.03048801 0.55877877 -0.82875550 0.93884529  -0.26850914 -0.21557714 0.08986 0.00461 -0.03873  
# 
_struct.entry_id                  4NCW 
_struct.title                     'foldon domain wild type C-conjugate' 
_struct.pdbx_model_details        ? 
_struct.pdbx_CASP_flag            ? 
_struct.pdbx_model_type_details   ? 
# 
_struct_keywords.entry_id        4NCW 
_struct_keywords.pdbx_keywords   'VIRAL PROTEIN' 
_struct_keywords.text            
'trimeric scaffold, chemical ligation, folding, trazido-functionalized trimesic acid scaffold, VIRAL PROTEIN' 
# 
loop_
_struct_asym.id 
_struct_asym.pdbx_blank_PDB_chainid_flag 
_struct_asym.pdbx_modified 
_struct_asym.entity_id 
_struct_asym.details 
A N N 1 ? 
B N N 1 ? 
C N N 1 ? 
D N N 2 ? 
E N N 3 ? 
F N N 3 ? 
G N N 3 ? 
# 
_struct_biol.id        1 
_struct_biol.details   ? 
# 
loop_
_struct_conf.conf_type_id 
_struct_conf.id 
_struct_conf.pdbx_PDB_helix_id 
_struct_conf.beg_label_comp_id 
_struct_conf.beg_label_asym_id 
_struct_conf.beg_label_seq_id 
_struct_conf.pdbx_beg_PDB_ins_code 
_struct_conf.end_label_comp_id 
_struct_conf.end_label_asym_id 
_struct_conf.end_label_seq_id 
_struct_conf.pdbx_end_PDB_ins_code 
_struct_conf.beg_auth_comp_id 
_struct_conf.beg_auth_asym_id 
_struct_conf.beg_auth_seq_id 
_struct_conf.end_auth_comp_id 
_struct_conf.end_auth_asym_id 
_struct_conf.end_auth_seq_id 
_struct_conf.pdbx_PDB_helix_class 
_struct_conf.details 
_struct_conf.pdbx_PDB_helix_length 
HELX_P HELX_P1 1 SER A 24 ? PHE A 26 ? SER A 24 PHE A 26 5 ? 3 
HELX_P HELX_P2 2 SER B 24 ? PHE B 26 ? SER B 24 PHE B 26 5 ? 3 
HELX_P HELX_P3 3 SER C 24 ? PHE C 26 ? SER C 24 PHE C 26 5 ? 3 
# 
_struct_conf_type.id          HELX_P 
_struct_conf_type.criteria    ? 
_struct_conf_type.reference   ? 
# 
loop_
_struct_sheet.id 
_struct_sheet.type 
_struct_sheet.number_strands 
_struct_sheet.details 
A ? 4 ? 
B ? 5 ? 
# 
loop_
_struct_sheet_order.sheet_id 
_struct_sheet_order.range_id_1 
_struct_sheet_order.range_id_2 
_struct_sheet_order.offset 
_struct_sheet_order.sense 
A 1 2 ? anti-parallel 
A 2 3 ? anti-parallel 
A 3 4 ? anti-parallel 
B 1 2 ? anti-parallel 
B 2 3 ? anti-parallel 
B 3 4 ? anti-parallel 
B 4 5 ? anti-parallel 
# 
loop_
_struct_sheet_range.sheet_id 
_struct_sheet_range.id 
_struct_sheet_range.beg_label_comp_id 
_struct_sheet_range.beg_label_asym_id 
_struct_sheet_range.beg_label_seq_id 
_struct_sheet_range.pdbx_beg_PDB_ins_code 
_struct_sheet_range.end_label_comp_id 
_struct_sheet_range.end_label_asym_id 
_struct_sheet_range.end_label_seq_id 
_struct_sheet_range.pdbx_end_PDB_ins_code 
_struct_sheet_range.beg_auth_comp_id 
_struct_sheet_range.beg_auth_asym_id 
_struct_sheet_range.beg_auth_seq_id 
_struct_sheet_range.end_auth_comp_id 
_struct_sheet_range.end_auth_asym_id 
_struct_sheet_range.end_auth_seq_id 
A 1 GLU A 19 ? LEU A 22 ? GLU A 19 LEU A 22 
A 2 TYR A 13 ? LYS A 16 ? TYR A 13 LYS A 16 
A 3 ALA C 12 ? LYS C 16 ? ALA C 12 LYS C 16 
A 4 GLU C 19 ? LEU C 22 ? GLU C 19 LEU C 22 
B 1 ALA C 12 ? LYS C 16 ? ALA C 12 LYS C 16 
B 2 ALA B 12 ? LYS B 16 ? ALA B 12 LYS B 16 
B 3 GLU B 19 ? LEU B 22 ? GLU B 19 LEU B 22 
B 4 ALA B 12 ? LYS B 16 ? ALA B 12 LYS B 16 
B 5 TYR A 13 ? LYS A 16 ? TYR A 13 LYS A 16 
# 
loop_
_pdbx_struct_sheet_hbond.sheet_id 
_pdbx_struct_sheet_hbond.range_id_1 
_pdbx_struct_sheet_hbond.range_id_2 
_pdbx_struct_sheet_hbond.range_1_label_atom_id 
_pdbx_struct_sheet_hbond.range_1_label_comp_id 
_pdbx_struct_sheet_hbond.range_1_label_asym_id 
_pdbx_struct_sheet_hbond.range_1_label_seq_id 
_pdbx_struct_sheet_hbond.range_1_PDB_ins_code 
_pdbx_struct_sheet_hbond.range_1_auth_atom_id 
_pdbx_struct_sheet_hbond.range_1_auth_comp_id 
_pdbx_struct_sheet_hbond.range_1_auth_asym_id 
_pdbx_struct_sheet_hbond.range_1_auth_seq_id 
_pdbx_struct_sheet_hbond.range_2_label_atom_id 
_pdbx_struct_sheet_hbond.range_2_label_comp_id 
_pdbx_struct_sheet_hbond.range_2_label_asym_id 
_pdbx_struct_sheet_hbond.range_2_label_seq_id 
_pdbx_struct_sheet_hbond.range_2_PDB_ins_code 
_pdbx_struct_sheet_hbond.range_2_auth_atom_id 
_pdbx_struct_sheet_hbond.range_2_auth_comp_id 
_pdbx_struct_sheet_hbond.range_2_auth_asym_id 
_pdbx_struct_sheet_hbond.range_2_auth_seq_id 
A 1 2 O VAL A 21 ? O VAL A 21 N VAL A 14 ? N VAL A 14 
A 2 3 N ARG A 15 ? N ARG A 15 O TYR C 13 ? O TYR C 13 
A 3 4 N VAL C 14 ? N VAL C 14 O VAL C 21 ? O VAL C 21 
B 1 2 O ARG C 15 ? O ARG C 15 N TYR B 13 ? N TYR B 13 
B 2 3 N LYS B 16 ? N LYS B 16 O GLU B 19 ? O GLU B 19 
B 3 4 O GLU B 19 ? O GLU B 19 N LYS B 16 ? N LYS B 16 
B 4 5 O ARG B 15 ? O ARG B 15 N TYR A 13 ? N TYR A 13 
# 
_struct_site.id                   AC1 
_struct_site.pdbx_evidence_code   Software 
_struct_site.pdbx_auth_asym_id    B 
_struct_site.pdbx_auth_comp_id    2KN 
_struct_site.pdbx_auth_seq_id     101 
_struct_site.pdbx_auth_ins_code   ? 
_struct_site.pdbx_num_residues    8 
_struct_site.details              'BINDING SITE FOR RESIDUE 2KN B 101' 
# 
loop_
_struct_site_gen.id 
_struct_site_gen.site_id 
_struct_site_gen.pdbx_num_res 
_struct_site_gen.label_comp_id 
_struct_site_gen.label_asym_id 
_struct_site_gen.label_seq_id 
_struct_site_gen.pdbx_auth_ins_code 
_struct_site_gen.auth_comp_id 
_struct_site_gen.auth_asym_id 
_struct_site_gen.auth_seq_id 
_struct_site_gen.label_atom_id 
_struct_site_gen.label_alt_id 
_struct_site_gen.symmetry 
_struct_site_gen.details 
1 AC1 8 PHE A 26 ? PHE A 26  . ? 1_555 ? 
2 AC1 8 LEU A 27 ? LEU A 27  . ? 1_555 ? 
3 AC1 8 PHE B 26 ? PHE B 26  . ? 1_555 ? 
4 AC1 8 LEU B 27 ? LEU B 27  . ? 1_555 ? 
5 AC1 8 HOH F .  ? HOH B 245 . ? 1_555 ? 
6 AC1 8 HOH F .  ? HOH B 250 . ? 1_555 ? 
7 AC1 8 PHE C 26 ? PHE C 26  . ? 1_555 ? 
8 AC1 8 LEU C 27 ? LEU C 27  . ? 1_555 ? 
# 
_atom_sites.entry_id                    4NCW 
_atom_sites.fract_transf_matrix[1][1]   0.00779008 
_atom_sites.fract_transf_matrix[1][2]   0.01634118 
_atom_sites.fract_transf_matrix[1][3]   0.01149897 
_atom_sites.fract_transf_matrix[2][1]   0.02908961 
_atom_sites.fract_transf_matrix[2][2]   0.00055241 
_atom_sites.fract_transf_matrix[2][3]   -0.02049204 
_atom_sites.fract_transf_matrix[3][1]   -0.00602531 
_atom_sites.fract_transf_matrix[3][2]   0.01567508 
_atom_sites.fract_transf_matrix[3][3]   -0.00813071 
_atom_sites.fract_transf_vector[1]      0.250595 
_atom_sites.fract_transf_vector[2]      0.641319 
_atom_sites.fract_transf_vector[3]      1.254263 
# 
loop_
_atom_type.symbol 
C 
N 
O 
# 
loop_
_atom_site.group_PDB 
_atom_site.id 
_atom_site.type_symbol 
_atom_site.label_atom_id 
_atom_site.label_alt_id 
_atom_site.label_comp_id 
_atom_site.label_asym_id 
_atom_site.label_entity_id 
_atom_site.label_seq_id 
_atom_site.pdbx_PDB_ins_code 
_atom_site.Cartn_x 
_atom_site.Cartn_y 
_atom_site.Cartn_z 
_atom_site.occupancy 
_atom_site.B_iso_or_equiv 
_atom_site.pdbx_formal_charge 
_atom_site.auth_seq_id 
_atom_site.auth_comp_id 
_atom_site.auth_asym_id 
_atom_site.auth_atom_id 
_atom_site.pdbx_PDB_model_num 
ATOM   1   N N   . ILE A 1 3  ? 1.030   -11.198 5.995   1.00 32.12 ? 3   ILE A N   1 
ATOM   2   C CA  . ILE A 1 3  ? 0.085   -11.122 4.853   1.00 22.75 ? 3   ILE A CA  1 
ATOM   3   C C   . ILE A 1 3  ? 0.747   -11.509 3.535   1.00 23.53 ? 3   ILE A C   1 
ATOM   4   O O   . ILE A 1 3  ? 1.950   -11.234 3.338   1.00 19.50 ? 3   ILE A O   1 
ATOM   5   C CB  . ILE A 1 3  ? -0.505  -9.713  4.722   1.00 23.62 ? 3   ILE A CB  1 
ATOM   6   C CG1 . ILE A 1 3  ? 0.513   -8.680  4.260   1.00 21.62 ? 3   ILE A CG1 1 
ATOM   7   C CG2 . ILE A 1 3  ? -1.124  -9.294  6.049   1.00 30.84 ? 3   ILE A CG2 1 
ATOM   8   C CD1 . ILE A 1 3  ? -0.023  -7.263  4.414   1.00 31.27 ? 3   ILE A CD1 1 
ATOM   9   N N   . PRO A 1 4  ? -0.014  -12.207 2.669   1.00 21.34 ? 4   PRO A N   1 
ATOM   10  C CA  . PRO A 1 4  ? 0.422   -12.675 1.384   1.00 19.45 ? 4   PRO A CA  1 
ATOM   11  C C   . PRO A 1 4  ? 0.706   -11.593 0.340   1.00 16.02 ? 4   PRO A C   1 
ATOM   12  O O   . PRO A 1 4  ? 0.263   -10.446 0.441   1.00 19.09 ? 4   PRO A O   1 
ATOM   13  C CB  . PRO A 1 4  ? -0.745  -13.508 0.888   1.00 26.36 ? 4   PRO A CB  1 
ATOM   14  C CG  . PRO A 1 4  ? -1.549  -13.854 2.060   1.00 27.58 ? 4   PRO A CG  1 
ATOM   15  C CD  . PRO A 1 4  ? -1.355  -12.729 3.009   1.00 27.35 ? 4   PRO A CD  1 
ATOM   16  N N   . GLU A 1 5  ? 1.415   -12.003 -0.698  1.00 13.33 ? 5   GLU A N   1 
ATOM   17  C CA  . GLU A 1 5  ? 1.714   -11.178 -1.834  1.00 12.69 ? 5   GLU A CA  1 
ATOM   18  C C   . GLU A 1 5  ? 0.453   -10.626 -2.501  1.00 11.83 ? 5   GLU A C   1 
ATOM   19  O O   . GLU A 1 5  ? -0.600  -11.246 -2.509  1.00 13.00 ? 5   GLU A O   1 
ATOM   20  C CB  . GLU A 1 5  ? 2.533   -12.007 -2.827  1.00 13.02 ? 5   GLU A CB  1 
ATOM   21  C CG  . GLU A 1 5  ? 3.127   -11.234 -3.998  1.00 12.93 ? 5   GLU A CG  1 
ATOM   22  C CD  . GLU A 1 5  ? 3.968   -10.041 -3.567  1.00 14.59 ? 5   GLU A CD  1 
ATOM   23  O OE1 . GLU A 1 5  ? 5.183   -10.212 -3.314  1.00 20.54 ? 5   GLU A OE1 1 
ATOM   24  O OE2 . GLU A 1 5  ? 3.439   -8.913  -3.541  1.00 13.33 ? 5   GLU A OE2 1 
ATOM   25  N N   . ALA A 1 6  ? 0.597   -9.414  -3.040  1.00 9.89  ? 6   ALA A N   1 
ATOM   26  C CA  . ALA A 1 6  ? -0.434  -8.820  -3.882  1.00 11.60 ? 6   ALA A CA  1 
ATOM   27  C C   . ALA A 1 6  ? -0.406  -9.440  -5.271  1.00 10.85 ? 6   ALA A C   1 
ATOM   28  O O   . ALA A 1 6  ? 0.577   -10.075 -5.638  1.00 11.14 ? 6   ALA A O   1 
ATOM   29  C CB  . ALA A 1 6  ? -0.221  -7.306  -3.961  1.00 11.34 ? 6   ALA A CB  1 
ATOM   30  N N   . PRO A 1 7  ? -1.486  -9.309  -6.062  1.00 10.61 ? 7   PRO A N   1 
ATOM   31  C CA  . PRO A 1 7  ? -1.361  -9.718  -7.460  1.00 11.12 ? 7   PRO A CA  1 
ATOM   32  C C   . PRO A 1 7  ? -0.122  -9.165  -8.169  1.00 11.35 ? 7   PRO A C   1 
ATOM   33  O O   . PRO A 1 7  ? 0.291   -8.069  -7.853  1.00 11.63 ? 7   PRO A O   1 
ATOM   34  C CB  . PRO A 1 7  ? -2.661  -9.224  -8.065  1.00 12.70 ? 7   PRO A CB  1 
ATOM   35  C CG  . PRO A 1 7  ? -3.612  -9.191  -6.910  1.00 12.26 ? 7   PRO A CG  1 
ATOM   36  C CD  . PRO A 1 7  ? -2.757  -8.614  -5.832  1.00 11.21 ? 7   PRO A CD  1 
ATOM   37  N N   . ARG A 1 8  ? 0.484   -9.937  -9.066  1.00 12.93 ? 8   ARG A N   1 
ATOM   38  C CA  . ARG A 1 8  ? 1.644   -9.497  -9.803  1.00 13.53 ? 8   ARG A CA  1 
ATOM   39  C C   . ARG A 1 8  ? 1.179   -9.323  -11.244 1.00 14.00 ? 8   ARG A C   1 
ATOM   40  O O   . ARG A 1 8  ? 1.226   -10.244 -12.049 1.00 14.78 ? 8   ARG A O   1 
ATOM   41  C CB  . ARG A 1 8  ? 2.763   -10.524 -9.701  1.00 14.57 ? 8   ARG A CB  1 
ATOM   42  C CG  . ARG A 1 8  ? 3.393   -10.612 -8.314  1.00 16.02 ? 8   ARG A CG  1 
ATOM   43  C CD  . ARG A 1 8  ? 4.331   -11.805 -8.216  1.00 25.38 ? 8   ARG A CD  1 
ATOM   44  N NE  . ARG A 1 8  ? 5.485   -11.652 -9.097  1.00 37.85 ? 8   ARG A NE  1 
ATOM   45  C CZ  . ARG A 1 8  ? 6.747   -11.467 -8.703  1.00 55.33 ? 8   ARG A CZ  1 
ATOM   46  N NH1 . ARG A 1 8  ? 7.080   -11.427 -7.412  1.00 61.61 ? 8   ARG A NH1 1 
ATOM   47  N NH2 . ARG A 1 8  ? 7.699   -11.336 -9.623  1.00 67.18 ? 8   ARG A NH2 1 
ATOM   48  N N   . ASP A 1 9  ? 0.713   -8.127  -11.555 1.00 13.22 ? 9   ASP A N   1 
ATOM   49  C CA  . ASP A 1 9  ? 0.006   -7.889  -12.812 1.00 11.23 ? 9   ASP A CA  1 
ATOM   50  C C   . ASP A 1 9  ? 0.203   -6.495  -13.376 1.00 12.77 ? 9   ASP A C   1 
ATOM   51  O O   . ASP A 1 9  ? -0.579  -6.044  -14.189 1.00 13.13 ? 9   ASP A O   1 
ATOM   52  C CB  . ASP A 1 9  ? -1.476  -8.134  -12.605 1.00 13.08 ? 9   ASP A CB  1 
ATOM   53  C CG  . ASP A 1 9  ? -2.105  -7.196  -11.563 1.00 12.96 ? 9   ASP A CG  1 
ATOM   54  O OD1 . ASP A 1 9  ? -3.303  -7.373  -11.227 1.00 16.01 ? 9   ASP A OD1 1 
ATOM   55  O OD2 . ASP A 1 9  ? -1.399  -6.267  -11.094 1.00 13.43 ? 9   ASP A OD2 1 
ATOM   56  N N   . GLY A 1 10 ? 1.256   -5.808  -12.964 1.00 11.54 ? 10  GLY A N   1 
ATOM   57  C CA  . GLY A 1 10 ? 1.572   -4.473  -13.489 1.00 13.75 ? 10  GLY A CA  1 
ATOM   58  C C   . GLY A 1 10 ? 0.784   -3.345  -12.838 1.00 12.23 ? 10  GLY A C   1 
ATOM   59  O O   . GLY A 1 10 ? 0.817   -2.185  -13.295 1.00 15.96 ? 10  GLY A O   1 
ATOM   60  N N   . GLN A 1 11 ? -0.019  -3.695  -11.840 1.00 12.53 ? 11  GLN A N   1 
ATOM   61  C CA  . GLN A 1 11 ? -0.858  -2.725  -11.133 1.00 10.47 ? 11  GLN A CA  1 
ATOM   62  C C   . GLN A 1 11 ? -0.462  -2.581  -9.657  1.00 9.74  ? 11  GLN A C   1 
ATOM   63  O O   . GLN A 1 11 ? -0.021  -3.522  -9.029  1.00 10.23 ? 11  GLN A O   1 
ATOM   64  C CB  . GLN A 1 11 ? -2.340  -3.036  -11.204 1.00 12.17 ? 11  GLN A CB  1 
ATOM   65  C CG  . GLN A 1 11 ? -2.880  -3.038  -12.621 1.00 15.91 ? 11  GLN A CG  1 
ATOM   66  C CD  . GLN A 1 11 ? -3.091  -1.610  -13.116 1.00 25.69 ? 11  GLN A CD  1 
ATOM   67  O OE1 . GLN A 1 11 ? -3.269  -0.663  -12.315 1.00 29.44 ? 11  GLN A OE1 1 
ATOM   68  N NE2 . GLN A 1 11 ? -3.065  -1.436  -14.427 1.00 32.74 ? 11  GLN A NE2 1 
ATOM   69  N N   . ALA A 1 12 ? -0.581  -1.368  -9.133  1.00 8.39  ? 12  ALA A N   1 
ATOM   70  C CA  . ALA A 1 12 ? -0.322  -1.083  -7.727  1.00 8.17  ? 12  ALA A CA  1 
ATOM   71  C C   . ALA A 1 12 ? -1.503  -1.399  -6.841  1.00 8.67  ? 12  ALA A C   1 
ATOM   72  O O   . ALA A 1 12 ? -2.689  -1.114  -7.206  1.00 8.97  ? 12  ALA A O   1 
ATOM   73  C CB  . ALA A 1 12 ? -0.008  0.356   -7.527  1.00 10.32 ? 12  ALA A CB  1 
ATOM   74  N N   . TYR A 1 13 ? -1.234  -1.913  -5.659  1.00 9.41  ? 13  TYR A N   1 
ATOM   75  C CA  . TYR A 1 13 ? -2.255  -2.275  -4.679  1.00 8.45  ? 13  TYR A CA  1 
ATOM   76  C C   . TYR A 1 13 ? -1.979  -1.638  -3.314  1.00 8.18  ? 13  TYR A C   1 
ATOM   77  O O   . TYR A 1 13 ? -0.845  -1.401  -2.887  1.00 8.43  ? 13  TYR A O   1 
ATOM   78  C CB  . TYR A 1 13 ? -2.299  -3.769  -4.499  1.00 7.76  ? 13  TYR A CB  1 
ATOM   79  C CG  . TYR A 1 13 ? -2.850  -4.499  -5.724  1.00 8.36  ? 13  TYR A CG  1 
ATOM   80  C CD1 . TYR A 1 13 ? -2.022  -4.794  -6.799  1.00 9.14  ? 13  TYR A CD1 1 
ATOM   81  C CD2 . TYR A 1 13 ? -4.207  -4.818  -5.851  1.00 8.76  ? 13  TYR A CD2 1 
ATOM   82  C CE1 . TYR A 1 13 ? -2.523  -5.422  -7.934  1.00 9.61  ? 13  TYR A CE1 1 
ATOM   83  C CE2 . TYR A 1 13 ? -4.724  -5.436  -6.980  1.00 10.11 ? 13  TYR A CE2 1 
ATOM   84  C CZ  . TYR A 1 13 ? -3.875  -5.745  -8.035  1.00 9.40  ? 13  TYR A CZ  1 
ATOM   85  O OH  . TYR A 1 13 ? -4.398  -6.371  -9.146  1.00 11.94 ? 13  TYR A OH  1 
ATOM   86  N N   . VAL A 1 14 ? -3.068  -1.363  -2.614  1.00 8.57  ? 14  VAL A N   1 
ATOM   87  C CA  . VAL A 1 14 ? -3.052  -0.932  -1.229  1.00 8.34  ? 14  VAL A CA  1 
ATOM   88  C C   . VAL A 1 14 ? -3.805  -1.945  -0.343  1.00 7.21  ? 14  VAL A C   1 
ATOM   89  O O   . VAL A 1 14 ? -4.497  -2.782  -0.872  1.00 7.91  ? 14  VAL A O   1 
ATOM   90  C CB  . VAL A 1 14 ? -3.629  0.514   -1.078  1.00 8.72  ? 14  VAL A CB  1 
ATOM   91  C CG1 . VAL A 1 14 ? -2.795  1.539   -1.830  1.00 12.38 ? 14  VAL A CG1 1 
ATOM   92  C CG2 . VAL A 1 14 ? -5.068  0.556   -1.534  1.00 10.24 ? 14  VAL A CG2 1 
ATOM   93  N N   . ARG A 1 15 ? -3.630  -1.857  0.970   1.00 8.35  ? 15  ARG A N   1 
ATOM   94  C CA  . ARG A 1 15 ? -4.181  -2.871  1.867   1.00 9.22  ? 15  ARG A CA  1 
ATOM   95  C C   . ARG A 1 15 ? -5.440  -2.330  2.554   1.00 9.42  ? 15  ARG A C   1 
ATOM   96  O O   . ARG A 1 15 ? -5.408  -1.217  3.141   1.00 8.91  ? 15  ARG A O   1 
ATOM   97  C CB  . ARG A 1 15 ? -3.109  -3.249  2.887   1.00 9.83  ? 15  ARG A CB  1 
ATOM   98  C CG  . ARG A 1 15 ? -3.442  -4.489  3.702   1.00 9.61  ? 15  ARG A CG  1 
ATOM   99  C CD  . ARG A 1 15 ? -3.434  -5.727  2.839   1.00 10.34 ? 15  ARG A CD  1 
ATOM   100 N NE  . ARG A 1 15 ? -3.751  -6.905  3.603   1.00 9.56  ? 15  ARG A NE  1 
ATOM   101 C CZ  . ARG A 1 15 ? -3.952  -8.094  3.045   1.00 10.97 ? 15  ARG A CZ  1 
ATOM   102 N NH1 . ARG A 1 15 ? -3.802  -8.239  1.742   1.00 12.16 ? 15  ARG A NH1 1 
ATOM   103 N NH2 . ARG A 1 15 ? -4.217  -9.145  3.779   1.00 11.91 ? 15  ARG A NH2 1 
ATOM   104 N N   . LYS A 1 16 ? -6.528  -3.069  2.454   1.00 9.85  ? 16  LYS A N   1 
ATOM   105 C CA  . LYS A 1 16 ? -7.797  -2.591  2.981   1.00 9.77  ? 16  LYS A CA  1 
ATOM   106 C C   . LYS A 1 16 ? -8.615  -3.785  3.337   1.00 10.56 ? 16  LYS A C   1 
ATOM   107 O O   . LYS A 1 16 ? -8.751  -4.675  2.536   1.00 12.08 ? 16  LYS A O   1 
ATOM   108 C CB  . LYS A 1 16 ? -8.513  -1.724  1.931   1.00 11.83 ? 16  LYS A CB  1 
ATOM   109 C CG  . LYS A 1 16 ? -9.928  -1.270  2.291   1.00 14.81 ? 16  LYS A CG  1 
ATOM   110 C CD  . LYS A 1 16 ? -10.479 -0.417  1.164   1.00 17.25 ? 16  LYS A CD  1 
ATOM   111 C CE  . LYS A 1 16 ? -11.778 0.290   1.476   1.00 24.55 ? 16  LYS A CE  1 
ATOM   112 N NZ  . LYS A 1 16 ? -12.882 -0.677  1.361   1.00 25.96 ? 16  LYS A NZ  1 
ATOM   113 N N   . ASP A 1 17 ? -9.235  -3.785  4.519   1.00 11.86 ? 17  ASP A N   1 
ATOM   114 C CA  . ASP A 1 17 ? -10.187 -4.878  4.875   1.00 13.37 ? 17  ASP A CA  1 
ATOM   115 C C   . ASP A 1 17 ? -9.534  -6.267  4.778   1.00 12.96 ? 17  ASP A C   1 
ATOM   116 O O   . ASP A 1 17 ? -10.191 -7.219  4.393   1.00 13.44 ? 17  ASP A O   1 
ATOM   117 C CB  . ASP A 1 17 ? -11.473 -4.861  3.968   1.00 15.08 ? 17  ASP A CB  1 
ATOM   118 C CG  . ASP A 1 17 ? -12.282 -3.583  4.088   1.00 20.25 ? 17  ASP A CG  1 
ATOM   119 O OD1 . ASP A 1 17 ? -12.298 -2.997  5.170   1.00 21.51 ? 17  ASP A OD1 1 
ATOM   120 O OD2 . ASP A 1 17 ? -12.933 -3.183  3.087   1.00 31.82 ? 17  ASP A OD2 1 
ATOM   121 N N   . GLY A 1 18 ? -8.211  -6.362  5.002   1.00 11.42 ? 18  GLY A N   1 
ATOM   122 C CA  . GLY A 1 18 ? -7.520  -7.674  4.881   1.00 11.80 ? 18  GLY A CA  1 
ATOM   123 C C   . GLY A 1 18 ? -7.424  -8.216  3.464   1.00 11.07 ? 18  GLY A C   1 
ATOM   124 O O   . GLY A 1 18 ? -7.298  -9.388  3.260   1.00 12.69 ? 18  GLY A O   1 
ATOM   125 N N   . GLU A 1 19 ? -7.395  -7.301  2.507   1.00 11.68 ? 19  GLU A N   1 
ATOM   126 C CA  . GLU A 1 19 ? -7.333  -7.556  1.093   1.00 11.59 ? 19  GLU A CA  1 
ATOM   127 C C   . GLU A 1 19 ? -6.419  -6.577  0.412   1.00 10.40 ? 19  GLU A C   1 
ATOM   128 O O   . GLU A 1 19 ? -6.149  -5.504  0.931   1.00 11.13 ? 19  GLU A O   1 
ATOM   129 C CB  . GLU A 1 19 ? -8.730  -7.382  0.471   1.00 12.26 ? 19  GLU A CB  1 
ATOM   130 C CG  . GLU A 1 19 ? -9.828  -8.175  1.136   1.00 16.47 ? 19  GLU A CG  1 
ATOM   131 C CD  . GLU A 1 19 ? -11.161 -7.943  0.472   1.00 24.75 ? 19  GLU A CD  1 
ATOM   132 O OE1 . GLU A 1 19 ? -11.361 -6.802  -0.004  1.00 27.07 ? 19  GLU A OE1 1 
ATOM   133 O OE2 . GLU A 1 19 ? -11.988 -8.892  0.445   1.00 29.83 ? 19  GLU A OE2 1 
ATOM   134 N N   . TRP A 1 20 ? -5.945  -6.946  -0.759  1.00 9.38  ? 20  TRP A N   1 
ATOM   135 C CA  . TRP A 1 20 ? -5.277  -6.036  -1.668  1.00 9.14  ? 20  TRP A CA  1 
ATOM   136 C C   . TRP A 1 20 ? -6.288  -5.473  -2.632  1.00 8.46  ? 20  TRP A C   1 
ATOM   137 O O   . TRP A 1 20 ? -6.941  -6.215  -3.366  1.00 10.42 ? 20  TRP A O   1 
ATOM   138 C CB  . TRP A 1 20 ? -4.147  -6.764  -2.404  1.00 10.45 ? 20  TRP A CB  1 
ATOM   139 C CG  . TRP A 1 20 ? -3.033  -7.209  -1.552  1.00 9.74  ? 20  TRP A CG  1 
ATOM   140 C CD1 . TRP A 1 20 ? -2.652  -8.503  -1.265  1.00 10.53 ? 20  TRP A CD1 1 
ATOM   141 C CD2 . TRP A 1 20 ? -2.079  -6.361  -0.954  1.00 10.66 ? 20  TRP A CD2 1 
ATOM   142 N NE1 . TRP A 1 20 ? -1.521  -8.465  -0.513  1.00 11.60 ? 20  TRP A NE1 1 
ATOM   143 C CE2 . TRP A 1 20 ? -1.133  -7.163  -0.324  1.00 10.78 ? 20  TRP A CE2 1 
ATOM   144 C CE3 . TRP A 1 20 ? -1.904  -4.978  -0.958  1.00 10.22 ? 20  TRP A CE3 1 
ATOM   145 C CZ2 . TRP A 1 20 ? -0.072  -6.636  0.352   1.00 12.45 ? 20  TRP A CZ2 1 
ATOM   146 C CZ3 . TRP A 1 20 ? -0.877  -4.448  -0.275  1.00 11.46 ? 20  TRP A CZ3 1 
ATOM   147 C CH2 . TRP A 1 20 ? 0.064   -5.288  0.348   1.00 12.48 ? 20  TRP A CH2 1 
ATOM   148 N N   . VAL A 1 21 ? -6.344  -4.156  -2.721  1.00 7.45  ? 21  VAL A N   1 
ATOM   149 C CA  . VAL A 1 21 ? -7.277  -3.404  -3.532  1.00 9.30  ? 21  VAL A CA  1 
ATOM   150 C C   . VAL A 1 21 ? -6.487  -2.494  -4.443  1.00 8.54  ? 21  VAL A C   1 
ATOM   151 O O   . VAL A 1 21 ? -5.506  -1.903  -4.009  1.00 9.52  ? 21  VAL A O   1 
ATOM   152 C CB  . VAL A 1 21 ? -8.301  -2.639  -2.672  1.00 10.12 ? 21  VAL A CB  1 
ATOM   153 C CG1 . VAL A 1 21 ? -9.317  -1.805  -3.467  1.00 12.81 ? 21  VAL A CG1 1 
ATOM   154 C CG2 . VAL A 1 21 ? -9.037  -3.518  -1.651  1.00 11.09 ? 21  VAL A CG2 1 
ATOM   155 N N   . LEU A 1 22 ? -6.924  -2.398  -5.699  1.00 7.77  ? 22  LEU A N   1 
ATOM   156 C CA  . LEU A 1 22 ? -6.242  -1.483  -6.635  1.00 8.11  ? 22  LEU A CA  1 
ATOM   157 C C   . LEU A 1 22 ? -6.074  -0.054  -6.143  1.00 8.71  ? 22  LEU A C   1 
ATOM   158 O O   . LEU A 1 22 ? -7.042  0.570   -5.763  1.00 10.30 ? 22  LEU A O   1 
ATOM   159 C CB  . LEU A 1 22 ? -6.938  -1.470  -7.971  1.00 9.29  ? 22  LEU A CB  1 
ATOM   160 C CG  . LEU A 1 22 ? -6.868  -2.741  -8.812  1.00 10.25 ? 22  LEU A CG  1 
ATOM   161 C CD1 . LEU A 1 22 ? -7.882  -2.753  -9.928  1.00 11.74 ? 22  LEU A CD1 1 
ATOM   162 C CD2 . LEU A 1 22 ? -5.462  -2.845  -9.416  1.00 10.70 ? 22  LEU A CD2 1 
ATOM   163 N N   . LEU A 1 23 ? -4.881  0.490   -6.238  1.00 9.13  ? 23  LEU A N   1 
ATOM   164 C CA  . LEU A 1 23 ? -4.693  1.899   -5.913  1.00 8.47  ? 23  LEU A CA  1 
ATOM   165 C C   . LEU A 1 23 ? -5.515  2.799   -6.834  1.00 10.08 ? 23  LEU A C   1 
ATOM   166 O O   . LEU A 1 23 ? -6.031  3.829   -6.433  1.00 10.93 ? 23  LEU A O   1 
ATOM   167 C CB  . LEU A 1 23 ? -3.190  2.244   -5.981  1.00 8.60  ? 23  LEU A CB  1 
ATOM   168 C CG  . LEU A 1 23 ? -2.830  3.690   -5.892  1.00 9.73  ? 23  LEU A CG  1 
ATOM   169 C CD1 . LEU A 1 23 ? -3.179  4.206   -4.545  1.00 11.79 ? 23  LEU A CD1 1 
ATOM   170 C CD2 . LEU A 1 23 ? -1.357  3.845   -6.166  1.00 10.78 ? 23  LEU A CD2 1 
ATOM   171 N N   . SER A 1 24 ? -5.585  2.436   -8.110  1.00 11.65 ? 24  SER A N   1 
ATOM   172 C CA  . SER A 1 24 ? -6.266  3.263   -9.083  1.00 13.92 ? 24  SER A CA  1 
ATOM   173 C C   . SER A 1 24 ? -7.708  3.572   -8.687  1.00 13.64 ? 24  SER A C   1 
ATOM   174 O O   . SER A 1 24 ? -8.238  4.616   -9.052  1.00 16.15 ? 24  SER A O   1 
ATOM   175 C CB  . SER A 1 24 ? -6.226  2.614   -10.463 1.00 16.33 ? 24  SER A CB  1 
ATOM   176 O OG  . SER A 1 24 ? -6.865  1.336   -10.485 1.00 16.77 ? 24  SER A OG  1 
ATOM   177 N N   . THR A 1 25 ? -8.360  2.723   -7.923  1.00 13.56 ? 25  THR A N   1 
ATOM   178 C CA  . THR A 1 25 ? -9.733  2.967   -7.523  1.00 15.10 ? 25  THR A CA  1 
ATOM   179 C C   . THR A 1 25 ? -9.886  4.230   -6.696  1.00 15.11 ? 25  THR A C   1 
ATOM   180 O O   . THR A 1 25 ? -10.932 4.899   -6.715  1.00 17.72 ? 25  THR A O   1 
ATOM   181 C CB  . THR A 1 25 ? -10.207 1.730   -6.756  1.00 19.83 ? 25  THR A CB  1 
ATOM   182 O OG1 . THR A 1 25 ? -10.144 0.599   -7.651  1.00 25.93 ? 25  THR A OG1 1 
ATOM   183 C CG2 . THR A 1 25 ? -11.616 1.903   -6.215  1.00 19.99 ? 25  THR A CG2 1 
ATOM   184 N N   . PHE A 1 26 ? -8.865  4.523   -5.933  1.00 11.96 ? 26  PHE A N   1 
ATOM   185 C CA  . PHE A 1 26 ? -8.826  5.690   -5.036  1.00 12.18 ? 26  PHE A CA  1 
ATOM   186 C C   . PHE A 1 26 ? -8.269  6.940   -5.699  1.00 14.21 ? 26  PHE A C   1 
ATOM   187 O O   . PHE A 1 26 ? -8.439  8.013   -5.175  1.00 18.64 ? 26  PHE A O   1 
ATOM   188 C CB  . PHE A 1 26 ? -7.973  5.383   -3.793  1.00 13.72 ? 26  PHE A CB  1 
ATOM   189 C CG  . PHE A 1 26 ? -8.449  4.193   -3.025  1.00 13.85 ? 26  PHE A CG  1 
ATOM   190 C CD1 . PHE A 1 26 ? -7.934  2.937   -3.259  1.00 13.53 ? 26  PHE A CD1 1 
ATOM   191 C CD2 . PHE A 1 26 ? -9.482  4.306   -2.126  1.00 17.30 ? 26  PHE A CD2 1 
ATOM   192 C CE1 . PHE A 1 26 ? -8.380  1.821   -2.570  1.00 15.37 ? 26  PHE A CE1 1 
ATOM   193 C CE2 . PHE A 1 26 ? -9.940  3.200   -1.431  1.00 20.66 ? 26  PHE A CE2 1 
ATOM   194 C CZ  . PHE A 1 26 ? -9.415  1.939   -1.678  1.00 16.11 ? 26  PHE A CZ  1 
ATOM   195 N N   . LEU A 1 27 ? -7.560  6.811   -6.803  1.00 15.46 ? 27  LEU A N   1 
ATOM   196 C CA  . LEU A 1 27 ? -7.040  7.970   -7.488  1.00 15.60 ? 27  LEU A CA  1 
ATOM   197 C C   . LEU A 1 27 ? -8.021  8.477   -8.489  1.00 20.08 ? 27  LEU A C   1 
ATOM   198 O O   . LEU A 1 27 ? -8.893  7.745   -9.026  1.00 21.18 ? 27  LEU A O   1 
ATOM   199 C CB  . LEU A 1 27 ? -5.752  7.638   -8.228  1.00 16.35 ? 27  LEU A CB  1 
ATOM   200 C CG  . LEU A 1 27 ? -4.698  6.942   -7.403  1.00 19.33 ? 27  LEU A CG  1 
ATOM   201 C CD1 . LEU A 1 27 ? -3.482  6.741   -8.265  1.00 24.08 ? 27  LEU A CD1 1 
ATOM   202 C CD2 . LEU A 1 27 ? -4.387  7.726   -6.151  1.00 24.80 ? 27  LEU A CD2 1 
ATOM   203 N N   . PRO B 1 4  ? 8.076   -9.022  2.684   1.00 23.28 ? 4   PRO B N   1 
ATOM   204 C CA  . PRO B 1 4  ? 9.071   -8.326  3.485   1.00 20.16 ? 4   PRO B CA  1 
ATOM   205 C C   . PRO B 1 4  ? 8.775   -6.823  3.635   1.00 16.34 ? 4   PRO B C   1 
ATOM   206 O O   . PRO B 1 4  ? 8.009   -6.244  2.875   1.00 19.33 ? 4   PRO B O   1 
ATOM   207 C CB  . PRO B 1 4  ? 10.381  -8.536  2.719   1.00 27.50 ? 4   PRO B CB  1 
ATOM   208 C CG  . PRO B 1 4  ? 10.053  -9.285  1.470   1.00 30.09 ? 4   PRO B CG  1 
ATOM   209 C CD  . PRO B 1 4  ? 8.678   -9.839  1.612   1.00 27.30 ? 4   PRO B CD  1 
ATOM   210 N N   . GLU B 1 5  ? 9.396   -6.194  4.629   1.00 13.08 ? 5   GLU B N   1 
ATOM   211 C CA  . GLU B 1 5  ? 9.209   -4.772  4.941   1.00 11.15 ? 5   GLU B CA  1 
ATOM   212 C C   . GLU B 1 5  ? 9.578   -3.873  3.771   1.00 10.32 ? 5   GLU B C   1 
ATOM   213 O O   . GLU B 1 5  ? 10.437  -4.181  2.962   1.00 12.80 ? 5   GLU B O   1 
ATOM   214 C CB  . GLU B 1 5  ? 10.073  -4.416  6.176   1.00 11.51 ? 5   GLU B CB  1 
ATOM   215 C CG  . GLU B 1 5  ? 9.879   -3.037  6.796   1.00 13.93 ? 5   GLU B CG  1 
ATOM   216 C CD  . GLU B 1 5  ? 8.432   -2.774  7.178   1.00 16.41 ? 5   GLU B CD  1 
ATOM   217 O OE1 . GLU B 1 5  ? 8.013   -3.165  8.299   1.00 19.10 ? 5   GLU B OE1 1 
ATOM   218 O OE2 . GLU B 1 5  ? 7.718   -2.165  6.359   1.00 13.78 ? 5   GLU B OE2 1 
ATOM   219 N N   . ALA B 1 6  ? 8.873   -2.749  3.689   1.00 9.05  ? 6   ALA B N   1 
ATOM   220 C CA  . ALA B 1 6  ? 9.167   -1.678  2.743   1.00 10.31 ? 6   ALA B CA  1 
ATOM   221 C C   . ALA B 1 6  ? 10.383  -0.902  3.259   1.00 9.95  ? 6   ALA B C   1 
ATOM   222 O O   . ALA B 1 6  ? 10.718  -0.953  4.432   1.00 10.37 ? 6   ALA B O   1 
ATOM   223 C CB  . ALA B 1 6  ? 7.924   -0.755  2.646   1.00 9.27  ? 6   ALA B CB  1 
ATOM   224 N N   . PRO B 1 7  ? 11.013  -0.109  2.398   1.00 9.44  ? 7   PRO B N   1 
ATOM   225 C CA  . PRO B 1 7  ? 12.022  0.787   2.932   1.00 11.19 ? 7   PRO B CA  1 
ATOM   226 C C   . PRO B 1 7  ? 11.486  1.639   4.071   1.00 10.26 ? 7   PRO B C   1 
ATOM   227 O O   . PRO B 1 7  ? 10.308  1.991   4.105   1.00 10.74 ? 7   PRO B O   1 
ATOM   228 C CB  . PRO B 1 7  ? 12.418  1.660   1.722   1.00 11.04 ? 7   PRO B CB  1 
ATOM   229 C CG  . PRO B 1 7  ? 12.102  0.778   0.577   1.00 11.84 ? 7   PRO B CG  1 
ATOM   230 C CD  . PRO B 1 7  ? 10.809  0.089   0.965   1.00 10.89 ? 7   PRO B CD  1 
ATOM   231 N N   . ARG B 1 8  ? 12.375  1.974   5.009   1.00 11.54 ? 8   ARG B N   1 
ATOM   232 C CA  . ARG B 1 8  ? 12.057  2.756   6.175   1.00 13.81 ? 8   ARG B CA  1 
ATOM   233 C C   . ARG B 1 8  ? 12.815  4.071   5.963   1.00 13.90 ? 8   ARG B C   1 
ATOM   234 O O   . ARG B 1 8  ? 13.926  4.287   6.458   1.00 13.23 ? 8   ARG B O   1 
ATOM   235 C CB  . ARG B 1 8  ? 12.475  2.038   7.459   1.00 15.30 ? 8   ARG B CB  1 
ATOM   236 C CG  . ARG B 1 8  ? 11.586  0.853   7.813   1.00 17.14 ? 8   ARG B CG  1 
ATOM   237 C CD  . ARG B 1 8  ? 12.087  0.211   9.105   1.00 28.10 ? 8   ARG B CD  1 
ATOM   238 N NE  . ARG B 1 8  ? 11.392  -1.021  9.434   1.00 34.45 ? 8   ARG B NE  1 
ATOM   239 C CZ  . ARG B 1 8  ? 10.812  -1.289  10.604  1.00 44.93 ? 8   ARG B CZ  1 
ATOM   240 N NH1 . ARG B 1 8  ? 10.838  -0.425  11.632  1.00 40.07 ? 8   ARG B NH1 1 
ATOM   241 N NH2 . ARG B 1 8  ? 10.213  -2.459  10.753  1.00 47.03 ? 8   ARG B NH2 1 
ATOM   242 N N   . ASP B 1 9  ? 12.174  5.019   5.311   1.00 13.70 ? 9   ASP B N   1 
ATOM   243 C CA  . ASP B 1 9  ? 12.874  6.243   4.870   1.00 13.13 ? 9   ASP B CA  1 
ATOM   244 C C   . ASP B 1 9  ? 12.000  7.483   4.819   1.00 12.54 ? 9   ASP B C   1 
ATOM   245 O O   . ASP B 1 9  ? 12.315  8.442   4.134   1.00 12.02 ? 9   ASP B O   1 
ATOM   246 C CB  . ASP B 1 9  ? 13.479  6.012   3.488   1.00 12.97 ? 9   ASP B CB  1 
ATOM   247 C CG  . ASP B 1 9  ? 12.421  5.642   2.416   1.00 11.87 ? 9   ASP B CG  1 
ATOM   248 O OD1 . ASP B 1 9  ? 12.802  5.282   1.291   1.00 15.59 ? 9   ASP B OD1 1 
ATOM   249 O OD2 . ASP B 1 9  ? 11.216  5.775   2.700   1.00 13.11 ? 9   ASP B OD2 1 
ATOM   250 N N   . GLY B 1 10 ? 10.885  7.497   5.526   1.00 11.85 ? 10  GLY B N   1 
ATOM   251 C CA  . GLY B 1 10 ? 10.026  8.680   5.564   1.00 13.43 ? 10  GLY B CA  1 
ATOM   252 C C   . GLY B 1 10 ? 9.058   8.792   4.400   1.00 11.52 ? 10  GLY B C   1 
ATOM   253 O O   . GLY B 1 10 ? 8.379   9.820   4.251   1.00 14.82 ? 10  GLY B O   1 
ATOM   254 N N   . GLN B 1 11 ? 9.082   7.799   3.500   1.00 12.12 ? 11  GLN B N   1 
ATOM   255 C CA  . GLN B 1 11 ? 8.249   7.756   2.297   1.00 11.69 ? 11  GLN B CA  1 
ATOM   256 C C   . GLN B 1 11 ? 7.264   6.580   2.305   1.00 9.85  ? 11  GLN B C   1 
ATOM   257 O O   . GLN B 1 11 ? 7.516   5.503   2.849   1.00 10.03 ? 11  GLN B O   1 
ATOM   258 C CB  . GLN B 1 11 ? 9.106   7.690   1.032   1.00 13.47 ? 11  GLN B CB  1 
ATOM   259 C CG  . GLN B 1 11 ? 10.248  8.700   1.005   1.00 18.82 ? 11  GLN B CG  1 
ATOM   260 C CD  . GLN B 1 11 ? 10.056  9.756   -0.009  1.00 31.66 ? 11  GLN B CD  1 
ATOM   261 O OE1 . GLN B 1 11 ? 10.636  9.693   -1.091  1.00 42.90 ? 11  GLN B OE1 1 
ATOM   262 N NE2 . GLN B 1 11 ? 9.237   10.741  0.311   1.00 34.64 ? 11  GLN B NE2 1 
ATOM   263 N N   . ALA B 1 12 ? 6.079   6.782   1.724   1.00 9.59  ? 12  ALA B N   1 
ATOM   264 C CA  . ALA B 1 12 ? 5.045   5.781   1.590   1.00 8.99  ? 12  ALA B CA  1 
ATOM   265 C C   . ALA B 1 12 ? 5.215   4.940   0.354   1.00 7.96  ? 12  ALA B C   1 
ATOM   266 O O   . ALA B 1 12 ? 5.604   5.444   -0.720  1.00 8.58  ? 12  ALA B O   1 
ATOM   267 C CB  . ALA B 1 12 ? 3.698   6.449   1.553   1.00 9.82  ? 12  ALA B CB  1 
ATOM   268 N N   . TYR B 1 13 ? 4.949   3.652   0.514   1.00 8.13  ? 13  TYR B N   1 
ATOM   269 C CA  . TYR B 1 13 ? 5.040   2.656   -0.527  1.00 8.45  ? 13  TYR B CA  1 
ATOM   270 C C   . TYR B 1 13 ? 3.719   1.899   -0.720  1.00 6.98  ? 13  TYR B C   1 
ATOM   271 O O   . TYR B 1 13 ? 2.969   1.656   0.225   1.00 8.45  ? 13  TYR B O   1 
ATOM   272 C CB  . TYR B 1 13 ? 6.151   1.672   -0.218  1.00 8.65  ? 13  TYR B CB  1 
ATOM   273 C CG  . TYR B 1 13 ? 7.560   2.304   -0.256  1.00 8.32  ? 13  TYR B CG  1 
ATOM   274 C CD1 . TYR B 1 13 ? 8.079   3.003   0.817   1.00 8.12  ? 13  TYR B CD1 1 
ATOM   275 C CD2 . TYR B 1 13 ? 8.305   2.315   -1.423  1.00 9.55  ? 13  TYR B CD2 1 
ATOM   276 C CE1 . TYR B 1 13 ? 9.319   3.599   0.788   1.00 9.11  ? 13  TYR B CE1 1 
ATOM   277 C CE2 . TYR B 1 13 ? 9.542   2.901   -1.495  1.00 9.65  ? 13  TYR B CE2 1 
ATOM   278 C CZ  . TYR B 1 13 ? 10.048  3.577   -0.384  1.00 9.58  ? 13  TYR B CZ  1 
ATOM   279 O OH  . TYR B 1 13 ? 11.275  4.172   -0.478  1.00 13.21 ? 13  TYR B OH  1 
ATOM   280 N N   . VAL B 1 14 ? 3.522   1.501   -1.953  1.00 7.60  ? 14  VAL B N   1 
ATOM   281 C CA  . VAL B 1 14 ? 2.493   0.629   -2.418  1.00 8.44  ? 14  VAL B CA  1 
ATOM   282 C C   . VAL B 1 14 ? 3.104   -0.636  -3.005  1.00 8.88  ? 14  VAL B C   1 
ATOM   283 O O   . VAL B 1 14 ? 4.271   -0.669  -3.305  1.00 8.10  ? 14  VAL B O   1 
ATOM   284 C CB  . VAL B 1 14 ? 1.512   1.328   -3.380  1.00 9.92  ? 14  VAL B CB  1 
ATOM   285 C CG1 . VAL B 1 14 ? 0.857   2.529   -2.735  1.00 12.91 ? 14  VAL B CG1 1 
ATOM   286 C CG2 . VAL B 1 14 ? 2.210   1.732   -4.665  1.00 10.32 ? 14  VAL B CG2 1 
ATOM   287 N N   . ARG B 1 15 ? 2.304   -1.689  -3.137  1.00 8.96  ? 15  ARG B N   1 
ATOM   288 C CA  . ARG B 1 15 ? 2.790   -3.005  -3.611  1.00 9.02  ? 15  ARG B CA  1 
ATOM   289 C C   . ARG B 1 15 ? 2.430   -3.214  -5.068  1.00 8.11  ? 15  ARG B C   1 
ATOM   290 O O   . ARG B 1 15 ? 1.270   -3.113  -5.486  1.00 8.66  ? 15  ARG B O   1 
ATOM   291 C CB  . ARG B 1 15 ? 2.204   -4.126  -2.766  1.00 9.58  ? 15  ARG B CB  1 
ATOM   292 C CG  . ARG B 1 15 ? 2.888   -5.471  -2.881  1.00 10.87 ? 15  ARG B CG  1 
ATOM   293 C CD  . ARG B 1 15 ? 4.262   -5.428  -2.299  1.00 10.21 ? 15  ARG B CD  1 
ATOM   294 N NE  . ARG B 1 15 ? 4.890   -6.712  -2.450  1.00 10.80 ? 15  ARG B NE  1 
ATOM   295 C CZ  . ARG B 1 15 ? 6.170   -6.928  -2.219  1.00 11.11 ? 15  ARG B CZ  1 
ATOM   296 N NH1 . ARG B 1 15 ? 6.930   -5.949  -1.778  1.00 12.79 ? 15  ARG B NH1 1 
ATOM   297 N NH2 . ARG B 1 15 ? 6.657   -8.149  -2.350  1.00 11.38 ? 15  ARG B NH2 1 
ATOM   298 N N   . LYS B 1 16 ? 3.441   -3.524  -5.872  1.00 9.91  ? 16  LYS B N   1 
ATOM   299 C CA  . LYS B 1 16 ? 3.267   -3.648  -7.316  1.00 9.80  ? 16  LYS B CA  1 
ATOM   300 C C   . LYS B 1 16 ? 4.308   -4.615  -7.856  1.00 10.34 ? 16  LYS B C   1 
ATOM   301 O O   . LYS B 1 16 ? 5.466   -4.441  -7.524  1.00 11.33 ? 16  LYS B O   1 
ATOM   302 C CB  . LYS B 1 16 ? 3.414   -2.292  -7.986  1.00 10.95 ? 16  LYS B CB  1 
ATOM   303 C CG  . LYS B 1 16 ? 3.289   -2.301  -9.497  1.00 13.78 ? 16  LYS B CG  1 
ATOM   304 C CD  . LYS B 1 16 ? 3.366   -0.896  -10.018 1.00 15.46 ? 16  LYS B CD  1 
ATOM   305 C CE  . LYS B 1 16 ? 3.049   -0.720  -11.475 1.00 24.49 ? 16  LYS B CE  1 
ATOM   306 N NZ  . LYS B 1 16 ? 3.963   -1.534  -12.277 1.00 25.32 ? 16  LYS B NZ  1 
ATOM   307 N N   . ASP B 1 17 ? 3.912   -5.597  -8.683  1.00 11.37 ? 17  ASP B N   1 
ATOM   308 C CA  . ASP B 1 17 ? 4.897   -6.467  -9.349  1.00 13.96 ? 17  ASP B CA  1 
ATOM   309 C C   . ASP B 1 17 ? 5.817   -7.157  -8.342  1.00 12.81 ? 17  ASP B C   1 
ATOM   310 O O   . ASP B 1 17 ? 6.988   -7.404  -8.632  1.00 13.99 ? 17  ASP B O   1 
ATOM   311 C CB  . ASP B 1 17 ? 5.751   -5.685  -10.371 1.00 16.93 ? 17  ASP B CB  1 
ATOM   312 C CG  . ASP B 1 17 ? 4.949   -5.016  -11.465 1.00 20.82 ? 17  ASP B CG  1 
ATOM   313 O OD1 . ASP B 1 17 ? 4.036   -5.650  -12.007 1.00 20.50 ? 17  ASP B OD1 1 
ATOM   314 O OD2 . ASP B 1 17 ? 5.308   -3.865  -11.852 1.00 29.44 ? 17  ASP B OD2 1 
ATOM   315 N N   . GLY B 1 18 ? 5.314   -7.491  -7.155  1.00 11.42 ? 18  GLY B N   1 
ATOM   316 C CA  . GLY B 1 18 ? 6.181   -8.126  -6.123  1.00 13.43 ? 18  GLY B CA  1 
ATOM   317 C C   . GLY B 1 18 ? 7.239   -7.236  -5.510  1.00 12.10 ? 18  GLY B C   1 
ATOM   318 O O   . GLY B 1 18 ? 8.278   -7.693  -5.037  1.00 14.05 ? 18  GLY B O   1 
ATOM   319 N N   . GLU B 1 19 ? 7.015   -5.931  -5.586  1.00 10.41 ? 19  GLU B N   1 
ATOM   320 C CA  . GLU B 1 19 ? 7.940   -4.918  -5.111  1.00 11.43 ? 19  GLU B CA  1 
ATOM   321 C C   . GLU B 1 19 ? 7.208   -3.821  -4.387  1.00 9.55  ? 19  GLU B C   1 
ATOM   322 O O   . GLU B 1 19 ? 5.997   -3.648  -4.541  1.00 10.49 ? 19  GLU B O   1 
ATOM   323 C CB  . GLU B 1 19 ? 8.584   -4.251  -6.326  1.00 13.89 ? 19  GLU B CB  1 
ATOM   324 C CG  . GLU B 1 19 ? 9.234   -5.246  -7.281  1.00 16.67 ? 19  GLU B CG  1 
ATOM   325 C CD  . GLU B 1 19 ? 9.842   -4.582  -8.487  1.00 28.05 ? 19  GLU B CD  1 
ATOM   326 O OE1 . GLU B 1 19 ? 9.369   -3.479  -8.868  1.00 27.93 ? 19  GLU B OE1 1 
ATOM   327 O OE2 . GLU B 1 19 ? 10.792  -5.196  -9.040  1.00 32.05 ? 19  GLU B OE2 1 
ATOM   328 N N   . TRP B 1 20 ? 7.944   -3.094  -3.575  1.00 9.24  ? 20  TRP B N   1 
ATOM   329 C CA  . TRP B 1 20 ? 7.518   -1.815  -2.996  1.00 8.41  ? 20  TRP B CA  1 
ATOM   330 C C   . TRP B 1 20 ? 7.906   -0.652  -3.877  1.00 9.69  ? 20  TRP B C   1 
ATOM   331 O O   . TRP B 1 20 ? 9.081   -0.489  -4.175  1.00 11.04 ? 20  TRP B O   1 
ATOM   332 C CB  . TRP B 1 20 ? 8.095   -1.636  -1.608  1.00 8.52  ? 20  TRP B CB  1 
ATOM   333 C CG  . TRP B 1 20 ? 7.589   -2.616  -0.600  1.00 9.69  ? 20  TRP B CG  1 
ATOM   334 C CD1 . TRP B 1 20 ? 8.287   -3.635  0.031   1.00 11.02 ? 20  TRP B CD1 1 
ATOM   335 C CD2 . TRP B 1 20 ? 6.271   -2.627  -0.055  1.00 10.90 ? 20  TRP B CD2 1 
ATOM   336 N NE1 . TRP B 1 20 ? 7.470   -4.258  0.921   1.00 11.73 ? 20  TRP B NE1 1 
ATOM   337 C CE2 . TRP B 1 20 ? 6.213   -3.686  0.885   1.00 10.80 ? 20  TRP B CE2 1 
ATOM   338 C CE3 . TRP B 1 20 ? 5.111   -1.880  -0.305  1.00 10.49 ? 20  TRP B CE3 1 
ATOM   339 C CZ2 . TRP B 1 20 ? 5.053   -3.960  1.628   1.00 12.43 ? 20  TRP B CZ2 1 
ATOM   340 C CZ3 . TRP B 1 20 ? 3.972   -2.125  0.441   1.00 12.01 ? 20  TRP B CZ3 1 
ATOM   341 C CH2 . TRP B 1 20 ? 3.939   -3.212  1.352   1.00 12.76 ? 20  TRP B CH2 1 
ATOM   342 N N   . VAL B 1 21 ? 6.925   0.133   -4.283  1.00 8.30  ? 21  VAL B N   1 
ATOM   343 C CA  . VAL B 1 21 ? 7.112   1.247   -5.179  1.00 7.66  ? 21  VAL B CA  1 
ATOM   344 C C   . VAL B 1 21 ? 6.571   2.489   -4.505  1.00 8.94  ? 21  VAL B C   1 
ATOM   345 O O   . VAL B 1 21 ? 5.549   2.430   -3.823  1.00 8.77  ? 21  VAL B O   1 
ATOM   346 C CB  . VAL B 1 21 ? 6.403   0.967   -6.518  1.00 9.04  ? 21  VAL B CB  1 
ATOM   347 C CG1 . VAL B 1 21 ? 6.510   2.132   -7.476  1.00 11.92 ? 21  VAL B CG1 1 
ATOM   348 C CG2 . VAL B 1 21 ? 6.898   -0.337  -7.176  1.00 10.83 ? 21  VAL B CG2 1 
ATOM   349 N N   . LEU B 1 22 ? 7.241   3.628   -4.665  1.00 8.55  ? 22  LEU B N   1 
ATOM   350 C CA  . LEU B 1 22 ? 6.832   4.901   -4.061  1.00 8.57  ? 22  LEU B CA  1 
ATOM   351 C C   . LEU B 1 22 ? 5.372   5.284   -4.420  1.00 8.02  ? 22  LEU B C   1 
ATOM   352 O O   . LEU B 1 22 ? 5.005   5.290   -5.597  1.00 10.69 ? 22  LEU B O   1 
ATOM   353 C CB  . LEU B 1 22 ? 7.774   6.023   -4.448  1.00 10.08 ? 22  LEU B CB  1 
ATOM   354 C CG  . LEU B 1 22 ? 9.160   6.009   -3.827  1.00 11.90 ? 22  LEU B CG  1 
ATOM   355 C CD1 . LEU B 1 22 ? 10.082  6.928   -4.576  1.00 13.87 ? 22  LEU B CD1 1 
ATOM   356 C CD2 . LEU B 1 22 ? 9.112   6.376   -2.354  1.00 11.60 ? 22  LEU B CD2 1 
ATOM   357 N N   . LEU B 1 23 ? 4.562   5.573   -3.433  1.00 8.50  ? 23  LEU B N   1 
ATOM   358 C CA  . LEU B 1 23 ? 3.272   6.130   -3.671  1.00 8.35  ? 23  LEU B CA  1 
ATOM   359 C C   . LEU B 1 23 ? 3.325   7.443   -4.482  1.00 9.59  ? 23  LEU B C   1 
ATOM   360 O O   . LEU B 1 23 ? 2.462   7.653   -5.343  1.00 11.79 ? 23  LEU B O   1 
ATOM   361 C CB  . LEU B 1 23 ? 2.548   6.313   -2.331  1.00 8.16  ? 23  LEU B CB  1 
ATOM   362 C CG  . LEU B 1 23 ? 1.201   7.045   -2.419  1.00 9.21  ? 23  LEU B CG  1 
ATOM   363 C CD1 . LEU B 1 23 ? 0.192   6.258   -3.234  1.00 11.33 ? 23  LEU B CD1 1 
ATOM   364 C CD2 . LEU B 1 23 ? 0.708   7.311   -1.022  1.00 9.85  ? 23  LEU B CD2 1 
ATOM   365 N N   . SER B 1 24 ? 4.319   8.278   -4.216  1.00 11.31 ? 24  SER B N   1 
ATOM   366 C CA  . SER B 1 24 ? 4.362   9.575   -4.820  1.00 11.79 ? 24  SER B CA  1 
ATOM   367 C C   . SER B 1 24 ? 4.416   9.437   -6.357  1.00 13.80 ? 24  SER B C   1 
ATOM   368 O O   . SER B 1 24 ? 4.006   10.342  -7.061  1.00 17.85 ? 24  SER B O   1 
ATOM   369 C CB  . SER B 1 24 ? 5.575   10.338  -4.293  1.00 14.83 ? 24  SER B CB  1 
ATOM   370 O OG  . SER B 1 24 ? 6.796   9.681   -4.632  1.00 16.22 ? 24  SER B OG  1 
ATOM   371 N N   . THR B 1 25 ? 4.979   8.374   -6.902  1.00 12.31 ? 25  THR B N   1 
ATOM   372 C CA  . THR B 1 25 ? 5.001   8.195   -8.342  1.00 14.96 ? 25  THR B CA  1 
ATOM   373 C C   . THR B 1 25 ? 3.595   8.240   -8.994  1.00 14.59 ? 25  THR B C   1 
ATOM   374 O O   . THR B 1 25 ? 3.458   8.648   -10.147 1.00 17.44 ? 25  THR B O   1 
ATOM   375 C CB  . THR B 1 25 ? 5.770   6.899   -8.619  1.00 19.44 ? 25  THR B CB  1 
ATOM   376 O OG1 . THR B 1 25 ? 7.080   7.067   -8.035  1.00 22.14 ? 25  THR B OG1 1 
ATOM   377 C CG2 . THR B 1 25 ? 5.877   6.581   -10.124 1.00 22.06 ? 25  THR B CG2 1 
ATOM   378 N N   . PHE B 1 26 ? 2.577   7.785   -8.274  1.00 12.55 ? 26  PHE B N   1 
ATOM   379 C CA  . PHE B 1 26 ? 1.241   7.693   -8.777  1.00 12.91 ? 26  PHE B CA  1 
ATOM   380 C C   . PHE B 1 26 ? 0.418   8.915   -8.471  1.00 13.94 ? 26  PHE B C   1 
ATOM   381 O O   . PHE B 1 26 ? -0.659  9.073   -9.034  1.00 19.03 ? 26  PHE B O   1 
ATOM   382 C CB  . PHE B 1 26 ? 0.571   6.478   -8.134  1.00 13.59 ? 26  PHE B CB  1 
ATOM   383 C CG  . PHE B 1 26 ? 1.275   5.183   -8.428  1.00 14.98 ? 26  PHE B CG  1 
ATOM   384 C CD1 . PHE B 1 26 ? 2.177   4.659   -7.541  1.00 12.65 ? 26  PHE B CD1 1 
ATOM   385 C CD2 . PHE B 1 26 ? 1.036   4.489   -9.618  1.00 17.61 ? 26  PHE B CD2 1 
ATOM   386 C CE1 . PHE B 1 26 ? 2.853   3.497   -7.807  1.00 14.74 ? 26  PHE B CE1 1 
ATOM   387 C CE2 . PHE B 1 26 ? 1.682   3.294   -9.864  1.00 18.19 ? 26  PHE B CE2 1 
ATOM   388 C CZ  . PHE B 1 26 ? 2.612   2.815   -8.963  1.00 16.51 ? 26  PHE B CZ  1 
ATOM   389 N N   . LEU B 1 27 ? 0.864   9.739   -7.550  1.00 14.16 ? 27  LEU B N   1 
ATOM   390 C CA  . LEU B 1 27 ? 0.110   10.909  -7.200  1.00 15.45 ? 27  LEU B CA  1 
ATOM   391 C C   . LEU B 1 27 ? 0.561   12.041  -8.049  1.00 20.94 ? 27  LEU B C   1 
ATOM   392 O O   . LEU B 1 27 ? 1.708   12.075  -8.541  1.00 23.37 ? 27  LEU B O   1 
ATOM   393 C CB  . LEU B 1 27 ? 0.336   11.291  -5.743  1.00 15.35 ? 27  LEU B CB  1 
ATOM   394 C CG  . LEU B 1 27 ? 0.058   10.230  -4.701  1.00 19.23 ? 27  LEU B CG  1 
ATOM   395 C CD1 . LEU B 1 27 ? 0.378   10.780  -3.337  1.00 22.26 ? 27  LEU B CD1 1 
ATOM   396 C CD2 . LEU B 1 27 ? -1.355  9.720   -4.801  1.00 24.14 ? 27  LEU B CD2 1 
ATOM   397 N N   . PRO C 1 4  ? 3.004   -7.482  9.369   1.00 25.11 ? 4   PRO C N   1 
ATOM   398 C CA  . PRO C 1 4  ? 1.694   -7.762  9.943   1.00 22.06 ? 4   PRO C CA  1 
ATOM   399 C C   . PRO C 1 4  ? 0.537   -7.093  9.186   1.00 15.84 ? 4   PRO C C   1 
ATOM   400 O O   . PRO C 1 4  ? 0.758   -6.171  8.414   1.00 20.68 ? 4   PRO C O   1 
ATOM   401 C CB  . PRO C 1 4  ? 1.789   -7.215  11.370  1.00 30.21 ? 4   PRO C CB  1 
ATOM   402 C CG  . PRO C 1 4  ? 3.225   -7.086  11.669  1.00 33.16 ? 4   PRO C CG  1 
ATOM   403 C CD  . PRO C 1 4  ? 3.983   -7.036  10.377  1.00 31.14 ? 4   PRO C CD  1 
ATOM   404 N N   . GLU C 1 5  ? -0.687  -7.524  9.467   1.00 13.83 ? 5   GLU C N   1 
ATOM   405 C CA  . GLU C 1 5  ? -1.877  -7.032  8.811   1.00 12.99 ? 5   GLU C CA  1 
ATOM   406 C C   . GLU C 1 5  ? -2.109  -5.569  9.148   1.00 12.55 ? 5   GLU C C   1 
ATOM   407 O O   . GLU C 1 5  ? -1.728  -5.095  10.207  1.00 12.37 ? 5   GLU C O   1 
ATOM   408 C CB  . GLU C 1 5  ? -3.060  -7.894  9.259   1.00 12.85 ? 5   GLU C CB  1 
ATOM   409 C CG  . GLU C 1 5  ? -4.409  -7.604  8.595   1.00 12.97 ? 5   GLU C CG  1 
ATOM   410 C CD  . GLU C 1 5  ? -4.366  -7.695  7.090   1.00 14.61 ? 5   GLU C CD  1 
ATOM   411 O OE1 . GLU C 1 5  ? -4.565  -8.817  6.556   1.00 17.56 ? 5   GLU C OE1 1 
ATOM   412 O OE2 . GLU C 1 5  ? -4.147  -6.633  6.459   1.00 13.45 ? 5   GLU C OE2 1 
ATOM   413 N N   . ALA C 1 6  ? -2.728  -4.850  8.221   1.00 10.62 ? 6   ALA C N   1 
ATOM   414 C CA  . ALA C 1 6  ? -3.176  -3.486  8.443   1.00 10.17 ? 6   ALA C CA  1 
ATOM   415 C C   . ALA C 1 6  ? -4.483  -3.510  9.251   1.00 11.15 ? 6   ALA C C   1 
ATOM   416 O O   . ALA C 1 6  ? -5.162  -4.519  9.327   1.00 11.57 ? 6   ALA C O   1 
ATOM   417 C CB  . ALA C 1 6  ? -3.362  -2.808  7.081   1.00 11.51 ? 6   ALA C CB  1 
ATOM   418 N N   . PRO C 1 7  ? -4.860  -2.363  9.777   1.00 10.21 ? 7   PRO C N   1 
ATOM   419 C CA  . PRO C 1 7  ? -6.181  -2.339  10.403  1.00 10.93 ? 7   PRO C CA  1 
ATOM   420 C C   . PRO C 1 7  ? -7.288  -2.771  9.448   1.00 11.06 ? 7   PRO C C   1 
ATOM   421 O O   . PRO C 1 7  ? -7.159  -2.588  8.241   1.00 12.22 ? 7   PRO C O   1 
ATOM   422 C CB  . PRO C 1 7  ? -6.333  -0.879  10.805  1.00 12.45 ? 7   PRO C CB  1 
ATOM   423 C CG  . PRO C 1 7  ? -4.920  -0.436  11.034  1.00 12.96 ? 7   PRO C CG  1 
ATOM   424 C CD  . PRO C 1 7  ? -4.197  -1.048  9.865   1.00 12.13 ? 7   PRO C CD  1 
ATOM   425 N N   . ARG C 1 8  ? -8.338  -3.394  9.987   1.00 14.00 ? 8   ARG C N   1 
ATOM   426 C CA  . ARG C 1 8  ? -9.428  -3.897  9.183   1.00 14.17 ? 8   ARG C CA  1 
ATOM   427 C C   . ARG C 1 8  ? -10.637 -3.056  9.572   1.00 14.51 ? 8   ARG C C   1 
ATOM   428 O O   . ARG C 1 8  ? -11.376 -3.383  10.484  1.00 14.19 ? 8   ARG C O   1 
ATOM   429 C CB  . ARG C 1 8  ? -9.647  -5.396  9.441   1.00 15.06 ? 8   ARG C CB  1 
ATOM   430 C CG  . ARG C 1 8  ? -8.598  -6.321  8.787   1.00 16.43 ? 8   ARG C CG  1 
ATOM   431 C CD  . ARG C 1 8  ? -8.622  -7.742  9.302   1.00 25.08 ? 8   ARG C CD  1 
ATOM   432 N NE  . ARG C 1 8  ? -9.927  -8.136  9.837   1.00 35.64 ? 8   ARG C NE  1 
ATOM   433 C CZ  . ARG C 1 8  ? -10.975 -8.510  9.101   1.00 45.09 ? 8   ARG C CZ  1 
ATOM   434 N NH1 . ARG C 1 8  ? -10.905 -8.546  7.769   1.00 53.16 ? 8   ARG C NH1 1 
ATOM   435 N NH2 . ARG C 1 8  ? -12.105 -8.848  9.707   1.00 49.54 ? 8   ARG C NH2 1 
ATOM   436 N N   . ASP C 1 9  ? -10.818 -1.945  8.879   1.00 13.53 ? 9   ASP C N   1 
ATOM   437 C CA  . ASP C 1 9  ? -11.760 -0.922  9.319   1.00 13.29 ? 9   ASP C CA  1 
ATOM   438 C C   . ASP C 1 9  ? -12.387 -0.132  8.176   1.00 12.83 ? 9   ASP C C   1 
ATOM   439 O O   . ASP C 1 9  ? -12.888 0.966   8.368   1.00 12.13 ? 9   ASP C O   1 
ATOM   440 C CB  . ASP C 1 9  ? -11.034 0.030   10.251  1.00 12.41 ? 9   ASP C CB  1 
ATOM   441 C CG  . ASP C 1 9  ? -9.855  0.752   9.569   1.00 13.64 ? 9   ASP C CG  1 
ATOM   442 O OD1 . ASP C 1 9  ? -9.132  1.493   10.240  1.00 15.69 ? 9   ASP C OD1 1 
ATOM   443 O OD2 . ASP C 1 9  ? -9.731  0.627   8.342   1.00 13.62 ? 9   ASP C OD2 1 
ATOM   444 N N   . GLY C 1 10 ? -12.387 -0.687  6.974   1.00 13.60 ? 10  GLY C N   1 
ATOM   445 C CA  . GLY C 1 10 ? -12.996 -0.060  5.813   1.00 15.23 ? 10  GLY C CA  1 
ATOM   446 C C   . GLY C 1 10 ? -12.176 1.035   5.179   1.00 13.58 ? 10  GLY C C   1 
ATOM   447 O O   . GLY C 1 10 ? -12.684 1.765   4.302   1.00 17.02 ? 10  GLY C O   1 
ATOM   448 N N   . GLN C 1 11 ? -10.956 1.238   5.691   1.00 11.69 ? 11  GLN C N   1 
ATOM   449 C CA  . GLN C 1 11 ? -10.038 2.201   5.098   1.00 11.15 ? 11  GLN C CA  1 
ATOM   450 C C   . GLN C 1 11 ? -8.775  1.583   4.526   1.00 9.63  ? 11  GLN C C   1 
ATOM   451 O O   . GLN C 1 11 ? -8.327  0.512   4.951   1.00 10.33 ? 11  GLN C O   1 
ATOM   452 C CB  . GLN C 1 11 ? -9.593  3.230   6.132   1.00 12.97 ? 11  GLN C CB  1 
ATOM   453 C CG  . GLN C 1 11 ? -10.749 3.874   6.917   1.00 17.85 ? 11  GLN C CG  1 
ATOM   454 C CD  . GLN C 1 11 ? -10.356 5.117   7.692   1.00 26.00 ? 11  GLN C CD  1 
ATOM   455 O OE1 . GLN C 1 11 ? -10.174 5.086   8.911   1.00 40.52 ? 11  GLN C OE1 1 
ATOM   456 N NE2 . GLN C 1 11 ? -10.231 6.224   6.983   1.00 34.03 ? 11  GLN C NE2 1 
ATOM   457 N N   . ALA C 1 12 ? -8.257  2.199   3.469   1.00 9.38  ? 12  ALA C N   1 
ATOM   458 C CA  . ALA C 1 12 ? -7.046  1.776   2.805   1.00 8.43  ? 12  ALA C CA  1 
ATOM   459 C C   . ALA C 1 12 ? -5.801  2.305   3.460   1.00 7.07  ? 12  ALA C C   1 
ATOM   460 O O   . ALA C 1 12 ? -5.760  3.486   3.911   1.00 8.76  ? 12  ALA C O   1 
ATOM   461 C CB  . ALA C 1 12 ? -7.063  2.200   1.363   1.00 10.86 ? 12  ALA C CB  1 
ATOM   462 N N   . TYR C 1 13 ? -4.759  1.462   3.465   1.00 7.69  ? 13  TYR C N   1 
ATOM   463 C CA  . TYR C 1 13 ? -3.450  1.765   4.083   1.00 7.61  ? 13  TYR C CA  1 
ATOM   464 C C   . TYR C 1 13 ? -2.271  1.555   3.125   1.00 8.60  ? 13  TYR C C   1 
ATOM   465 O O   . TYR C 1 13 ? -2.346  0.666   2.278   1.00 8.63  ? 13  TYR C O   1 
ATOM   466 C CB  . TYR C 1 13 ? -3.243  0.933   5.354   1.00 7.84  ? 13  TYR C CB  1 
ATOM   467 C CG  . TYR C 1 13 ? -4.202  1.282   6.499   1.00 7.73  ? 13  TYR C CG  1 
ATOM   468 C CD1 . TYR C 1 13 ? -5.482  0.789   6.534   1.00 7.70  ? 13  TYR C CD1 1 
ATOM   469 C CD2 . TYR C 1 13 ? -3.840  2.208   7.465   1.00 9.03  ? 13  TYR C CD2 1 
ATOM   470 C CE1 . TYR C 1 13 ? -6.371  1.115   7.558   1.00 8.84  ? 13  TYR C CE1 1 
ATOM   471 C CE2 . TYR C 1 13 ? -4.721  2.589   8.457   1.00 10.06 ? 13  TYR C CE2 1 
ATOM   472 C CZ  . TYR C 1 13 ? -5.977  2.052   8.506   1.00 9.66  ? 13  TYR C CZ  1 
ATOM   473 O OH  . TYR C 1 13 ? -6.818  2.410   9.544   1.00 11.99 ? 13  TYR C OH  1 
ATOM   474 N N   . VAL C 1 14 ? -1.282  2.384   3.307   1.00 8.94  ? 14  VAL C N   1 
ATOM   475 C CA  . VAL C 1 14 ? 0.000   2.266   2.661   1.00 7.59  ? 14  VAL C CA  1 
ATOM   476 C C   . VAL C 1 14 ? 1.101   2.092   3.696   1.00 7.92  ? 14  VAL C C   1 
ATOM   477 O O   . VAL C 1 14 ? 0.883   2.237   4.870   1.00 8.82  ? 14  VAL C O   1 
ATOM   478 C CB  . VAL C 1 14 ? 0.276   3.482   1.754   1.00 8.91  ? 14  VAL C CB  1 
ATOM   479 C CG1 . VAL C 1 14 ? -0.773  3.537   0.640   1.00 9.82  ? 14  VAL C CG1 1 
ATOM   480 C CG2 . VAL C 1 14 ? 0.411   4.779   2.536   1.00 9.92  ? 14  VAL C CG2 1 
ATOM   481 N N   . ARG C 1 15 ? 2.242   1.613   3.256   1.00 7.70  ? 15  ARG C N   1 
ATOM   482 C CA  . ARG C 1 15 ? 3.327   1.271   4.172   1.00 9.34  ? 15  ARG C CA  1 
ATOM   483 C C   . ARG C 1 15 ? 4.392   2.348   4.190   1.00 8.74  ? 15  ARG C C   1 
ATOM   484 O O   . ARG C 1 15 ? 4.955   2.745   3.140   1.00 9.19  ? 15  ARG C O   1 
ATOM   485 C CB  . ARG C 1 15 ? 3.911   -0.108  3.769   1.00 10.29 ? 15  ARG C CB  1 
ATOM   486 C CG  . ARG C 1 15 ? 4.898   -0.756  4.740   1.00 10.28 ? 15  ARG C CG  1 
ATOM   487 C CD  . ARG C 1 15 ? 4.105   -1.207  5.925   1.00 11.63 ? 15  ARG C CD  1 
ATOM   488 N NE  . ARG C 1 15 ? 4.969   -1.829  6.893   1.00 10.49 ? 15  ARG C NE  1 
ATOM   489 C CZ  . ARG C 1 15 ? 4.530   -2.192  8.104   1.00 11.46 ? 15  ARG C CZ  1 
ATOM   490 N NH1 . ARG C 1 15 ? 3.256   -2.020  8.443   1.00 13.39 ? 15  ARG C NH1 1 
ATOM   491 N NH2 . ARG C 1 15 ? 5.333   -2.793  8.951   1.00 12.22 ? 15  ARG C NH2 1 
ATOM   492 N N   . LYS C 1 16 ? 4.727   2.774   5.380   1.00 9.84  ? 16  LYS C N   1 
ATOM   493 C CA  . LYS C 1 16 ? 5.602   3.955   5.615   1.00 10.10 ? 16  LYS C CA  1 
ATOM   494 C C   . LYS C 1 16 ? 6.260   3.844   6.963   1.00 9.45  ? 16  LYS C C   1 
ATOM   495 O O   . LYS C 1 16 ? 5.576   3.643   7.940   1.00 11.04 ? 16  LYS C O   1 
ATOM   496 C CB  . LYS C 1 16 ? 4.826   5.252   5.494   1.00 11.09 ? 16  LYS C CB  1 
ATOM   497 C CG  . LYS C 1 16 ? 5.606   6.510   5.800   1.00 13.20 ? 16  LYS C CG  1 
ATOM   498 C CD  . LYS C 1 16 ? 4.714   7.701   5.566   1.00 15.59 ? 16  LYS C CD  1 
ATOM   499 C CE  . LYS C 1 16 ? 5.491   8.988   5.544   1.00 23.81 ? 16  LYS C CE  1 
ATOM   500 N NZ  . LYS C 1 16 ? 6.083   9.282   6.849   1.00 24.02 ? 16  LYS C NZ  1 
ATOM   501 N N   . ASP C 1 17 ? 7.574   3.951   7.012   1.00 10.75 ? 17  ASP C N   1 
ATOM   502 C CA  . ASP C 1 17 ? 8.279   4.028   8.296   1.00 12.60 ? 17  ASP C CA  1 
ATOM   503 C C   . ASP C 1 17 ? 7.990   2.799   9.147   1.00 12.62 ? 17  ASP C C   1 
ATOM   504 O O   . ASP C 1 17 ? 7.923   2.885   10.371  1.00 13.75 ? 17  ASP C O   1 
ATOM   505 C CB  . ASP C 1 17 ? 7.909   5.309   9.126   1.00 16.20 ? 17  ASP C CB  1 
ATOM   506 C CG  . ASP C 1 17 ? 8.262   6.618   8.437   1.00 18.02 ? 17  ASP C CG  1 
ATOM   507 O OD1 . ASP C 1 17 ? 9.292   6.658   7.748   1.00 19.44 ? 17  ASP C OD1 1 
ATOM   508 O OD2 . ASP C 1 17 ? 7.527   7.641   8.608   1.00 29.17 ? 17  ASP C OD2 1 
ATOM   509 N N   . GLY C 1 18 ? 7.798   1.634   8.519   1.00 11.11 ? 18  GLY C N   1 
ATOM   510 C CA  . GLY C 1 18 ? 7.525   0.447   9.292   1.00 11.97 ? 18  GLY C CA  1 
ATOM   511 C C   . GLY C 1 18 ? 6.163   0.406   9.924   1.00 11.45 ? 18  GLY C C   1 
ATOM   512 O O   . GLY C 1 18 ? 5.940   -0.324  10.883  1.00 12.88 ? 18  GLY C O   1 
ATOM   513 N N   . GLU C 1 19 ? 5.221   1.165   9.355   1.00 11.70 ? 19  GLU C N   1 
ATOM   514 C CA  . GLU C 1 19 ? 3.850   1.272   9.833   1.00 10.72 ? 19  GLU C CA  1 
ATOM   515 C C   . GLU C 1 19 ? 2.862   1.267   8.706   1.00 10.04 ? 19  GLU C C   1 
ATOM   516 O O   . GLU C 1 19 ? 3.202   1.567   7.571   1.00 10.43 ? 19  GLU C O   1 
ATOM   517 C CB  . GLU C 1 19 ? 3.736   2.573   10.607  1.00 13.10 ? 19  GLU C CB  1 
ATOM   518 C CG  . GLU C 1 19 ? 3.561   3.857   9.862   1.00 26.76 ? 19  GLU C CG  1 
ATOM   519 C CD  . GLU C 1 19 ? 4.166   5.048   10.584  1.00 30.93 ? 19  GLU C CD  1 
ATOM   520 O OE1 . GLU C 1 19 ? 4.199   5.010   11.839  1.00 26.22 ? 19  GLU C OE1 1 
ATOM   521 O OE2 . GLU C 1 19 ? 4.608   6.012   9.900   1.00 32.86 ? 19  GLU C OE2 1 
ATOM   522 N N   . TRP C 1 20 ? 1.609   1.067   9.053   1.00 9.89  ? 20  TRP C N   1 
ATOM   523 C CA  . TRP C 1 20 ? 0.479   1.277   8.153   1.00 9.65  ? 20  TRP C CA  1 
ATOM   524 C C   . TRP C 1 20 ? -0.131  2.630   8.402   1.00 10.20 ? 20  TRP C C   1 
ATOM   525 O O   . TRP C 1 20 ? -0.511  2.946   9.540   1.00 11.72 ? 20  TRP C O   1 
ATOM   526 C CB  . TRP C 1 20 ? -0.574  0.207   8.347   1.00 10.90 ? 20  TRP C CB  1 
ATOM   527 C CG  . TRP C 1 20 ? -0.160  -1.164  7.915   1.00 10.39 ? 20  TRP C CG  1 
ATOM   528 C CD1 . TRP C 1 20 ? 0.040   -2.255  8.708   1.00 12.06 ? 20  TRP C CD1 1 
ATOM   529 C CD2 . TRP C 1 20 ? 0.021   -1.601  6.577   1.00 9.63  ? 20  TRP C CD2 1 
ATOM   530 N NE1 . TRP C 1 20 ? 0.347   -3.313  7.948   1.00 12.38 ? 20  TRP C NE1 1 
ATOM   531 C CE2 . TRP C 1 20 ? 0.375   -2.960  6.625   1.00 11.47 ? 20  TRP C CE2 1 
ATOM   532 C CE3 . TRP C 1 20 ? -0.016  -0.958  5.344   1.00 11.52 ? 20  TRP C CE3 1 
ATOM   533 C CZ2 . TRP C 1 20 ? 0.623   -3.699  5.476   1.00 12.45 ? 20  TRP C CZ2 1 
ATOM   534 C CZ3 . TRP C 1 20 ? 0.216   -1.689  4.198   1.00 12.82 ? 20  TRP C CZ3 1 
ATOM   535 C CH2 . TRP C 1 20 ? 0.549   -3.065  4.275   1.00 12.78 ? 20  TRP C CH2 1 
ATOM   536 N N   . VAL C 1 21 ? -0.180  3.418   7.347   1.00 8.71  ? 21  VAL C N   1 
ATOM   537 C CA  . VAL C 1 21 ? -0.663  4.772   7.400   1.00 8.58  ? 21  VAL C CA  1 
ATOM   538 C C   . VAL C 1 21 ? -1.798  4.914   6.425   1.00 8.48  ? 21  VAL C C   1 
ATOM   539 O O   . VAL C 1 21 ? -1.782  4.353   5.321   1.00 9.22  ? 21  VAL C O   1 
ATOM   540 C CB  . VAL C 1 21 ? 0.474   5.777   7.116   1.00 9.64  ? 21  VAL C CB  1 
ATOM   541 C CG1 . VAL C 1 21 ? 1.681   5.673   8.053   1.00 10.76 ? 21  VAL C CG1 1 
ATOM   542 C CG2 . VAL C 1 21 ? 0.928   5.680   5.718   1.00 15.36 ? 21  VAL C CG2 1 
ATOM   543 N N   . LEU C 1 22 ? -2.813  5.700   6.806   1.00 8.57  ? 22  LEU C N   1 
ATOM   544 C CA  . LEU C 1 22 ? -3.984  5.866   5.948   1.00 7.89  ? 22  LEU C CA  1 
ATOM   545 C C   . LEU C 1 22 ? -3.577  6.437   4.590   1.00 8.69  ? 22  LEU C C   1 
ATOM   546 O O   . LEU C 1 22 ? -2.934  7.464   4.476   1.00 10.09 ? 22  LEU C O   1 
ATOM   547 C CB  . LEU C 1 22 ? -4.960  6.808   6.605   1.00 10.03 ? 22  LEU C CB  1 
ATOM   548 C CG  . LEU C 1 22 ? -5.763  6.281   7.798   1.00 12.22 ? 22  LEU C CG  1 
ATOM   549 C CD1 . LEU C 1 22 ? -6.469  7.399   8.527   1.00 13.73 ? 22  LEU C CD1 1 
ATOM   550 C CD2 . LEU C 1 22 ? -6.830  5.287   7.304   1.00 13.38 ? 22  LEU C CD2 1 
ATOM   551 N N   . LEU C 1 23 ? -4.109  5.849   3.540   1.00 8.71  ? 23  LEU C N   1 
ATOM   552 C CA  . LEU C 1 23 ? -3.916  6.405   2.210   1.00 8.24  ? 23  LEU C CA  1 
ATOM   553 C C   . LEU C 1 23 ? -4.547  7.771   2.054   1.00 8.92  ? 23  LEU C C   1 
ATOM   554 O O   . LEU C 1 23 ? -4.023  8.655   1.378   1.00 11.52 ? 23  LEU C O   1 
ATOM   555 C CB  . LEU C 1 23 ? -4.564  5.471   1.182   1.00 9.24  ? 23  LEU C CB  1 
ATOM   556 C CG  . LEU C 1 23 ? -4.591  5.882   -0.293  1.00 10.07 ? 23  LEU C CG  1 
ATOM   557 C CD1 . LEU C 1 23 ? -3.233  6.152   -0.873  1.00 10.31 ? 23  LEU C CD1 1 
ATOM   558 C CD2 . LEU C 1 23 ? -5.321  4.891   -1.177  1.00 11.90 ? 23  LEU C CD2 1 
ATOM   559 N N   . SER C 1 24 ? -5.685  7.962   2.705   1.00 10.92 ? 24  SER C N   1 
ATOM   560 C CA  . SER C 1 24 ? -6.421  9.190   2.515   1.00 11.73 ? 24  SER C CA  1 
ATOM   561 C C   . SER C 1 24 ? -5.578  10.393  2.924   1.00 12.43 ? 24  SER C C   1 
ATOM   562 O O   . SER C 1 24 ? -5.792  11.507  2.447   1.00 16.40 ? 24  SER C O   1 
ATOM   563 C CB  . SER C 1 24 ? -7.699  9.127   3.342   1.00 13.81 ? 24  SER C CB  1 
ATOM   564 O OG  . SER C 1 24 ? -7.426  9.054   4.723   1.00 16.47 ? 24  SER C OG  1 
ATOM   565 N N   . THR C 1 25 ? -4.590  10.234  3.787   1.00 13.92 ? 25  THR C N   1 
ATOM   566 C CA  . THR C 1 25 ? -3.793  11.388  4.236   1.00 16.51 ? 25  THR C CA  1 
ATOM   567 C C   . THR C 1 25 ? -2.945  11.959  3.086   1.00 15.29 ? 25  THR C C   1 
ATOM   568 O O   . THR C 1 25 ? -2.605  13.134  3.085   1.00 18.23 ? 25  THR C O   1 
ATOM   569 C CB  . THR C 1 25 ? -2.862  10.979  5.382   1.00 20.40 ? 25  THR C CB  1 
ATOM   570 O OG1 . THR C 1 25 ? -3.642  10.337  6.395   1.00 25.52 ? 25  THR C OG1 1 
ATOM   571 C CG2 . THR C 1 25 ? -2.133  12.184  6.007   1.00 19.29 ? 25  THR C CG2 1 
ATOM   572 N N   . PHE C 1 26 ? -2.623  11.126  2.106   1.00 13.54 ? 26  PHE C N   1 
ATOM   573 C CA  . PHE C 1 26 ? -1.805  11.516  0.965   1.00 13.47 ? 26  PHE C CA  1 
ATOM   574 C C   . PHE C 1 26 ? -2.623  11.973  -0.206  1.00 15.04 ? 26  PHE C C   1 
ATOM   575 O O   . PHE C 1 26 ? -2.088  12.606  -1.120  1.00 18.38 ? 26  PHE C O   1 
ATOM   576 C CB  . PHE C 1 26 ? -0.951  10.329  0.524   1.00 13.73 ? 26  PHE C CB  1 
ATOM   577 C CG  . PHE C 1 26 ? -0.034  9.846   1.584   1.00 15.48 ? 26  PHE C CG  1 
ATOM   578 C CD1 . PHE C 1 26 ? -0.383  8.765   2.387   1.00 13.26 ? 26  PHE C CD1 1 
ATOM   579 C CD2 . PHE C 1 26 ? 1.156   10.496  1.831   1.00 18.00 ? 26  PHE C CD2 1 
ATOM   580 C CE1 . PHE C 1 26 ? 0.457   8.342   3.395   1.00 14.90 ? 26  PHE C CE1 1 
ATOM   581 C CE2 . PHE C 1 26 ? 2.002   10.060  2.829   1.00 20.32 ? 26  PHE C CE2 1 
ATOM   582 C CZ  . PHE C 1 26 ? 1.638   8.975   3.613   1.00 17.77 ? 26  PHE C CZ  1 
ATOM   583 N N   . LEU C 1 27 ? -3.907  11.676  -0.196  1.00 15.92 ? 27  LEU C N   1 
ATOM   584 C CA  . LEU C 1 27 ? -4.786  12.012  -1.304  1.00 17.10 ? 27  LEU C CA  1 
ATOM   585 C C   . LEU C 1 27 ? -5.379  13.355  -1.018  1.00 21.58 ? 27  LEU C C   1 
ATOM   586 O O   . LEU C 1 27 ? -5.592  13.773  0.151   1.00 24.46 ? 27  LEU C O   1 
ATOM   587 C CB  . LEU C 1 27 ? -5.890  10.983  -1.495  1.00 16.91 ? 27  LEU C CB  1 
ATOM   588 C CG  . LEU C 1 27 ? -5.341  9.586   -1.769  1.00 20.19 ? 27  LEU C CG  1 
ATOM   589 C CD1 . LEU C 1 27 ? -6.495  8.689   -2.105  1.00 25.57 ? 27  LEU C CD1 1 
ATOM   590 C CD2 . LEU C 1 27 ? -4.313  9.553   -2.869  1.00 25.34 ? 27  LEU C CD2 1 
HETATM 591 C C11 . 2KN D 2 .  ? -3.468  16.337  -1.955  1.00 26.24 ? 101 2KN B C11 1 
HETATM 592 C C10 . 2KN D 2 .  ? -2.549  15.586  -2.895  1.00 23.16 ? 101 2KN B C10 1 
HETATM 593 N N9  . 2KN D 2 .  ? -3.407  14.661  -3.690  1.00 23.45 ? 101 2KN B N9  1 
HETATM 594 C C7  . 2KN D 2 .  ? -2.960  14.077  -4.835  1.00 21.00 ? 101 2KN B C7  1 
HETATM 595 O O8  . 2KN D 2 .  ? -1.817  14.323  -5.240  1.00 24.70 ? 101 2KN B O8  1 
HETATM 596 C C4  . 2KN D 2 .  ? -3.862  13.264  -5.611  1.00 19.31 ? 101 2KN B C4  1 
HETATM 597 C C5  . 2KN D 2 .  ? -3.422  12.812  -6.864  1.00 18.28 ? 101 2KN B C5  1 
HETATM 598 C C3  . 2KN D 2 .  ? -5.193  12.962  -5.261  1.00 19.41 ? 101 2KN B C3  1 
HETATM 599 C C2  . 2KN D 2 .  ? -6.039  12.196  -6.078  1.00 18.36 ? 101 2KN B C2  1 
HETATM 600 C C17 . 2KN D 2 .  ? -7.367  11.949  -5.623  1.00 22.05 ? 101 2KN B C17 1 
HETATM 601 O O18 . 2KN D 2 .  ? -7.725  12.399  -4.534  1.00 25.78 ? 101 2KN B O18 1 
HETATM 602 N N19 . 2KN D 2 .  ? -8.267  11.320  -6.430  1.00 21.32 ? 101 2KN B N19 1 
HETATM 603 C C20 . 2KN D 2 .  ? -9.657  11.122  -6.007  1.00 21.72 ? 101 2KN B C20 1 
HETATM 604 C C21 . 2KN D 2 .  ? -10.513 10.899  -7.261  1.00 22.26 ? 101 2KN B C21 1 
HETATM 605 C C1  . 2KN D 2 .  ? -5.531  11.757  -7.302  1.00 19.39 ? 101 2KN B C1  1 
HETATM 606 C C6  . 2KN D 2 .  ? -4.230  12.037  -7.718  1.00 17.19 ? 101 2KN B C6  1 
HETATM 607 C C12 . 2KN D 2 .  ? -3.835  11.575  -8.989  1.00 20.35 ? 101 2KN B C12 1 
HETATM 608 O O13 . 2KN D 2 .  ? -4.633  10.952  -9.699  1.00 26.08 ? 101 2KN B O13 1 
HETATM 609 N N14 . 2KN D 2 .  ? -2.629  11.932  -9.468  1.00 20.89 ? 101 2KN B N14 1 
HETATM 610 C C15 . 2KN D 2 .  ? -2.208  11.558  -10.813 1.00 22.21 ? 101 2KN B C15 1 
HETATM 611 C C16 . 2KN D 2 .  ? -1.140  12.598  -11.214 1.00 25.63 ? 101 2KN B C16 1 
HETATM 612 O O   . HOH E 3 .  ? 1.207   -6.021  -9.412  1.00 10.43 ? 101 HOH A O   1 
HETATM 613 O O   . HOH E 3 .  ? -6.339  -4.685  6.215   1.00 12.69 ? 102 HOH A O   1 
HETATM 614 O O   . HOH E 3 .  ? -3.807  0.416   -9.280  1.00 11.14 ? 103 HOH A O   1 
HETATM 615 O O   . HOH E 3 .  ? -2.962  -6.069  -15.471 1.00 11.52 ? 104 HOH A O   1 
HETATM 616 O O   . HOH E 3 .  ? 4.001   -10.395 5.399   1.00 17.54 ? 105 HOH A O   1 
HETATM 617 O O   . HOH E 3 .  ? -4.833  -6.550  -13.556 1.00 16.85 ? 106 HOH A O   1 
HETATM 618 O O   . HOH E 3 .  ? 0.528   -12.920 -6.312  1.00 19.90 ? 107 HOH A O   1 
HETATM 619 O O   . HOH E 3 .  ? 1.151   -12.816 -13.047 1.00 15.01 ? 108 HOH A O   1 
HETATM 620 O O   . HOH E 3 .  ? 3.026   -14.543 -0.231  1.00 21.09 ? 109 HOH A O   1 
HETATM 621 O O   . HOH E 3 .  ? -6.322  -8.355  -5.049  1.00 17.72 ? 110 HOH A O   1 
HETATM 622 O O   . HOH E 3 .  ? 1.682   -12.012 8.097   1.00 27.36 ? 111 HOH A O   1 
HETATM 623 O O   . HOH E 3 .  ? -0.922  -12.489 -9.672  1.00 27.84 ? 112 HOH A O   1 
HETATM 624 O O   . HOH E 3 .  ? -1.022  0.801   -11.031 1.00 21.74 ? 113 HOH A O   1 
HETATM 625 O O   . HOH E 3 .  ? -11.036 -1.754  -6.808  1.00 20.21 ? 114 HOH A O   1 
HETATM 626 O O   . HOH E 3 .  ? -4.191  -9.850  -11.919 1.00 22.13 ? 115 HOH A O   1 
HETATM 627 O O   . HOH E 3 .  ? -6.961  -6.556  -9.759  1.00 23.88 ? 116 HOH A O   1 
HETATM 628 O O   . HOH E 3 .  ? -2.337  2.895   -9.740  1.00 25.60 ? 117 HOH A O   1 
HETATM 629 O O   . HOH E 3 .  ? -4.913  -10.870 0.800   1.00 23.83 ? 118 HOH A O   1 
HETATM 630 O O   . HOH E 3 .  ? -5.530  -10.517 -3.878  1.00 21.55 ? 119 HOH A O   1 
HETATM 631 O O   . HOH E 3 .  ? -3.031  -11.508 -3.805  1.00 24.89 ? 120 HOH A O   1 
HETATM 632 O O   . HOH E 3 .  ? -4.850  -11.937 3.507   1.00 31.03 ? 121 HOH A O   1 
HETATM 633 O O   . HOH E 3 .  ? 0.903   1.017   -12.844 1.00 37.38 ? 122 HOH A O   1 
HETATM 634 O O   . HOH E 3 .  ? -1.892  -13.527 -1.647  1.00 25.45 ? 123 HOH A O   1 
HETATM 635 O O   . HOH E 3 .  ? -5.659  -3.454  -13.044 1.00 43.86 ? 124 HOH A O   1 
HETATM 636 O O   . HOH E 3 .  ? 6.476   -12.528 -3.742  1.00 39.10 ? 125 HOH A O   1 
HETATM 637 O O   . HOH E 3 .  ? -0.015  -2.168  -15.946 1.00 34.06 ? 126 HOH A O   1 
HETATM 638 O O   . HOH E 3 .  ? 2.744   -14.511 -5.238  1.00 28.83 ? 127 HOH A O   1 
HETATM 639 O O   . HOH E 3 .  ? -12.729 -1.635  -1.435  1.00 28.15 ? 128 HOH A O   1 
HETATM 640 O O   . HOH E 3 .  ? 3.620   2.900   -13.361 1.00 30.64 ? 129 HOH A O   1 
HETATM 641 O O   . HOH E 3 .  ? -15.407 0.384   2.528   1.00 46.06 ? 130 HOH A O   1 
HETATM 642 O O   . HOH E 3 .  ? -14.996 -5.554  3.250   1.00 38.11 ? 131 HOH A O   1 
HETATM 643 O O   . HOH E 3 .  ? -9.581  0.786   -10.932 1.00 41.38 ? 132 HOH A O   1 
HETATM 644 O O   . HOH E 3 .  ? -5.054  -11.682 -10.193 1.00 32.58 ? 133 HOH A O   1 
HETATM 645 O O   . HOH E 3 .  ? 7.810   -8.805  -12.131 1.00 49.67 ? 134 HOH A O   1 
HETATM 646 O O   . HOH E 3 .  ? -12.015 7.584   -6.479  1.00 37.12 ? 135 HOH A O   1 
HETATM 647 O O   . HOH E 3 .  ? -12.449 -4.120  0.263   1.00 33.15 ? 136 HOH A O   1 
HETATM 648 O O   . HOH E 3 .  ? -5.778  -0.010  -12.457 1.00 40.49 ? 137 HOH A O   1 
HETATM 649 O O   . HOH E 3 .  ? -14.697 1.027   -5.767  1.00 47.96 ? 138 HOH A O   1 
HETATM 650 O O   . HOH E 3 .  ? 5.282   -12.945 -11.099 1.00 41.82 ? 139 HOH A O   1 
HETATM 651 O O   . HOH E 3 .  ? 5.769   -13.804 -6.079  1.00 47.95 ? 140 HOH A O   1 
HETATM 652 O O   . HOH E 3 .  ? 3.094   -8.574  0.290   1.00 34.61 ? 141 HOH A O   1 
HETATM 653 O O   . HOH E 3 .  ? 2.502   -11.760 9.867   1.00 55.27 ? 142 HOH A O   1 
HETATM 654 O O   . HOH E 3 .  ? -0.698  -15.961 -3.770  1.00 33.05 ? 143 HOH A O   1 
HETATM 655 O O   . HOH E 3 .  ? -8.699  12.262  -10.993 1.00 67.06 ? 144 HOH A O   1 
HETATM 656 O O   . HOH F 3 .  ? 2.706   -7.568  -6.056  1.00 12.24 ? 201 HOH B O   1 
HETATM 657 O O   . HOH F 3 .  ? 9.240   4.415   4.734   1.00 11.28 ? 202 HOH B O   1 
HETATM 658 O O   . HOH F 3 .  ? 5.886   8.082   -1.690  1.00 11.40 ? 203 HOH B O   1 
HETATM 659 O O   . HOH F 3 .  ? 13.857  9.569   2.134   1.00 12.35 ? 204 HOH B O   1 
HETATM 660 O O   . HOH F 3 .  ? 6.345   -9.182  4.132   1.00 18.41 ? 205 HOH B O   1 
HETATM 661 O O   . HOH F 3 .  ? 16.491  3.615   7.305   1.00 15.26 ? 206 HOH B O   1 
HETATM 662 O O   . HOH F 3 .  ? 13.225  -1.995  5.288   1.00 19.79 ? 207 HOH B O   1 
HETATM 663 O O   . HOH F 3 .  ? 13.813  7.713   0.146   1.00 16.21 ? 208 HOH B O   1 
HETATM 664 O O   . HOH F 3 .  ? 5.031   -8.964  1.698   1.00 24.19 ? 209 HOH B O   1 
HETATM 665 O O   . HOH F 3 .  ? 5.520   9.705   1.144   1.00 20.88 ? 210 HOH B O   1 
HETATM 666 O O   . HOH F 3 .  ? 10.687  -8.012  6.480   1.00 17.35 ? 211 HOH B O   1 
HETATM 667 O O   . HOH F 3 .  ? 8.748   5.134   -8.461  1.00 21.36 ? 212 HOH B O   1 
HETATM 668 O O   . HOH F 3 .  ? 11.394  -0.310  -2.608  1.00 19.66 ? 213 HOH B O   1 
HETATM 669 O O   . HOH F 3 .  ? 15.142  0.933   4.608   1.00 27.02 ? 214 HOH B O   1 
HETATM 670 O O   . HOH F 3 .  ? 15.465  4.453   1.309   1.00 22.15 ? 215 HOH B O   1 
HETATM 671 O O   . HOH F 3 .  ? 12.086  -3.124  1.115   1.00 22.29 ? 216 HOH B O   1 
HETATM 672 O O   . HOH F 3 .  ? 12.702  4.669   -2.656  1.00 22.48 ? 217 HOH B O   1 
HETATM 673 O O   . HOH F 3 .  ? 12.135  -2.590  -1.641  1.00 23.57 ? 218 HOH B O   1 
HETATM 674 O O   . HOH F 3 .  ? 6.341   -11.959 1.075   1.00 26.30 ? 219 HOH B O   1 
HETATM 675 O O   . HOH F 3 .  ? 13.259  -5.763  3.144   1.00 26.26 ? 220 HOH B O   1 
HETATM 676 O O   . HOH F 3 .  ? 8.925   -10.457 -5.134  1.00 28.23 ? 221 HOH B O   1 
HETATM 677 O O   . HOH F 3 .  ? 4.835   -13.304 3.091   1.00 24.24 ? 222 HOH B O   1 
HETATM 678 O O   . HOH F 3 .  ? 9.794   -6.489  -1.986  1.00 24.61 ? 223 HOH B O   1 
HETATM 679 O O   . HOH F 3 .  ? 9.280   -9.556  -1.944  1.00 25.01 ? 224 HOH B O   1 
HETATM 680 O O   . HOH F 3 .  ? 3.615   9.786   -0.837  1.00 26.90 ? 225 HOH B O   1 
HETATM 681 O O   . HOH F 3 .  ? 13.388  -3.756  7.703   1.00 27.66 ? 226 HOH B O   1 
HETATM 682 O O   . HOH F 3 .  ? 7.231   -2.057  -10.510 1.00 29.87 ? 227 HOH B O   1 
HETATM 683 O O   . HOH F 3 .  ? -2.406  4.774   -11.477 1.00 36.26 ? 228 HOH B O   1 
HETATM 684 O O   . HOH F 3 .  ? 5.574   11.503  2.923   1.00 37.48 ? 229 HOH B O   1 
HETATM 685 O O   . HOH F 3 .  ? 12.601  8.299   -2.342  1.00 30.48 ? 230 HOH B O   1 
HETATM 686 O O   . HOH F 3 .  ? 14.065  8.266   -4.323  1.00 25.65 ? 231 HOH B O   1 
HETATM 687 O O   . HOH F 3 .  ? 14.318  1.800   10.531  1.00 38.95 ? 232 HOH B O   1 
HETATM 688 O O   . HOH F 3 .  ? -1.825  7.578   -11.371 1.00 29.34 ? 233 HOH B O   1 
HETATM 689 O O   . HOH F 3 .  ? -2.477  15.244  -8.577  1.00 34.71 ? 234 HOH B O   1 
HETATM 690 O O   . HOH F 3 .  ? 6.357   0.679   -11.131 1.00 33.15 ? 235 HOH B O   1 
HETATM 691 O O   . HOH F 3 .  ? 8.048   9.220   -6.975  1.00 45.28 ? 236 HOH B O   1 
HETATM 692 O O   . HOH F 3 .  ? 9.300   -8.224  8.281   1.00 32.99 ? 237 HOH B O   1 
HETATM 693 O O   . HOH F 3 .  ? 16.187  2.116   0.508   1.00 29.74 ? 238 HOH B O   1 
HETATM 694 O O   . HOH F 3 .  ? 12.373  -5.875  0.177   1.00 53.85 ? 239 HOH B O   1 
HETATM 695 O O   . HOH F 3 .  ? -4.666  8.596   -11.810 1.00 41.63 ? 240 HOH B O   1 
HETATM 696 O O   . HOH F 3 .  ? 4.964   -4.011  -14.672 1.00 42.79 ? 241 HOH B O   1 
HETATM 697 O O   . HOH F 3 .  ? 14.480  -2.079  2.424   1.00 60.35 ? 242 HOH B O   1 
HETATM 698 O O   . HOH F 3 .  ? -6.502  5.953   -11.825 1.00 34.73 ? 243 HOH B O   1 
HETATM 699 O O   . HOH F 3 .  ? 8.888   7.439   -12.426 1.00 50.23 ? 244 HOH B O   1 
HETATM 700 O O   . HOH F 3 .  ? -2.101  15.173  -12.564 1.00 45.13 ? 245 HOH B O   1 
HETATM 701 O O   . HOH F 3 .  ? 8.055   9.936   -2.015  1.00 34.71 ? 246 HOH B O   1 
HETATM 702 O O   . HOH F 3 .  ? 12.263  10.374  -3.538  1.00 36.08 ? 247 HOH B O   1 
HETATM 703 O O   . HOH F 3 .  ? 0.648   16.644  -6.713  1.00 64.39 ? 248 HOH B O   1 
HETATM 704 O O   . HOH F 3 .  ? 5.739   3.193   -10.024 1.00 45.78 ? 249 HOH B O   1 
HETATM 705 O O   . HOH F 3 .  ? 0.822   14.696  -4.276  1.00 40.37 ? 250 HOH B O   1 
HETATM 706 O O   . HOH F 3 .  ? -5.543  16.510  -8.130  1.00 45.03 ? 251 HOH B O   1 
HETATM 707 O O   . HOH F 3 .  ? 4.008   12.631  5.390   1.00 45.86 ? 252 HOH B O   1 
HETATM 708 O O   . HOH F 3 .  ? 3.664   13.538  -4.979  1.00 40.25 ? 253 HOH B O   1 
HETATM 709 O O   . HOH F 3 .  ? 2.646   -14.708 4.033   1.00 44.94 ? 254 HOH B O   1 
HETATM 710 O O   . HOH F 3 .  ? -5.809  10.704  -12.602 1.00 38.17 ? 255 HOH B O   1 
HETATM 711 O O   . HOH G 3 .  ? 8.224   0.757   5.861   1.00 12.12 ? 101 HOH C O   1 
HETATM 712 O O   . HOH G 3 .  ? -8.991  -1.683  6.417   1.00 11.13 ? 102 HOH C O   1 
HETATM 713 O O   . HOH G 3 .  ? -7.331  5.720   3.676   1.00 10.93 ? 103 HOH C O   1 
HETATM 714 O O   . HOH G 3 .  ? -13.301 3.144   9.863   1.00 11.49 ? 104 HOH C O   1 
HETATM 715 O O   . HOH G 3 .  ? -12.203 -4.474  12.856  1.00 14.90 ? 105 HOH C O   1 
HETATM 716 O O   . HOH G 3 .  ? -10.766 3.822   10.763  1.00 18.54 ? 106 HOH C O   1 
HETATM 717 O O   . HOH G 3 .  ? 4.607   -6.525  6.806   1.00 24.79 ? 107 HOH C O   1 
HETATM 718 O O   . HOH G 3 .  ? -0.718  -10.246 10.719  1.00 18.94 ? 108 HOH C O   1 
HETATM 719 O O   . HOH G 3 .  ? -2.310  1.694   11.267  1.00 19.62 ? 109 HOH C O   1 
HETATM 720 O O   . HOH G 3 .  ? -10.028 4.206   2.139   1.00 21.33 ? 110 HOH C O   1 
HETATM 721 O O   . HOH G 3 .  ? -8.291  -3.778  12.895  1.00 25.88 ? 111 HOH C O   1 
HETATM 722 O O   . HOH G 3 .  ? -2.408  9.700   8.698   1.00 20.74 ? 112 HOH C O   1 
HETATM 723 O O   . HOH G 3 .  ? -1.371  -0.351  12.452  1.00 22.73 ? 113 HOH C O   1 
HETATM 724 O O   . HOH G 3 .  ? -5.674  -5.834  11.862  1.00 20.74 ? 114 HOH C O   1 
HETATM 725 O O   . HOH G 3 .  ? -6.552  4.440   11.231  1.00 23.95 ? 115 HOH C O   1 
HETATM 726 O O   . HOH G 3 .  ? -9.387  1.013   13.073  1.00 22.94 ? 116 HOH C O   1 
HETATM 727 O O   . HOH G 3 .  ? -2.129  -2.962  11.934  1.00 28.26 ? 117 HOH C O   1 
HETATM 728 O O   . HOH G 3 .  ? -1.743  -6.224  13.299  1.00 29.13 ? 118 HOH C O   1 
HETATM 729 O O   . HOH G 3 .  ? -6.433  10.571  6.485   1.00 34.46 ? 119 HOH C O   1 
HETATM 730 O O   . HOH G 3 .  ? 7.436   -10.090 7.137   1.00 24.21 ? 120 HOH C O   1 
HETATM 731 O O   . HOH G 3 .  ? 2.865   -2.559  11.329  1.00 29.29 ? 121 HOH C O   1 
HETATM 732 O O   . HOH G 3 .  ? -8.529  5.880   0.934   1.00 26.70 ? 122 HOH C O   1 
HETATM 733 O O   . HOH G 3 .  ? 5.553   -3.933  11.684  1.00 27.89 ? 123 HOH C O   1 
HETATM 734 O O   . HOH G 3 .  ? -10.196 5.836   4.506   1.00 32.05 ? 124 HOH C O   1 
HETATM 735 O O   . HOH G 3 .  ? -5.696  -8.773  11.867  1.00 33.40 ? 125 HOH C O   1 
HETATM 736 O O   . HOH G 3 .  ? -10.014 7.505   -0.148  1.00 31.88 ? 126 HOH C O   1 
HETATM 737 O O   . HOH G 3 .  ? 5.285   -4.799  5.362   1.00 34.96 ? 127 HOH C O   1 
HETATM 738 O O   . HOH G 3 .  ? -7.298  0.076   14.362  1.00 30.81 ? 128 HOH C O   1 
HETATM 739 O O   . HOH G 3 .  ? 5.483   -8.462  7.783   1.00 37.55 ? 129 HOH C O   1 
HETATM 740 O O   . HOH G 3 .  ? -12.820 3.336   1.248   1.00 43.85 ? 130 HOH C O   1 
HETATM 741 O O   . HOH G 3 .  ? -14.104 2.184   -1.342  1.00 31.26 ? 131 HOH C O   1 
HETATM 742 O O   . HOH G 3 .  ? 3.058   9.503   8.217   1.00 32.58 ? 132 HOH C O   1 
HETATM 743 O O   . HOH G 3 .  ? -6.593  15.740  -4.567  1.00 35.92 ? 133 HOH C O   1 
HETATM 744 O O   . HOH G 3 .  ? -14.370 3.712   5.198   1.00 39.59 ? 134 HOH C O   1 
HETATM 745 O O   . HOH G 3 .  ? 0.250   -6.443  14.716  1.00 61.42 ? 135 HOH C O   1 
HETATM 746 O O   . HOH G 3 .  ? -0.929  -11.661 9.037   1.00 33.93 ? 136 HOH C O   1 
HETATM 747 O O   . HOH G 3 .  ? 7.526   11.825  7.021   1.00 51.17 ? 137 HOH C O   1 
HETATM 748 O O   . HOH G 3 .  ? -0.448  14.230  8.049   1.00 50.41 ? 138 HOH C O   1 
HETATM 749 O O   . HOH G 3 .  ? 7.538   -2.085  12.107  1.00 31.93 ? 139 HOH C O   1 
HETATM 750 O O   . HOH G 3 .  ? 2.900   12.252  -1.155  1.00 43.60 ? 140 HOH C O   1 
HETATM 751 O O   . HOH G 3 .  ? -9.868  -10.516 6.385   1.00 46.89 ? 141 HOH C O   1 
HETATM 752 O O   . HOH G 3 .  ? 0.396   13.940  -1.203  1.00 33.03 ? 142 HOH C O   1 
HETATM 753 O O   . HOH G 3 .  ? -4.959  18.447  -3.770  1.00 51.90 ? 143 HOH C O   1 
HETATM 754 O O   . HOH G 3 .  ? 6.154   -11.783 8.308   1.00 57.50 ? 144 HOH C O   1 
# 
loop_
_atom_site_anisotrop.id 
_atom_site_anisotrop.type_symbol 
_atom_site_anisotrop.pdbx_label_atom_id 
_atom_site_anisotrop.pdbx_label_alt_id 
_atom_site_anisotrop.pdbx_label_comp_id 
_atom_site_anisotrop.pdbx_label_asym_id 
_atom_site_anisotrop.pdbx_label_seq_id 
_atom_site_anisotrop.pdbx_PDB_ins_code 
_atom_site_anisotrop.U[1][1] 
_atom_site_anisotrop.U[2][2] 
_atom_site_anisotrop.U[3][3] 
_atom_site_anisotrop.U[1][2] 
_atom_site_anisotrop.U[1][3] 
_atom_site_anisotrop.U[2][3] 
_atom_site_anisotrop.pdbx_auth_seq_id 
_atom_site_anisotrop.pdbx_auth_comp_id 
_atom_site_anisotrop.pdbx_auth_asym_id 
_atom_site_anisotrop.pdbx_auth_atom_id 
1   N N   . ILE A 3  ? 0.3980 0.4680 0.3542 0.0184  -0.0834 0.0745  3   ILE A N   
2   C CA  . ILE A 3  ? 0.3090 0.2859 0.2692 -0.0154 -0.0137 -0.0434 3   ILE A CA  
3   C C   . ILE A 3  ? 0.1942 0.3427 0.3571 0.0423  0.0402  -0.0369 3   ILE A C   
4   O O   . ILE A 3  ? 0.2191 0.1809 0.3408 0.0391  0.0587  0.1037  3   ILE A O   
5   C CB  . ILE A 3  ? 0.3537 0.3158 0.2276 0.0193  -0.0412 0.0491  3   ILE A CB  
6   C CG1 . ILE A 3  ? 0.2766 0.3817 0.1632 0.0413  0.0584  -0.0144 3   ILE A CG1 
7   C CG2 . ILE A 3  ? 0.4257 0.4397 0.3063 0.0653  -0.0375 -0.0557 3   ILE A CG2 
8   C CD1 . ILE A 3  ? 0.4089 0.3451 0.4339 0.0041  0.0064  -0.0315 3   ILE A CD1 
9   N N   . PRO A 4  ? 0.2061 0.3380 0.2666 0.0731  0.0360  0.0067  4   PRO A N   
10  C CA  . PRO A 4  ? 0.3121 0.2472 0.1797 0.0125  -0.0086 0.0430  4   PRO A CA  
11  C C   . PRO A 4  ? 0.2132 0.1713 0.2240 0.0546  0.0279  0.0329  4   PRO A C   
12  O O   . PRO A 4  ? 0.2812 0.2127 0.2312 0.1224  0.0218  -0.0023 4   PRO A O   
13  C CB  . PRO A 4  ? 0.2925 0.3308 0.3782 -0.0107 0.0258  0.0268  4   PRO A CB  
14  C CG  . PRO A 4  ? 0.3683 0.3963 0.2831 -0.0106 -0.0226 0.0273  4   PRO A CG  
15  C CD  . PRO A 4  ? 0.2926 0.3266 0.4197 -0.0292 0.0130  -0.0101 4   PRO A CD  
16  N N   . GLU A 5  ? 0.1905 0.1399 0.1758 0.0132  -0.0046 0.0279  5   GLU A N   
17  C CA  . GLU A 5  ? 0.1812 0.1635 0.1372 0.0114  -0.0035 0.0070  5   GLU A CA  
18  C C   . GLU A 5  ? 0.1605 0.1326 0.1563 -0.0096 0.0072  -0.0026 5   GLU A C   
19  O O   . GLU A 5  ? 0.1662 0.1304 0.1972 -0.0085 -0.0188 0.0390  5   GLU A O   
20  C CB  . GLU A 5  ? 0.1684 0.1434 0.1826 0.0102  0.0156  0.0046  5   GLU A CB  
21  C CG  . GLU A 5  ? 0.1847 0.1542 0.1520 0.0085  -0.0018 0.0020  5   GLU A CG  
22  C CD  . GLU A 5  ? 0.1632 0.1485 0.2424 0.0259  -0.0097 -0.0132 5   GLU A CD  
23  O OE1 . GLU A 5  ? 0.1738 0.1970 0.4095 0.0332  -0.0257 0.0235  5   GLU A OE1 
24  O OE2 . GLU A 5  ? 0.1759 0.1217 0.2089 0.0156  -0.0118 0.0023  5   GLU A OE2 
25  N N   . ALA A 6  ? 0.1225 0.1296 0.1236 -0.0024 0.0051  0.0014  6   ALA A N   
26  C CA  . ALA A 6  ? 0.1518 0.1383 0.1504 0.0406  0.0105  0.0149  6   ALA A CA  
27  C C   . ALA A 6  ? 0.1430 0.1226 0.1465 0.0183  -0.0076 0.0208  6   ALA A C   
28  O O   . ALA A 6  ? 0.1502 0.1475 0.1255 0.0219  0.0052  0.0086  6   ALA A O   
29  C CB  . ALA A 6  ? 0.1344 0.1379 0.1585 0.0072  0.0111  0.0064  6   ALA A CB  
30  N N   . PRO A 7  ? 0.1367 0.1355 0.1306 -0.0043 -0.0037 0.0060  7   PRO A N   
31  C CA  . PRO A 7  ? 0.1619 0.1235 0.1370 -0.0046 0.0074  0.0085  7   PRO A CA  
32  C C   . PRO A 7  ? 0.1511 0.1568 0.1231 0.0158  0.0105  0.0133  7   PRO A C   
33  O O   . PRO A 7  ? 0.1529 0.1478 0.1410 0.0159  0.0031  0.0423  7   PRO A O   
34  C CB  . PRO A 7  ? 0.1595 0.1455 0.1774 -0.0093 -0.0073 -0.0045 7   PRO A CB  
35  C CG  . PRO A 7  ? 0.1387 0.1411 0.1856 -0.0029 -0.0167 0.0127  7   PRO A CG  
36  C CD  . PRO A 7  ? 0.1461 0.1548 0.1249 0.0040  0.0162  0.0140  7   PRO A CD  
37  N N   . ARG A 8  ? 0.1823 0.1743 0.1346 0.0122  -0.0051 -0.0051 8   ARG A N   
38  C CA  . ARG A 8  ? 0.1562 0.2008 0.1569 0.0358  -0.0043 0.0227  8   ARG A CA  
39  C C   . ARG A 8  ? 0.2133 0.1664 0.1520 0.0181  0.0010  0.0079  8   ARG A C   
40  O O   . ARG A 8  ? 0.2127 0.2046 0.1441 0.0137  0.0070  0.0138  8   ARG A O   
41  C CB  . ARG A 8  ? 0.2075 0.1741 0.1718 0.0427  0.0233  0.0155  8   ARG A CB  
42  C CG  . ARG A 8  ? 0.2189 0.2203 0.1694 -0.0024 0.0167  0.0382  8   ARG A CG  
43  C CD  . ARG A 8  ? 0.3283 0.3179 0.3179 0.0783  -0.0606 0.0455  8   ARG A CD  
44  N NE  . ARG A 8  ? 0.4191 0.5944 0.4245 0.0594  0.0007  0.0594  8   ARG A NE  
45  C CZ  . ARG A 8  ? 0.5030 0.8010 0.7983 0.0007  -0.1184 -0.0077 8   ARG A CZ  
46  N NH1 . ARG A 8  ? 0.8163 0.7884 0.7361 -0.0095 -0.0523 -0.0985 8   ARG A NH1 
47  N NH2 . ARG A 8  ? 0.7323 1.0033 0.8167 0.0440  0.0142  -0.0759 8   ARG A NH2 
48  N N   . ASP A 9  ? 0.2103 0.1760 0.1157 0.0272  0.0005  0.0046  9   ASP A N   
49  C CA  . ASP A 9  ? 0.1760 0.1566 0.0937 0.0099  -0.0005 -0.0366 9   ASP A CA  
50  C C   . ASP A 9  ? 0.1632 0.1832 0.1385 0.0015  -0.0198 0.0058  9   ASP A C   
51  O O   . ASP A 9  ? 0.1412 0.2202 0.1374 0.0210  -0.0138 0.0110  9   ASP A O   
52  C CB  . ASP A 9  ? 0.1843 0.1662 0.1464 0.0035  -0.0116 -0.0018 9   ASP A CB  
53  C CG  . ASP A 9  ? 0.1739 0.1885 0.1301 0.0190  -0.0164 0.0005  9   ASP A CG  
54  O OD1 . ASP A 9  ? 0.1941 0.2418 0.1721 0.0193  -0.0161 0.0085  9   ASP A OD1 
55  O OD2 . ASP A 9  ? 0.1808 0.1781 0.1512 0.0310  0.0056  -0.0048 9   ASP A OD2 
56  N N   . GLY A 10 ? 0.1426 0.1670 0.1287 0.0243  -0.0039 -0.0115 10  GLY A N   
57  C CA  . GLY A 10 ? 0.1671 0.1742 0.1813 0.0080  -0.0065 -0.0002 10  GLY A CA  
58  C C   . GLY A 10 ? 0.1635 0.1524 0.1487 0.0179  -0.0030 0.0172  10  GLY A C   
59  O O   . GLY A 10 ? 0.2742 0.1627 0.1692 -0.0039 0.0434  0.0134  10  GLY A O   
60  N N   . GLN A 11 ? 0.1590 0.1751 0.1417 0.0165  0.0070  0.0022  11  GLN A N   
61  C CA  . GLN A 11 ? 0.1510 0.1094 0.1372 -0.0030 -0.0176 0.0002  11  GLN A CA  
62  C C   . GLN A 11 ? 0.1290 0.1211 0.1200 0.0103  -0.0002 -0.0021 11  GLN A C   
63  O O   . GLN A 11 ? 0.1458 0.1225 0.1205 0.0105  0.0031  0.0014  11  GLN A O   
64  C CB  . GLN A 11 ? 0.1295 0.1865 0.1463 0.0291  -0.0137 -0.0235 11  GLN A CB  
65  C CG  . GLN A 11 ? 0.1802 0.2629 0.1611 0.0222  -0.0405 -0.0483 11  GLN A CG  
66  C CD  . GLN A 11 ? 0.3530 0.3155 0.3075 0.0275  -0.0256 0.0221  11  GLN A CD  
67  O OE1 . GLN A 11 ? 0.4519 0.4333 0.2334 0.0994  -0.0471 0.0738  11  GLN A OE1 
68  N NE2 . GLN A 11 ? 0.4608 0.4560 0.3272 0.0204  -0.0377 0.0839  11  GLN A NE2 
69  N N   . ALA A 12 ? 0.1059 0.1059 0.1070 0.0038  0.0000  0.0061  12  ALA A N   
70  C CA  . ALA A 12 ? 0.1007 0.1056 0.1038 0.0202  0.0054  -0.0065 12  ALA A CA  
71  C C   . ALA A 12 ? 0.1082 0.1153 0.1057 0.0091  0.0050  0.0169  12  ALA A C   
72  O O   . ALA A 12 ? 0.1016 0.1324 0.1065 0.0160  0.0149  0.0202  12  ALA A O   
73  C CB  . ALA A 12 ? 0.1542 0.1107 0.1273 0.0075  0.0201  0.0092  12  ALA A CB  
74  N N   . TYR A 13 ? 0.1142 0.1371 0.1062 0.0307  0.0034  0.0129  13  TYR A N   
75  C CA  . TYR A 13 ? 0.1127 0.1057 0.1023 0.0303  0.0050  0.0037  13  TYR A CA  
76  C C   . TYR A 13 ? 0.0980 0.0957 0.1169 0.0005  -0.0147 0.0156  13  TYR A C   
77  O O   . TYR A 13 ? 0.1075 0.1148 0.0976 -0.0075 -0.0095 0.0002  13  TYR A O   
78  C CB  . TYR A 13 ? 0.1043 0.1108 0.0797 0.0097  0.0107  0.0064  13  TYR A CB  
79  C CG  . TYR A 13 ? 0.1158 0.1215 0.0803 0.0058  -0.0030 0.0084  13  TYR A CG  
80  C CD1 . TYR A 13 ? 0.1012 0.1360 0.1099 0.0036  0.0150  0.0180  13  TYR A CD1 
81  C CD2 . TYR A 13 ? 0.1100 0.1141 0.1086 0.0138  0.0076  -0.0129 13  TYR A CD2 
82  C CE1 . TYR A 13 ? 0.1304 0.1253 0.1092 0.0092  0.0095  0.0065  13  TYR A CE1 
83  C CE2 . TYR A 13 ? 0.1272 0.1423 0.1144 -0.0044 -0.0072 -0.0022 13  TYR A CE2 
84  C CZ  . TYR A 13 ? 0.1286 0.1072 0.1211 -0.0021 -0.0039 0.0047  13  TYR A CZ  
85  O OH  . TYR A 13 ? 0.1713 0.1602 0.1221 0.0116  -0.0249 0.0027  13  TYR A OH  
86  N N   . VAL A 14 ? 0.1070 0.1255 0.0928 0.0113  -0.0066 0.0151  14  VAL A N   
87  C CA  . VAL A 14 ? 0.1015 0.1102 0.1051 0.0019  -0.0211 -0.0011 14  VAL A CA  
88  C C   . VAL A 14 ? 0.0816 0.0944 0.0980 0.0214  -0.0114 -0.0096 14  VAL A C   
89  O O   . VAL A 14 ? 0.1110 0.0893 0.0999 -0.0122 0.0013  0.0077  14  VAL A O   
90  C CB  . VAL A 14 ? 0.1375 0.1125 0.0810 0.0177  0.0058  0.0118  14  VAL A CB  
91  C CG1 . VAL A 14 ? 0.1632 0.1612 0.1460 -0.0035 0.0278  0.0287  14  VAL A CG1 
92  C CG2 . VAL A 14 ? 0.1494 0.1357 0.1038 0.0094  -0.0051 0.0205  14  VAL A CG2 
93  N N   . ARG A 15 ? 0.1176 0.0897 0.1097 0.0119  -0.0141 0.0103  15  ARG A N   
94  C CA  . ARG A 15 ? 0.1192 0.1184 0.1128 -0.0150 -0.0130 0.0175  15  ARG A CA  
95  C C   . ARG A 15 ? 0.1185 0.1112 0.1282 -0.0082 -0.0206 0.0138  15  ARG A C   
96  O O   . ARG A 15 ? 0.0994 0.1151 0.1240 -0.0098 0.0178  0.0100  15  ARG A O   
97  C CB  . ARG A 15 ? 0.1244 0.1324 0.1166 -0.0192 -0.0211 0.0119  15  ARG A CB  
98  C CG  . ARG A 15 ? 0.1112 0.1286 0.1252 -0.0078 -0.0154 0.0115  15  ARG A CG  
99  C CD  . ARG A 15 ? 0.1372 0.1286 0.1270 -0.0073 -0.0152 0.0091  15  ARG A CD  
100 N NE  . ARG A 15 ? 0.1193 0.1295 0.1144 -0.0098 -0.0304 0.0046  15  ARG A NE  
101 C CZ  . ARG A 15 ? 0.1412 0.1245 0.1510 0.0005  -0.0058 0.0030  15  ARG A CZ  
102 N NH1 . ARG A 15 ? 0.1792 0.1419 0.1409 -0.0012 -0.0068 0.0052  15  ARG A NH1 
103 N NH2 . ARG A 15 ? 0.1524 0.1575 0.1423 -0.0012 -0.0093 0.0226  15  ARG A NH2 
104 N N   . LYS A 16 ? 0.1304 0.1283 0.1152 -0.0218 0.0052  0.0025  16  LYS A N   
105 C CA  . LYS A 16 ? 0.1491 0.1152 0.1068 -0.0042 -0.0042 -0.0121 16  LYS A CA  
106 C C   . LYS A 16 ? 0.1158 0.1475 0.1378 0.0059  0.0082  0.0089  16  LYS A C   
107 O O   . LYS A 16 ? 0.1673 0.1429 0.1487 -0.0015 -0.0015 0.0174  16  LYS A O   
108 C CB  . LYS A 16 ? 0.1589 0.1581 0.1324 -0.0190 -0.0012 0.0274  16  LYS A CB  
109 C CG  . LYS A 16 ? 0.1846 0.1864 0.1916 0.0119  -0.0097 -0.0028 16  LYS A CG  
110 C CD  . LYS A 16 ? 0.2167 0.2405 0.1980 0.0037  -0.0087 0.0305  16  LYS A CD  
111 C CE  . LYS A 16 ? 0.2812 0.3449 0.3066 0.0451  -0.0105 -0.0153 16  LYS A CE  
112 N NZ  . LYS A 16 ? 0.2868 0.3814 0.3181 0.0062  0.0361  -0.0463 16  LYS A NZ  
113 N N   . ASP A 17 ? 0.1595 0.1651 0.1259 -0.0122 0.0121  0.0165  17  ASP A N   
114 C CA  . ASP A 17 ? 0.1762 0.1748 0.1570 -0.0264 0.0179  0.0305  17  ASP A CA  
115 C C   . ASP A 17 ? 0.1485 0.2007 0.1429 -0.0196 0.0128  0.0119  17  ASP A C   
116 O O   . ASP A 17 ? 0.1775 0.1943 0.1387 -0.0136 -0.0079 0.0238  17  ASP A O   
117 C CB  . ASP A 17 ? 0.1571 0.1776 0.2380 -0.0534 0.0135  0.0253  17  ASP A CB  
118 C CG  . ASP A 17 ? 0.2990 0.1750 0.2952 -0.0069 -0.0159 0.0268  17  ASP A CG  
119 O OD1 . ASP A 17 ? 0.3088 0.2329 0.2755 0.0716  0.0569  0.0293  17  ASP A OD1 
120 O OD2 . ASP A 17 ? 0.4169 0.3491 0.4429 0.0955  -0.1056 0.0541  17  ASP A OD2 
121 N N   . GLY A 18 ? 0.1449 0.1450 0.1439 -0.0073 0.0121  0.0074  18  GLY A N   
122 C CA  . GLY A 18 ? 0.1902 0.1237 0.1345 -0.0084 -0.0236 0.0146  18  GLY A CA  
123 C C   . GLY A 18 ? 0.1344 0.1371 0.1491 -0.0056 -0.0014 -0.0039 18  GLY A C   
124 O O   . GLY A 18 ? 0.1492 0.1416 0.1910 0.0098  -0.0119 0.0114  18  GLY A O   
125 N N   . GLU A 19 ? 0.1391 0.1578 0.1466 0.0061  0.0083  0.0118  19  GLU A N   
126 C CA  . GLU A 19 ? 0.1469 0.1471 0.1462 -0.0051 0.0080  0.0195  19  GLU A CA  
127 C C   . GLU A 19 ? 0.1440 0.1401 0.1108 -0.0042 0.0071  0.0055  19  GLU A C   
128 O O   . GLU A 19 ? 0.1386 0.1447 0.1396 -0.0154 0.0245  -0.0128 19  GLU A O   
129 C CB  . GLU A 19 ? 0.1689 0.1596 0.1374 -0.0103 -0.0130 -0.0100 19  GLU A CB  
130 C CG  . GLU A 19 ? 0.1977 0.2246 0.2034 -0.0336 0.0064  -0.0063 19  GLU A CG  
131 C CD  . GLU A 19 ? 0.1916 0.3649 0.3839 0.0314  -0.0080 0.0223  19  GLU A CD  
132 O OE1 . GLU A 19 ? 0.2328 0.4495 0.3459 0.0518  0.0141  0.0688  19  GLU A OE1 
133 O OE2 . GLU A 19 ? 0.2910 0.3438 0.4986 0.0119  -0.0715 -0.0293 19  GLU A OE2 
134 N N   . TRP A 20 ? 0.1432 0.1035 0.1094 0.0088  0.0039  -0.0009 20  TRP A N   
135 C CA  . TRP A 20 ? 0.1317 0.1041 0.1113 -0.0053 -0.0087 0.0039  20  TRP A CA  
136 C C   . TRP A 20 ? 0.1052 0.1052 0.1109 -0.0112 0.0155  0.0152  20  TRP A C   
137 O O   . TRP A 20 ? 0.1622 0.1053 0.1282 0.0024  -0.0085 -0.0118 20  TRP A O   
138 C CB  . TRP A 20 ? 0.1531 0.1246 0.1194 0.0085  0.0032  0.0170  20  TRP A CB  
139 C CG  . TRP A 20 ? 0.1357 0.1225 0.1116 0.0163  0.0361  0.0127  20  TRP A CG  
140 C CD1 . TRP A 20 ? 0.1526 0.1104 0.1371 0.0007  0.0123  -0.0069 20  TRP A CD1 
141 C CD2 . TRP A 20 ? 0.1258 0.1464 0.1325 0.0290  0.0221  0.0087  20  TRP A CD2 
142 N NE1 . TRP A 20 ? 0.1431 0.1454 0.1520 0.0398  0.0070  0.0085  20  TRP A NE1 
143 C CE2 . TRP A 20 ? 0.1263 0.1615 0.1218 0.0193  0.0209  0.0048  20  TRP A CE2 
144 C CE3 . TRP A 20 ? 0.1280 0.1456 0.1145 -0.0044 -0.0049 0.0104  20  TRP A CE3 
145 C CZ2 . TRP A 20 ? 0.1376 0.1667 0.1684 0.0324  0.0030  0.0005  20  TRP A CZ2 
146 C CZ3 . TRP A 20 ? 0.1201 0.1765 0.1388 -0.0032 -0.0057 -0.0043 20  TRP A CZ3 
147 C CH2 . TRP A 20 ? 0.1326 0.1642 0.1772 0.0097  -0.0074 -0.0054 20  TRP A CH2 
148 N N   . VAL A 21 ? 0.1068 0.0936 0.0826 -0.0097 0.0018  -0.0151 21  VAL A N   
149 C CA  . VAL A 21 ? 0.1199 0.1396 0.0937 0.0007  -0.0056 0.0031  21  VAL A CA  
150 C C   . VAL A 21 ? 0.1154 0.1092 0.0997 0.0133  -0.0163 0.0042  21  VAL A C   
151 O O   . VAL A 21 ? 0.1072 0.1361 0.1185 -0.0006 0.0007  0.0173  21  VAL A O   
152 C CB  . VAL A 21 ? 0.1190 0.1494 0.1161 0.0113  0.0008  0.0038  21  VAL A CB  
153 C CG1 . VAL A 21 ? 0.1662 0.1583 0.1621 0.0232  -0.0253 0.0148  21  VAL A CG1 
154 C CG2 . VAL A 21 ? 0.1207 0.1700 0.1308 -0.0128 0.0005  0.0022  21  VAL A CG2 
155 N N   . LEU A 22 ? 0.0979 0.1005 0.0968 0.0050  -0.0068 -0.0122 22  LEU A N   
156 C CA  . LEU A 22 ? 0.0845 0.1161 0.1074 0.0043  0.0061  0.0022  22  LEU A CA  
157 C C   . LEU A 22 ? 0.0966 0.1186 0.1157 -0.0033 -0.0065 0.0039  22  LEU A C   
158 O O   . LEU A 22 ? 0.1188 0.1434 0.1291 0.0150  0.0011  -0.0062 22  LEU A O   
159 C CB  . LEU A 22 ? 0.1075 0.1299 0.1154 -0.0033 -0.0003 0.0131  22  LEU A CB  
160 C CG  . LEU A 22 ? 0.1254 0.1338 0.1302 -0.0189 -0.0036 -0.0083 22  LEU A CG  
161 C CD1 . LEU A 22 ? 0.1541 0.1474 0.1445 -0.0260 -0.0115 -0.0180 22  LEU A CD1 
162 C CD2 . LEU A 22 ? 0.1361 0.1334 0.1369 -0.0033 -0.0045 -0.0201 22  LEU A CD2 
163 N N   . LEU A 23 ? 0.0946 0.1223 0.1301 0.0011  -0.0144 0.0123  23  LEU A N   
164 C CA  . LEU A 23 ? 0.1026 0.1216 0.0973 0.0000  0.0044  0.0039  23  LEU A CA  
165 C C   . LEU A 23 ? 0.1063 0.1380 0.1384 0.0198  -0.0104 0.0002  23  LEU A C   
166 O O   . LEU A 23 ? 0.1438 0.1240 0.1473 0.0099  -0.0155 -0.0132 23  LEU A O   
167 C CB  . LEU A 23 ? 0.1002 0.1048 0.1215 0.0089  0.0089  0.0021  23  LEU A CB  
168 C CG  . LEU A 23 ? 0.1160 0.1143 0.1395 -0.0009 -0.0044 0.0164  23  LEU A CG  
169 C CD1 . LEU A 23 ? 0.1629 0.1507 0.1344 -0.0149 -0.0132 0.0126  23  LEU A CD1 
170 C CD2 . LEU A 23 ? 0.1209 0.1395 0.1489 -0.0068 0.0016  0.0177  23  LEU A CD2 
171 N N   . SER A 24 ? 0.1577 0.1477 0.1370 0.0275  -0.0093 0.0098  24  SER A N   
172 C CA  . SER A 24 ? 0.2034 0.1596 0.1656 0.0118  -0.0341 0.0417  24  SER A CA  
173 C C   . SER A 24 ? 0.1771 0.1637 0.1771 -0.0094 -0.0516 0.0027  24  SER A C   
174 O O   . SER A 24 ? 0.2349 0.1887 0.1899 0.0660  -0.0525 -0.0028 24  SER A O   
175 C CB  . SER A 24 ? 0.2503 0.2128 0.1570 0.0097  -0.0038 0.0502  24  SER A CB  
176 O OG  . SER A 24 ? 0.2111 0.2146 0.2113 0.0444  -0.0358 0.0128  24  SER A OG  
177 N N   . THR A 25 ? 0.1218 0.1729 0.2204 0.0133  -0.0379 0.0147  25  THR A N   
178 C CA  . THR A 25 ? 0.1234 0.2001 0.2502 0.0034  -0.0237 0.0110  25  THR A CA  
179 C C   . THR A 25 ? 0.1274 0.2342 0.2123 0.0142  -0.0456 0.0124  25  THR A C   
180 O O   . THR A 25 ? 0.1464 0.2264 0.3002 0.0388  -0.0502 -0.0156 25  THR A O   
181 C CB  . THR A 25 ? 0.1706 0.2264 0.3562 -0.0282 0.0014  0.0280  25  THR A CB  
182 O OG1 . THR A 25 ? 0.2836 0.2788 0.4225 0.0093  0.0068  -0.0143 25  THR A OG1 
183 C CG2 . THR A 25 ? 0.1633 0.2187 0.3771 -0.0164 -0.0049 -0.0104 25  THR A CG2 
184 N N   . PHE A 26 ? 0.1133 0.1745 0.1666 -0.0034 -0.0131 -0.0069 26  PHE A N   
185 C CA  . PHE A 26 ? 0.1177 0.1670 0.1777 0.0204  -0.0159 0.0040  26  PHE A CA  
186 C C   . PHE A 26 ? 0.1592 0.1744 0.2063 0.0209  -0.0110 0.0145  26  PHE A C   
187 O O   . PHE A 26 ? 0.2981 0.1753 0.2346 0.0509  0.0371  0.0162  26  PHE A O   
188 C CB  . PHE A 26 ? 0.1411 0.1991 0.1811 0.0289  -0.0250 0.0026  26  PHE A CB  
189 C CG  . PHE A 26 ? 0.1486 0.1710 0.2064 -0.0043 -0.0398 -0.0112 26  PHE A CG  
190 C CD1 . PHE A 26 ? 0.1624 0.1879 0.1634 0.0211  -0.0275 0.0164  26  PHE A CD1 
191 C CD2 . PHE A 26 ? 0.2446 0.2113 0.2011 0.0352  0.0092  -0.0097 26  PHE A CD2 
192 C CE1 . PHE A 26 ? 0.1860 0.2171 0.1808 -0.0023 -0.0265 0.0243  26  PHE A CE1 
193 C CE2 . PHE A 26 ? 0.2843 0.2803 0.2199 0.0027  0.0379  0.0224  26  PHE A CE2 
194 C CZ  . PHE A 26 ? 0.2120 0.2493 0.1508 -0.0229 -0.0080 0.0228  26  PHE A CZ  
195 N N   . LEU A 27 ? 0.2174 0.1587 0.2111 -0.0077 -0.0004 0.0147  27  LEU A N   
196 C CA  . LEU A 27 ? 0.2028 0.1452 0.2445 0.0056  0.0154  0.0122  27  LEU A CA  
197 C C   . LEU A 27 ? 0.2744 0.2571 0.2316 -0.0196 -0.0136 0.0461  27  LEU A C   
198 O O   . LEU A 27 ? 0.2852 0.2090 0.3104 0.0000  0.0059  0.0034  27  LEU A O   
199 C CB  . LEU A 27 ? 0.2168 0.1811 0.2231 0.0002  0.0315  0.0113  27  LEU A CB  
200 C CG  . LEU A 27 ? 0.2030 0.2324 0.2989 -0.0218 0.0000  0.0396  27  LEU A CG  
201 C CD1 . LEU A 27 ? 0.2392 0.3120 0.3637 -0.0167 0.0476  0.0761  27  LEU A CD1 
202 C CD2 . LEU A 27 ? 0.3363 0.3191 0.2869 0.0064  -0.0329 0.0368  27  LEU A CD2 
203 N N   . PRO B 4  ? 0.4659 0.2996 0.1189 -0.0173 -0.0420 -0.0312 4   PRO B N   
204 C CA  . PRO B 4  ? 0.2782 0.2066 0.2812 0.0227  -0.0269 0.0166  4   PRO B CA  
205 C C   . PRO B 4  ? 0.2466 0.2063 0.1677 0.0171  -0.0317 -0.0074 4   PRO B C   
206 O O   . PRO B 4  ? 0.2963 0.2289 0.2091 -0.0642 -0.1115 0.0298  4   PRO B O   
207 C CB  . PRO B 4  ? 0.3877 0.3579 0.2990 0.0008  0.0399  0.0115  4   PRO B CB  
208 C CG  . PRO B 4  ? 0.4898 0.3196 0.3338 -0.0148 0.1013  -0.0467 4   PRO B CG  
209 C CD  . PRO B 4  ? 0.3452 0.3833 0.3085 0.0840  -0.0395 -0.0594 4   PRO B CD  
210 N N   . GLU B 5  ? 0.1856 0.1258 0.1853 -0.0065 -0.0279 0.0273  5   GLU B N   
211 C CA  . GLU B 5  ? 0.1319 0.1330 0.1586 -0.0255 -0.0228 0.0051  5   GLU B CA  
212 C C   . GLU B 5  ? 0.1377 0.1156 0.1389 0.0115  -0.0068 -0.0214 5   GLU B C   
213 O O   . GLU B 5  ? 0.1483 0.1544 0.1835 0.0373  0.0097  0.0082  5   GLU B O   
214 C CB  . GLU B 5  ? 0.1409 0.1558 0.1403 0.0230  -0.0338 0.0162  5   GLU B CB  
215 C CG  . GLU B 5  ? 0.1855 0.1502 0.1936 0.0101  -0.0106 0.0254  5   GLU B CG  
216 C CD  . GLU B 5  ? 0.1847 0.2505 0.1884 0.0409  -0.0050 0.0485  5   GLU B CD  
217 O OE1 . GLU B 5  ? 0.2209 0.3124 0.1925 0.0980  0.0272  0.0739  5   GLU B OE1 
218 O OE2 . GLU B 5  ? 0.1448 0.1924 0.1863 0.0312  -0.0172 0.0121  5   GLU B OE2 
219 N N   . ALA B 6  ? 0.1139 0.0970 0.1330 -0.0085 -0.0197 -0.0074 6   ALA B N   
220 C CA  . ALA B 6  ? 0.1179 0.1427 0.1309 0.0042  -0.0130 0.0212  6   ALA B CA  
221 C C   . ALA B 6  ? 0.1168 0.1304 0.1309 0.0195  -0.0114 0.0149  6   ALA B C   
222 O O   . ALA B 6  ? 0.1197 0.1310 0.1434 -0.0093 -0.0221 0.0034  6   ALA B O   
223 C CB  . ALA B 6  ? 0.1123 0.1242 0.1157 -0.0034 -0.0205 -0.0115 6   ALA B CB  
224 N N   . PRO B 7  ? 0.1101 0.1210 0.1275 0.0144  -0.0018 -0.0039 7   PRO B N   
225 C CA  . PRO B 7  ? 0.0988 0.1630 0.1630 -0.0105 0.0011  0.0086  7   PRO B CA  
226 C C   . PRO B 7  ? 0.1231 0.1090 0.1577 -0.0132 -0.0146 0.0055  7   PRO B C   
227 O O   . PRO B 7  ? 0.1525 0.1133 0.1421 0.0210  -0.0129 -0.0170 7   PRO B O   
228 C CB  . PRO B 7  ? 0.1129 0.1414 0.1652 -0.0156 0.0027  -0.0058 7   PRO B CB  
229 C CG  . PRO B 7  ? 0.1332 0.1545 0.1619 0.0033  -0.0120 -0.0002 7   PRO B CG  
230 C CD  . PRO B 7  ? 0.1286 0.1449 0.1399 0.0188  -0.0072 -0.0039 7   PRO B CD  
231 N N   . ARG B 8  ? 0.1501 0.1311 0.1573 -0.0130 -0.0231 0.0049  8   ARG B N   
232 C CA  . ARG B 8  ? 0.1957 0.1953 0.1334 -0.0095 -0.0393 -0.0079 8   ARG B CA  
233 C C   . ARG B 8  ? 0.1548 0.1742 0.1992 0.0064  -0.0229 -0.0138 8   ARG B C   
234 O O   . ARG B 8  ? 0.1691 0.1408 0.1927 -0.0067 -0.0310 -0.0080 8   ARG B O   
235 C CB  . ARG B 8  ? 0.2260 0.2066 0.1486 -0.0055 -0.0374 0.0074  8   ARG B CB  
236 C CG  . ARG B 8  ? 0.2491 0.2088 0.1931 -0.0070 -0.0222 -0.0067 8   ARG B CG  
237 C CD  . ARG B 8  ? 0.4686 0.3621 0.2366 -0.0033 0.0096  0.1370  8   ARG B CD  
238 N NE  . ARG B 8  ? 0.4912 0.4231 0.3945 -0.0935 0.0084  -0.0484 8   ARG B NE  
239 C CZ  . ARG B 8  ? 0.6606 0.6125 0.4340 -0.0288 0.0671  0.0142  8   ARG B CZ  
240 N NH1 . ARG B 8  ? 0.4751 0.5791 0.4681 -0.0832 -0.0735 -0.0183 8   ARG B NH1 
241 N NH2 . ARG B 8  ? 0.7506 0.5816 0.4547 -0.0005 0.0101  -0.0147 8   ARG B NH2 
242 N N   . ASP B 9  ? 0.1679 0.1591 0.1933 -0.0027 -0.0162 -0.0070 9   ASP B N   
243 C CA  . ASP B 9  ? 0.1666 0.1735 0.1588 -0.0093 -0.0232 0.0064  9   ASP B CA  
244 C C   . ASP B 9  ? 0.1550 0.1641 0.1572 -0.0215 -0.0322 0.0066  9   ASP B C   
245 O O   . ASP B 9  ? 0.1493 0.1650 0.1421 -0.0424 0.0032  0.0036  9   ASP B O   
246 C CB  . ASP B 9  ? 0.1386 0.1656 0.1884 0.0028  -0.0072 -0.0068 9   ASP B CB  
247 C CG  . ASP B 9  ? 0.1409 0.1103 0.1998 -0.0288 -0.0031 -0.0040 9   ASP B CG  
248 O OD1 . ASP B 9  ? 0.2141 0.1743 0.2036 -0.0320 0.0062  0.0045  9   ASP B OD1 
249 O OD2 . ASP B 9  ? 0.1586 0.1810 0.1584 0.0014  -0.0267 0.0040  9   ASP B OD2 
250 N N   . GLY B 10 ? 0.1608 0.1520 0.1372 -0.0288 -0.0239 -0.0030 10  GLY B N   
251 C CA  . GLY B 10 ? 0.2015 0.1726 0.1362 0.0054  -0.0121 -0.0230 10  GLY B CA  
252 C C   . GLY B 10 ? 0.1416 0.1323 0.1634 -0.0071 -0.0186 -0.0104 10  GLY B C   
253 O O   . GLY B 10 ? 0.2187 0.1605 0.1839 0.0366  -0.0559 -0.0516 10  GLY B O   
254 N N   . GLN B 11 ? 0.1446 0.1588 0.1569 -0.0065 -0.0130 -0.0163 11  GLN B N   
255 C CA  . GLN B 11 ? 0.1476 0.1393 0.1572 -0.0059 -0.0203 0.0027  11  GLN B CA  
256 C C   . GLN B 11 ? 0.1163 0.1231 0.1346 0.0071  -0.0055 0.0032  11  GLN B C   
257 O O   . GLN B 11 ? 0.1265 0.1391 0.1152 0.0130  -0.0148 0.0065  11  GLN B O   
258 C CB  . GLN B 11 ? 0.1702 0.2009 0.1406 -0.0026 -0.0190 0.0151  11  GLN B CB  
259 C CG  . GLN B 11 ? 0.2380 0.2258 0.2511 -0.0432 0.0080  -0.0443 11  GLN B CG  
260 C CD  . GLN B 11 ? 0.4528 0.3751 0.3750 0.0187  -0.0074 0.0233  11  GLN B CD  
261 O OE1 . GLN B 11 ? 0.6882 0.5177 0.4241 -0.1119 0.1456  0.0597  11  GLN B OE1 
262 N NE2 . GLN B 11 ? 0.2771 0.5786 0.4604 0.1307  0.0070  0.1216  11  GLN B NE2 
263 N N   . ALA B 12 ? 0.1204 0.1151 0.1287 0.0182  -0.0121 -0.0093 12  ALA B N   
264 C CA  . ALA B 12 ? 0.1236 0.1123 0.1056 0.0130  -0.0124 0.0106  12  ALA B CA  
265 C C   . ALA B 12 ? 0.0935 0.1079 0.1009 0.0074  -0.0008 0.0172  12  ALA B C   
266 O O   . ALA B 12 ? 0.1249 0.1106 0.0903 -0.0008 -0.0041 0.0026  12  ALA B O   
267 C CB  . ALA B 12 ? 0.1037 0.1360 0.1332 -0.0043 -0.0054 -0.0055 12  ALA B CB  
268 N N   . TYR B 13 ? 0.1124 0.1034 0.0928 0.0195  -0.0045 0.0059  13  TYR B N   
269 C CA  . TYR B 13 ? 0.1134 0.1072 0.1005 0.0035  -0.0255 -0.0018 13  TYR B CA  
270 C C   . TYR B 13 ? 0.1030 0.0755 0.0865 0.0201  -0.0060 -0.0055 13  TYR B C   
271 O O   . TYR B 13 ? 0.1005 0.1244 0.0957 0.0071  0.0052  0.0001  13  TYR B O   
272 C CB  . TYR B 13 ? 0.1213 0.0953 0.1120 0.0152  -0.0146 -0.0217 13  TYR B CB  
273 C CG  . TYR B 13 ? 0.1169 0.1065 0.0926 0.0149  -0.0117 0.0066  13  TYR B CG  
274 C CD1 . TYR B 13 ? 0.0880 0.1243 0.0961 0.0104  -0.0142 0.0111  13  TYR B CD1 
275 C CD2 . TYR B 13 ? 0.1177 0.1464 0.0987 0.0072  -0.0038 0.0021  13  TYR B CD2 
276 C CE1 . TYR B 13 ? 0.0945 0.1173 0.1339 0.0082  -0.0310 -0.0001 13  TYR B CE1 
277 C CE2 . TYR B 13 ? 0.1262 0.1331 0.1072 0.0099  -0.0117 0.0001  13  TYR B CE2 
278 C CZ  . TYR B 13 ? 0.1121 0.1309 0.1207 0.0130  -0.0217 -0.0024 13  TYR B CZ  
279 O OH  . TYR B 13 ? 0.1244 0.1790 0.1983 0.0064  -0.0375 0.0127  13  TYR B OH  
280 N N   . VAL B 14 ? 0.1075 0.0995 0.0814 0.0054  -0.0109 0.0057  14  VAL B N   
281 C CA  . VAL B 14 ? 0.1053 0.1309 0.0843 -0.0017 -0.0098 -0.0140 14  VAL B CA  
282 C C   . VAL B 14 ? 0.1135 0.1174 0.1063 0.0045  -0.0073 0.0031  14  VAL B C   
283 O O   . VAL B 14 ? 0.1059 0.0937 0.1078 0.0070  -0.0053 -0.0073 14  VAL B O   
284 C CB  . VAL B 14 ? 0.1412 0.1125 0.1232 0.0133  -0.0100 0.0140  14  VAL B CB  
285 C CG1 . VAL B 14 ? 0.1489 0.1470 0.1945 0.0160  -0.0010 -0.0294 14  VAL B CG1 
286 C CG2 . VAL B 14 ? 0.1097 0.1448 0.1373 -0.0107 -0.0135 0.0250  14  VAL B CG2 
287 N N   . ARG B 15 ? 0.1057 0.1182 0.1166 0.0040  -0.0078 0.0119  15  ARG B N   
288 C CA  . ARG B 15 ? 0.1113 0.1138 0.1174 0.0066  -0.0068 0.0118  15  ARG B CA  
289 C C   . ARG B 15 ? 0.1014 0.0894 0.1173 -0.0068 -0.0034 0.0024  15  ARG B C   
290 O O   . ARG B 15 ? 0.1054 0.1050 0.1186 0.0057  0.0063  0.0090  15  ARG B O   
291 C CB  . ARG B 15 ? 0.1485 0.1155 0.0998 -0.0150 -0.0157 -0.0049 15  ARG B CB  
292 C CG  . ARG B 15 ? 0.1352 0.1291 0.1484 0.0005  -0.0079 0.0249  15  ARG B CG  
293 C CD  . ARG B 15 ? 0.1358 0.1181 0.1340 -0.0007 -0.0014 0.0045  15  ARG B CD  
294 N NE  . ARG B 15 ? 0.1535 0.1169 0.1398 0.0033  0.0043  0.0461  15  ARG B NE  
295 C CZ  . ARG B 15 ? 0.1445 0.1400 0.1374 0.0065  0.0134  0.0116  15  ARG B CZ  
296 N NH1 . ARG B 15 ? 0.1534 0.1572 0.1754 0.0086  -0.0253 0.0080  15  ARG B NH1 
297 N NH2 . ARG B 15 ? 0.1388 0.1267 0.1669 0.0011  0.0013  0.0171  15  ARG B NH2 
298 N N   . LYS B 16 ? 0.1221 0.1316 0.1225 0.0153  -0.0012 -0.0055 16  LYS B N   
299 C CA  . LYS B 16 ? 0.1359 0.1147 0.1216 0.0079  -0.0138 -0.0076 16  LYS B CA  
300 C C   . LYS B 16 ? 0.1261 0.1433 0.1234 0.0115  -0.0013 0.0150  16  LYS B C   
301 O O   . LYS B 16 ? 0.1313 0.1377 0.1611 -0.0060 -0.0032 0.0182  16  LYS B O   
302 C CB  . LYS B 16 ? 0.1419 0.1188 0.1551 0.0131  -0.0117 -0.0053 16  LYS B CB  
303 C CG  . LYS B 16 ? 0.1807 0.1717 0.1710 0.0028  -0.0278 -0.0022 16  LYS B CG  
304 C CD  . LYS B 16 ? 0.1885 0.1626 0.2364 -0.0109 -0.0101 0.0004  16  LYS B CD  
305 C CE  . LYS B 16 ? 0.3500 0.3194 0.2609 -0.0264 -0.0386 0.0021  16  LYS B CE  
306 N NZ  . LYS B 16 ? 0.3144 0.3442 0.3034 0.0230  -0.0320 0.0566  16  LYS B NZ  
307 N N   . ASP B 17 ? 0.1364 0.1460 0.1493 0.0139  0.0023  0.0036  17  ASP B N   
308 C CA  . ASP B 17 ? 0.1893 0.1741 0.1667 0.0418  0.0038  -0.0138 17  ASP B CA  
309 C C   . ASP B 17 ? 0.1611 0.1712 0.1542 -0.0104 0.0025  -0.0024 17  ASP B C   
310 O O   . ASP B 17 ? 0.1747 0.1674 0.1892 0.0350  0.0076  0.0174  17  ASP B O   
311 C CB  . ASP B 17 ? 0.2180 0.2274 0.1978 0.0171  0.0220  -0.0142 17  ASP B CB  
312 C CG  . ASP B 17 ? 0.2781 0.2197 0.2929 0.0411  -0.0374 -0.0155 17  ASP B CG  
313 O OD1 . ASP B 17 ? 0.2620 0.2331 0.2835 0.0713  -0.0438 -0.0029 17  ASP B OD1 
314 O OD2 . ASP B 17 ? 0.4773 0.3123 0.3287 -0.0017 -0.0197 0.0756  17  ASP B OD2 
315 N N   . GLY B 18 ? 0.1472 0.1498 0.1369 0.0164  0.0081  -0.0101 18  GLY B N   
316 C CA  . GLY B 18 ? 0.1803 0.1663 0.1634 0.0418  -0.0059 0.0041  18  GLY B CA  
317 C C   . GLY B 18 ? 0.1558 0.1689 0.1352 0.0192  0.0163  0.0265  18  GLY B C   
318 O O   . GLY B 18 ? 0.1833 0.1751 0.1753 0.0324  -0.0062 0.0315  18  GLY B O   
319 N N   . GLU B 19 ? 0.1320 0.1468 0.1166 -0.0018 -0.0255 -0.0069 19  GLU B N   
320 C CA  . GLU B 19 ? 0.1382 0.1591 0.1369 -0.0028 -0.0231 -0.0243 19  GLU B CA  
321 C C   . GLU B 19 ? 0.1178 0.1137 0.1314 -0.0162 -0.0048 0.0077  19  GLU B C   
322 O O   . GLU B 19 ? 0.1204 0.1590 0.1188 0.0034  -0.0134 -0.0189 19  GLU B O   
323 C CB  . GLU B 19 ? 0.1747 0.1732 0.1798 0.0093  0.0098  0.0080  19  GLU B CB  
324 C CG  . GLU B 19 ? 0.2248 0.2281 0.1804 0.0172  0.0103  -0.0244 19  GLU B CG  
325 C CD  . GLU B 19 ? 0.4147 0.4194 0.2316 0.0001  0.0533  0.0516  19  GLU B CD  
326 O OE1 . GLU B 19 ? 0.4321 0.3592 0.2696 -0.0500 -0.0091 0.0347  19  GLU B OE1 
327 O OE2 . GLU B 19 ? 0.4199 0.4663 0.3315 0.0831  0.0343  0.1377  19  GLU B OE2 
328 N N   . TRP B 20 ? 0.1249 0.0984 0.1277 0.0031  -0.0098 -0.0052 20  TRP B N   
329 C CA  . TRP B 20 ? 0.0944 0.0986 0.1264 0.0044  -0.0224 -0.0173 20  TRP B CA  
330 C C   . TRP B 20 ? 0.1239 0.1242 0.1202 0.0160  -0.0029 -0.0117 20  TRP B C   
331 O O   . TRP B 20 ? 0.1089 0.1472 0.1631 0.0296  0.0024  0.0115  20  TRP B O   
332 C CB  . TRP B 20 ? 0.1184 0.0831 0.1220 -0.0067 -0.0188 -0.0288 20  TRP B CB  
333 C CG  . TRP B 20 ? 0.1347 0.1240 0.1095 0.0007  -0.0298 -0.0167 20  TRP B CG  
334 C CD1 . TRP B 20 ? 0.1454 0.1531 0.1200 0.0023  -0.0260 -0.0049 20  TRP B CD1 
335 C CD2 . TRP B 20 ? 0.1658 0.1440 0.1040 0.0134  -0.0061 -0.0021 20  TRP B CD2 
336 N NE1 . TRP B 20 ? 0.1594 0.1709 0.1153 0.0000  -0.0351 0.0247  20  TRP B NE1 
337 C CE2 . TRP B 20 ? 0.1540 0.1440 0.1121 -0.0067 -0.0190 0.0026  20  TRP B CE2 
338 C CE3 . TRP B 20 ? 0.1545 0.1091 0.1348 0.0135  -0.0011 -0.0234 20  TRP B CE3 
339 C CZ2 . TRP B 20 ? 0.2065 0.1578 0.1079 0.0042  0.0134  0.0015  20  TRP B CZ2 
340 C CZ3 . TRP B 20 ? 0.1816 0.1548 0.1199 0.0093  -0.0046 -0.0045 20  TRP B CZ3 
341 C CH2 . TRP B 20 ? 0.1583 0.1786 0.1479 -0.0324 0.0122  0.0267  20  TRP B CH2 
342 N N   . VAL B 21 ? 0.1132 0.1174 0.0848 0.0056  0.0092  -0.0029 21  VAL B N   
343 C CA  . VAL B 21 ? 0.0974 0.0849 0.1087 -0.0169 -0.0082 -0.0087 21  VAL B CA  
344 C C   . VAL B 21 ? 0.1136 0.1130 0.1129 0.0116  0.0042  0.0008  21  VAL B C   
345 O O   . VAL B 21 ? 0.1157 0.1212 0.0962 0.0046  0.0129  -0.0098 21  VAL B O   
346 C CB  . VAL B 21 ? 0.1275 0.1203 0.0956 -0.0278 -0.0062 -0.0059 21  VAL B CB  
347 C CG1 . VAL B 21 ? 0.1675 0.1502 0.1349 -0.0084 -0.0020 0.0228  21  VAL B CG1 
348 C CG2 . VAL B 21 ? 0.1416 0.1460 0.1236 -0.0131 0.0004  -0.0130 21  VAL B CG2 
349 N N   . LEU B 22 ? 0.0920 0.1307 0.1018 0.0027  0.0047  0.0089  22  LEU B N   
350 C CA  . LEU B 22 ? 0.1070 0.1159 0.1024 -0.0075 0.0051  0.0062  22  LEU B CA  
351 C C   . LEU B 22 ? 0.0967 0.0953 0.1125 -0.0212 0.0058  -0.0134 22  LEU B C   
352 O O   . LEU B 22 ? 0.1449 0.1495 0.1117 -0.0081 -0.0096 0.0176  22  LEU B O   
353 C CB  . LEU B 22 ? 0.1301 0.1147 0.1379 -0.0010 0.0173  0.0227  22  LEU B CB  
354 C CG  . LEU B 22 ? 0.1446 0.1633 0.1441 -0.0048 -0.0024 0.0238  22  LEU B CG  
355 C CD1 . LEU B 22 ? 0.1535 0.1740 0.1994 -0.0057 0.0125  0.0324  22  LEU B CD1 
356 C CD2 . LEU B 22 ? 0.1589 0.1359 0.1457 -0.0013 -0.0165 0.0259  22  LEU B CD2 
357 N N   . LEU B 23 ? 0.1115 0.1187 0.0927 0.0075  0.0071  0.0209  23  LEU B N   
358 C CA  . LEU B 23 ? 0.0978 0.1081 0.1113 -0.0018 0.0086  0.0159  23  LEU B CA  
359 C C   . LEU B 23 ? 0.1431 0.1123 0.1090 -0.0031 0.0024  0.0131  23  LEU B C   
360 O O   . LEU B 23 ? 0.1384 0.1590 0.1504 0.0123  -0.0024 0.0271  23  LEU B O   
361 C CB  . LEU B 23 ? 0.1254 0.0888 0.0958 0.0079  -0.0055 -0.0101 23  LEU B CB  
362 C CG  . LEU B 23 ? 0.1240 0.1204 0.1055 0.0149  0.0007  0.0101  23  LEU B CG  
363 C CD1 . LEU B 23 ? 0.1283 0.1461 0.1561 0.0050  -0.0088 0.0057  23  LEU B CD1 
364 C CD2 . LEU B 23 ? 0.1424 0.1213 0.1102 0.0118  0.0142  0.0149  23  LEU B CD2 
365 N N   . SER B 24 ? 0.1626 0.1213 0.1456 -0.0046 0.0003  0.0206  24  SER B N   
366 C CA  . SER B 24 ? 0.1956 0.0905 0.1617 0.0086  -0.0099 -0.0011 24  SER B CA  
367 C C   . SER B 24 ? 0.1818 0.1770 0.1654 0.0225  0.0121  0.0045  24  SER B C   
368 O O   . SER B 24 ? 0.2448 0.2088 0.2243 -0.0073 -0.0195 0.0869  24  SER B O   
369 C CB  . SER B 24 ? 0.1915 0.1633 0.2086 -0.0128 -0.0139 0.0264  24  SER B CB  
370 O OG  . SER B 24 ? 0.1874 0.2220 0.2066 -0.0081 -0.0025 0.0490  24  SER B OG  
371 N N   . THR B 25 ? 0.1557 0.1566 0.1551 0.0115  0.0068  0.0286  25  THR B N   
372 C CA  . THR B 25 ? 0.1812 0.2379 0.1492 -0.0277 0.0230  0.0359  25  THR B CA  
373 C C   . THR B 25 ? 0.1864 0.2148 0.1532 -0.0128 0.0187  0.0475  25  THR B C   
374 O O   . THR B 25 ? 0.2154 0.2891 0.1579 0.0244  0.0181  0.0560  25  THR B O   
375 C CB  . THR B 25 ? 0.2165 0.3255 0.1966 0.0282  0.0316  0.0024  25  THR B CB  
376 O OG1 . THR B 25 ? 0.2444 0.3268 0.2698 0.0197  -0.0218 0.0339  25  THR B OG1 
377 C CG2 . THR B 25 ? 0.2966 0.3525 0.1888 0.0298  0.0154  0.0349  25  THR B CG2 
378 N N   . PHE B 26 ? 0.1694 0.1800 0.1270 -0.0100 0.0056  0.0251  26  PHE B N   
379 C CA  . PHE B 26 ? 0.1923 0.1629 0.1351 0.0006  -0.0125 0.0208  26  PHE B CA  
380 C C   . PHE B 26 ? 0.2077 0.1532 0.1687 -0.0051 -0.0004 0.0364  26  PHE B C   
381 O O   . PHE B 26 ? 0.2496 0.2367 0.2366 0.0486  -0.0498 0.0216  26  PHE B O   
382 C CB  . PHE B 26 ? 0.1767 0.2030 0.1366 -0.0025 -0.0075 0.0477  26  PHE B CB  
383 C CG  . PHE B 26 ? 0.1761 0.2121 0.1809 -0.0036 -0.0154 0.0170  26  PHE B CG  
384 C CD1 . PHE B 26 ? 0.1808 0.1422 0.1574 -0.0103 -0.0084 0.0208  26  PHE B CD1 
385 C CD2 . PHE B 26 ? 0.2376 0.2086 0.2228 0.0117  -0.0466 -0.0086 26  PHE B CD2 
386 C CE1 . PHE B 26 ? 0.2019 0.1696 0.1885 0.0079  -0.0047 0.0071  26  PHE B CE1 
387 C CE2 . PHE B 26 ? 0.2700 0.2170 0.2041 0.0035  -0.0218 -0.0343 26  PHE B CE2 
388 C CZ  . PHE B 26 ? 0.2343 0.1578 0.2351 -0.0015 -0.0037 -0.0188 26  PHE B CZ  
389 N N   . LEU B 27 ? 0.1545 0.2018 0.1816 0.0254  0.0013  0.0071  27  LEU B N   
390 C CA  . LEU B 27 ? 0.2119 0.1774 0.1974 0.0326  -0.0152 -0.0049 27  LEU B CA  
391 C C   . LEU B 27 ? 0.2935 0.1826 0.3194 0.0071  0.0295  0.0204  27  LEU B C   
392 O O   . LEU B 27 ? 0.3219 0.2275 0.3384 0.0298  0.0292  0.0128  27  LEU B O   
393 C CB  . LEU B 27 ? 0.2139 0.1720 0.1971 0.0351  -0.0223 -0.0224 27  LEU B CB  
394 C CG  . LEU B 27 ? 0.2468 0.2235 0.2603 0.0536  -0.0144 0.0326  27  LEU B CG  
395 C CD1 . LEU B 27 ? 0.3672 0.2469 0.2317 0.0747  0.0687  -0.0114 27  LEU B CD1 
396 C CD2 . LEU B 27 ? 0.2984 0.2492 0.3694 -0.0185 0.0343  0.0467  27  LEU B CD2 
397 N N   . PRO C 4  ? 0.2093 0.2416 0.5031 -0.0764 -0.0682 -0.0264 4   PRO C N   
398 C CA  . PRO C 4  ? 0.2541 0.2320 0.3518 0.0653  -0.0115 0.0487  4   PRO C CA  
399 C C   . PRO C 4  ? 0.1861 0.1662 0.2494 -0.0074 0.0143  0.0304  4   PRO C C   
400 O O   . PRO C 4  ? 0.2137 0.1614 0.4104 -0.0089 0.0524  0.0874  4   PRO C O   
401 C CB  . PRO C 4  ? 0.3916 0.3301 0.4262 0.0019  -0.0364 -0.0067 4   PRO C CB  
402 C CG  . PRO C 4  ? 0.3848 0.4019 0.4731 0.0399  -0.0480 -0.0907 4   PRO C CG  
403 C CD  . PRO C 4  ? 0.4117 0.4042 0.3671 -0.0595 -0.1170 0.0475  4   PRO C CD  
404 N N   . GLU C 5  ? 0.1678 0.1664 0.1910 0.0147  0.0039  0.0235  5   GLU C N   
405 C CA  . GLU C 5  ? 0.1602 0.1751 0.1582 0.0151  0.0235  0.0290  5   GLU C CA  
406 C C   . GLU C 5  ? 0.1681 0.1751 0.1333 -0.0034 -0.0175 0.0213  5   GLU C C   
407 O O   . GLU C 5  ? 0.1733 0.1552 0.1412 0.0167  -0.0380 0.0224  5   GLU C O   
408 C CB  . GLU C 5  ? 0.1756 0.1555 0.1570 0.0044  -0.0005 0.0354  5   GLU C CB  
409 C CG  . GLU C 5  ? 0.1604 0.1571 0.1750 -0.0053 0.0103  0.0160  5   GLU C CG  
410 C CD  . GLU C 5  ? 0.2111 0.1662 0.1778 -0.0126 0.0096  0.0228  5   GLU C CD  
411 O OE1 . GLU C 5  ? 0.3281 0.1980 0.1409 -0.0258 -0.0184 0.0149  5   GLU C OE1 
412 O OE2 . GLU C 5  ? 0.2119 0.1571 0.1417 0.0011  0.0011  0.0259  5   GLU C OE2 
413 N N   . ALA C 6  ? 0.1364 0.1406 0.1262 0.0008  -0.0060 0.0123  6   ALA C N   
414 C CA  . ALA C 6  ? 0.1296 0.1433 0.1132 0.0082  0.0046  0.0236  6   ALA C CA  
415 C C   . ALA C 6  ? 0.1386 0.1536 0.1313 0.0024  0.0061  0.0132  6   ALA C C   
416 O O   . ALA C 6  ? 0.1400 0.1493 0.1501 0.0050  0.0130  0.0180  6   ALA C O   
417 C CB  . ALA C 6  ? 0.1697 0.1575 0.1102 -0.0065 0.0055  0.0257  6   ALA C CB  
418 N N   . PRO C 7  ? 0.1321 0.1383 0.1177 0.0037  0.0121  0.0178  7   PRO C N   
419 C CA  . PRO C 7  ? 0.1345 0.1448 0.1358 -0.0133 0.0242  0.0343  7   PRO C CA  
420 C C   . PRO C 7  ? 0.1435 0.1463 0.1303 0.0276  0.0108  0.0008  7   PRO C C   
421 O O   . PRO C 7  ? 0.1492 0.1741 0.1407 0.0294  -0.0261 0.0307  7   PRO C O   
422 C CB  . PRO C 7  ? 0.1685 0.1706 0.1338 -0.0019 0.0297  0.0181  7   PRO C CB  
423 C CG  . PRO C 7  ? 0.1773 0.1481 0.1669 -0.0051 -0.0064 0.0135  7   PRO C CG  
424 C CD  . PRO C 7  ? 0.1329 0.1484 0.1795 -0.0040 0.0043  0.0280  7   PRO C CD  
425 N N   . ARG C 8  ? 0.1475 0.1868 0.1974 0.0169  -0.0075 0.0104  8   ARG C N   
426 C CA  . ARG C 8  ? 0.1540 0.1805 0.2036 -0.0009 -0.0132 0.0183  8   ARG C CA  
427 C C   . ARG C 8  ? 0.1519 0.2251 0.1740 0.0120  -0.0069 0.0355  8   ARG C C   
428 O O   . ARG C 8  ? 0.1855 0.1759 0.1774 0.0209  0.0132  0.0044  8   ARG C O   
429 C CB  . ARG C 8  ? 0.1494 0.1937 0.2286 -0.0019 0.0012  0.0382  8   ARG C CB  
430 C CG  . ARG C 8  ? 0.1492 0.2323 0.2426 0.0145  -0.0161 0.0240  8   ARG C CG  
431 C CD  . ARG C 8  ? 0.3348 0.1976 0.4205 0.0428  -0.0045 -0.0080 8   ARG C CD  
432 N NE  . ARG C 8  ? 0.4451 0.4602 0.4484 -0.0557 0.0226  0.0374  8   ARG C NE  
433 C CZ  . ARG C 8  ? 0.4908 0.6405 0.5820 -0.0763 -0.0436 0.0221  8   ARG C CZ  
434 N NH1 . ARG C 8  ? 0.7655 0.6908 0.5634 -0.1047 -0.0185 0.0326  8   ARG C NH1 
435 N NH2 . ARG C 8  ? 0.5451 0.6341 0.7030 -0.0734 0.0454  0.0689  8   ARG C NH2 
436 N N   . ASP C 9  ? 0.1574 0.1633 0.1932 0.0053  0.0024  -0.0143 9   ASP C N   
437 C CA  . ASP C 9  ? 0.1354 0.1929 0.1764 0.0223  0.0019  -0.0020 9   ASP C CA  
438 C C   . ASP C 9  ? 0.1738 0.1303 0.1833 -0.0050 0.0025  0.0113  9   ASP C C   
439 O O   . ASP C 9  ? 0.1441 0.1491 0.1676 0.0131  0.0227  -0.0170 9   ASP C O   
440 C CB  . ASP C 9  ? 0.1524 0.1565 0.1626 0.0156  0.0245  0.0052  9   ASP C CB  
441 C CG  . ASP C 9  ? 0.1441 0.1898 0.1843 0.0208  0.0303  0.0033  9   ASP C CG  
442 O OD1 . ASP C 9  ? 0.1541 0.2118 0.2303 0.0172  0.0097  0.0188  9   ASP C OD1 
443 O OD2 . ASP C 9  ? 0.1429 0.1867 0.1878 -0.0008 0.0126  0.0215  9   ASP C OD2 
444 N N   . GLY C 10 ? 0.1534 0.1640 0.1992 0.0228  0.0214  0.0014  10  GLY C N   
445 C CA  . GLY C 10 ? 0.1851 0.1990 0.1944 0.0021  -0.0093 0.0005  10  GLY C CA  
446 C C   . GLY C 10 ? 0.1547 0.1998 0.1612 0.0054  -0.0273 0.0268  10  GLY C C   
447 O O   . GLY C 10 ? 0.1523 0.2747 0.2194 0.0011  -0.0436 0.0744  10  GLY C O   
448 N N   . GLN C 11 ? 0.1364 0.1737 0.1338 0.0107  0.0061  0.0087  11  GLN C N   
449 C CA  . GLN C 11 ? 0.1239 0.1657 0.1339 0.0192  -0.0023 0.0208  11  GLN C CA  
450 C C   . GLN C 11 ? 0.1166 0.1412 0.1081 0.0069  -0.0103 0.0117  11  GLN C C   
451 O O   . GLN C 11 ? 0.1223 0.1431 0.1270 0.0006  0.0077  0.0203  11  GLN C O   
452 C CB  . GLN C 11 ? 0.1637 0.1736 0.1555 -0.0154 0.0035  0.0093  11  GLN C CB  
453 C CG  . GLN C 11 ? 0.1703 0.2577 0.2501 0.0157  0.0313  -0.0042 11  GLN C CG  
454 C CD  . GLN C 11 ? 0.2853 0.3379 0.3644 -0.0508 0.0090  -0.0164 11  GLN C CD  
455 O OE1 . GLN C 11 ? 0.4133 0.7457 0.3805 0.0011  0.0484  0.0044  11  GLN C OE1 
456 N NE2 . GLN C 11 ? 0.4245 0.3554 0.5131 0.0873  0.0208  0.0529  11  GLN C NE2 
457 N N   . ALA C 12 ? 0.1026 0.1233 0.1303 -0.0068 -0.0113 0.0127  12  ALA C N   
458 C CA  . ALA C 12 ? 0.1057 0.0974 0.1169 -0.0064 -0.0074 0.0108  12  ALA C CA  
459 C C   . ALA C 12 ? 0.0998 0.0966 0.0720 -0.0050 0.0150  0.0008  12  ALA C C   
460 O O   . ALA C 12 ? 0.1051 0.1055 0.1222 -0.0130 -0.0004 -0.0045 12  ALA C O   
461 C CB  . ALA C 12 ? 0.1284 0.1633 0.1206 0.0076  0.0016  0.0231  12  ALA C CB  
462 N N   . TYR C 13 ? 0.1172 0.0877 0.0870 0.0026  -0.0098 0.0047  13  TYR C N   
463 C CA  . TYR C 13 ? 0.0983 0.0898 0.1008 -0.0134 0.0066  0.0144  13  TYR C CA  
464 C C   . TYR C 13 ? 0.1205 0.1176 0.0886 0.0061  -0.0003 0.0064  13  TYR C C   
465 O O   . TYR C 13 ? 0.0966 0.1279 0.1034 -0.0027 0.0018  -0.0073 13  TYR C O   
466 C CB  . TYR C 13 ? 0.0877 0.1082 0.1018 -0.0156 -0.0063 0.0123  13  TYR C CB  
467 C CG  . TYR C 13 ? 0.0931 0.1000 0.1005 0.0015  -0.0065 0.0083  13  TYR C CG  
468 C CD1 . TYR C 13 ? 0.0949 0.1053 0.0922 -0.0017 -0.0115 -0.0042 13  TYR C CD1 
469 C CD2 . TYR C 13 ? 0.1266 0.1210 0.0954 -0.0123 -0.0011 -0.0018 13  TYR C CD2 
470 C CE1 . TYR C 13 ? 0.1026 0.1311 0.1020 -0.0019 0.0088  0.0072  13  TYR C CE1 
471 C CE2 . TYR C 13 ? 0.1394 0.1371 0.1057 0.0037  -0.0037 -0.0024 13  TYR C CE2 
472 C CZ  . TYR C 13 ? 0.1292 0.1263 0.1113 0.0058  -0.0055 0.0134  13  TYR C CZ  
473 O OH  . TYR C 13 ? 0.1613 0.1553 0.1387 0.0010  0.0235  0.0080  13  TYR C OH  
474 N N   . VAL C 14 ? 0.1095 0.1176 0.1127 0.0159  -0.0024 0.0025  14  VAL C N   
475 C CA  . VAL C 14 ? 0.1037 0.0932 0.0913 -0.0193 -0.0051 -0.0064 14  VAL C CA  
476 C C   . VAL C 14 ? 0.1061 0.0928 0.1021 0.0113  -0.0033 0.0186  14  VAL C C   
477 O O   . VAL C 14 ? 0.1094 0.1257 0.1000 0.0126  0.0014  0.0206  14  VAL C O   
478 C CB  . VAL C 14 ? 0.1031 0.1034 0.1317 0.0008  -0.0122 0.0221  14  VAL C CB  
479 C CG1 . VAL C 14 ? 0.1109 0.1346 0.1276 -0.0012 -0.0111 0.0048  14  VAL C CG1 
480 C CG2 . VAL C 14 ? 0.1149 0.1317 0.1303 0.0125  0.0067  -0.0050 14  VAL C CG2 
481 N N   . ARG C 15 ? 0.1024 0.1053 0.0848 0.0010  -0.0051 0.0012  15  ARG C N   
482 C CA  . ARG C 15 ? 0.1240 0.1230 0.1077 0.0290  -0.0123 0.0172  15  ARG C CA  
483 C C   . ARG C 15 ? 0.1111 0.1311 0.0898 0.0347  -0.0031 -0.0060 15  ARG C C   
484 O O   . ARG C 15 ? 0.1075 0.1357 0.1057 -0.0052 0.0046  0.0028  15  ARG C O   
485 C CB  . ARG C 15 ? 0.1376 0.1239 0.1294 0.0184  -0.0072 -0.0051 15  ARG C CB  
486 C CG  . ARG C 15 ? 0.1385 0.1322 0.1200 0.0049  -0.0034 0.0116  15  ARG C CG  
487 C CD  . ARG C 15 ? 0.1552 0.1800 0.1066 0.0193  -0.0024 0.0042  15  ARG C CD  
488 N NE  . ARG C 15 ? 0.1363 0.1322 0.1301 0.0239  -0.0002 0.0018  15  ARG C NE  
489 C CZ  . ARG C 15 ? 0.1404 0.1608 0.1342 0.0125  -0.0042 0.0148  15  ARG C CZ  
490 N NH1 . ARG C 15 ? 0.1491 0.1807 0.1788 0.0236  0.0090  0.0145  15  ARG C NH1 
491 N NH2 . ARG C 15 ? 0.1352 0.1968 0.1320 0.0355  -0.0006 0.0159  15  ARG C NH2 
492 N N   . LYS C 16 ? 0.1362 0.1333 0.1041 0.0102  -0.0188 -0.0064 16  LYS C N   
493 C CA  . LYS C 16 ? 0.1408 0.1274 0.1156 0.0095  -0.0179 -0.0245 16  LYS C CA  
494 C C   . LYS C 16 ? 0.1102 0.1283 0.1206 0.0324  0.0031  0.0049  16  LYS C C   
495 O O   . LYS C 16 ? 0.1379 0.1727 0.1085 0.0065  -0.0022 0.0118  16  LYS C O   
496 C CB  . LYS C 16 ? 0.1355 0.1561 0.1297 0.0132  -0.0224 -0.0069 16  LYS C CB  
497 C CG  . LYS C 16 ? 0.1985 0.1514 0.1514 0.0056  -0.0101 -0.0169 16  LYS C CG  
498 C CD  . LYS C 16 ? 0.2065 0.1847 0.2011 0.0193  -0.0077 0.0129  16  LYS C CD  
499 C CE  . LYS C 16 ? 0.2824 0.2681 0.3541 -0.0457 0.0081  0.0112  16  LYS C CE  
500 N NZ  . LYS C 16 ? 0.3235 0.2557 0.3334 -0.0305 0.0303  0.0307  16  LYS C NZ  
501 N N   . ASP C 17 ? 0.1106 0.1572 0.1404 0.0040  -0.0155 -0.0096 17  ASP C N   
502 C CA  . ASP C 17 ? 0.1278 0.1956 0.1553 -0.0011 -0.0378 -0.0023 17  ASP C CA  
503 C C   . ASP C 17 ? 0.1395 0.1872 0.1525 0.0002  0.0048  -0.0219 17  ASP C C   
504 O O   . ASP C 17 ? 0.1785 0.2002 0.1437 0.0194  -0.0210 0.0049  17  ASP C O   
505 C CB  . ASP C 17 ? 0.2238 0.2156 0.1763 -0.0150 -0.0271 -0.0060 17  ASP C CB  
506 C CG  . ASP C 17 ? 0.2314 0.2528 0.2000 -0.0138 -0.0246 0.0282  17  ASP C CG  
507 O OD1 . ASP C 17 ? 0.2248 0.2628 0.2510 -0.0088 -0.0022 0.0632  17  ASP C OD1 
508 O OD2 . ASP C 17 ? 0.3827 0.2779 0.4475 0.0444  -0.0139 0.0199  17  ASP C OD2 
509 N N   . GLY C 18 ? 0.1373 0.1617 0.1230 0.0095  -0.0029 -0.0035 18  GLY C N   
510 C CA  . GLY C 18 ? 0.1448 0.1401 0.1700 0.0079  -0.0224 0.0078  18  GLY C CA  
511 C C   . GLY C 18 ? 0.1608 0.1527 0.1213 0.0198  -0.0034 0.0113  18  GLY C C   
512 O O   . GLY C 18 ? 0.1689 0.1653 0.1549 0.0192  -0.0129 0.0482  18  GLY C O   
513 N N   . GLU C 19 ? 0.1373 0.1566 0.1507 0.0194  0.0036  0.0186  19  GLU C N   
514 C CA  . GLU C 19 ? 0.1299 0.1419 0.1354 -0.0162 -0.0050 0.0144  19  GLU C CA  
515 C C   . GLU C 19 ? 0.1264 0.1289 0.1262 0.0065  0.0005  -0.0044 19  GLU C C   
516 O O   . GLU C 19 ? 0.1171 0.1555 0.1234 -0.0155 0.0042  -0.0025 19  GLU C O   
517 C CB  . GLU C 19 ? 0.1394 0.2205 0.1376 0.0136  0.0134  -0.0258 19  GLU C CB  
518 C CG  . GLU C 19 ? 0.3577 0.2973 0.3614 0.0284  0.0167  0.0221  19  GLU C CG  
519 C CD  . GLU C 19 ? 0.4125 0.4011 0.3615 -0.0019 -0.0277 -0.0484 19  GLU C CD  
520 O OE1 . GLU C 19 ? 0.3189 0.3371 0.3402 -0.0596 -0.0601 -0.1028 19  GLU C OE1 
521 O OE2 . GLU C 19 ? 0.3960 0.4813 0.3710 -0.0640 -0.0286 -0.0547 19  GLU C OE2 
522 N N   . TRP C 20 ? 0.1230 0.1451 0.1075 -0.0034 -0.0077 0.0189  20  TRP C N   
523 C CA  . TRP C 20 ? 0.1289 0.1346 0.1029 0.0085  -0.0164 0.0032  20  TRP C CA  
524 C C   . TRP C 20 ? 0.1226 0.1464 0.1184 0.0114  -0.0185 0.0103  20  TRP C C   
525 O O   . TRP C 20 ? 0.1796 0.1538 0.1119 0.0142  0.0078  0.0150  20  TRP C O   
526 C CB  . TRP C 20 ? 0.1234 0.1512 0.1392 0.0162  -0.0094 0.0236  20  TRP C CB  
527 C CG  . TRP C 20 ? 0.1163 0.1442 0.1341 -0.0098 0.0063  0.0162  20  TRP C CG  
528 C CD1 . TRP C 20 ? 0.1293 0.1437 0.1850 -0.0143 0.0018  0.0277  20  TRP C CD1 
529 C CD2 . TRP C 20 ? 0.1094 0.1103 0.1462 -0.0032 0.0057  -0.0005 20  TRP C CD2 
530 N NE1 . TRP C 20 ? 0.1467 0.1358 0.1877 0.0027  0.0030  0.0270  20  TRP C NE1 
531 C CE2 . TRP C 20 ? 0.1341 0.1269 0.1747 0.0075  -0.0087 0.0057  20  TRP C CE2 
532 C CE3 . TRP C 20 ? 0.1584 0.1320 0.1470 0.0016  -0.0064 0.0106  20  TRP C CE3 
533 C CZ2 . TRP C 20 ? 0.1503 0.1202 0.2027 -0.0060 -0.0125 -0.0123 20  TRP C CZ2 
534 C CZ3 . TRP C 20 ? 0.1582 0.1409 0.1879 -0.0067 -0.0371 -0.0251 20  TRP C CZ3 
535 C CH2 . TRP C 20 ? 0.1604 0.1405 0.1848 0.0032  -0.0004 -0.0247 20  TRP C CH2 
536 N N   . VAL C 21 ? 0.0865 0.1230 0.1213 0.0017  -0.0112 0.0035  21  VAL C N   
537 C CA  . VAL C 21 ? 0.1088 0.1183 0.0988 -0.0050 -0.0012 0.0051  21  VAL C CA  
538 C C   . VAL C 21 ? 0.1040 0.1203 0.0979 0.0105  0.0028  0.0011  21  VAL C C   
539 O O   . VAL C 21 ? 0.1053 0.1341 0.1109 0.0196  0.0012  -0.0123 21  VAL C O   
540 C CB  . VAL C 21 ? 0.1298 0.0921 0.1443 -0.0247 -0.0166 -0.0268 21  VAL C CB  
541 C CG1 . VAL C 21 ? 0.1103 0.1613 0.1372 -0.0012 0.0140  -0.0038 21  VAL C CG1 
542 C CG2 . VAL C 21 ? 0.2134 0.1925 0.1778 -0.0179 0.0104  -0.0366 21  VAL C CG2 
543 N N   . LEU C 22 ? 0.1148 0.1237 0.0871 0.0109  -0.0070 -0.0051 22  LEU C N   
544 C CA  . LEU C 22 ? 0.0864 0.0894 0.1240 -0.0134 -0.0141 0.0084  22  LEU C CA  
545 C C   . LEU C 22 ? 0.1100 0.1151 0.1047 0.0092  -0.0109 0.0001  22  LEU C C   
546 O O   . LEU C 22 ? 0.1476 0.1122 0.1235 0.0022  -0.0144 -0.0129 22  LEU C O   
547 C CB  . LEU C 22 ? 0.1139 0.1323 0.1349 0.0165  -0.0168 0.0054  22  LEU C CB  
548 C CG  . LEU C 22 ? 0.1541 0.1823 0.1275 0.0208  0.0037  -0.0008 22  LEU C CG  
549 C CD1 . LEU C 22 ? 0.1700 0.1853 0.1662 0.0370  0.0037  0.0112  22  LEU C CD1 
550 C CD2 . LEU C 22 ? 0.1822 0.1794 0.1466 0.0089  0.0003  0.0167  22  LEU C CD2 
551 N N   . LEU C 23 ? 0.1192 0.1024 0.1094 0.0020  -0.0079 -0.0008 23  LEU C N   
552 C CA  . LEU C 23 ? 0.0942 0.1191 0.0995 0.0123  -0.0002 0.0058  23  LEU C CA  
553 C C   . LEU C 23 ? 0.1262 0.1089 0.1037 -0.0064 -0.0270 0.0124  23  LEU C C   
554 O O   . LEU C 23 ? 0.1567 0.1526 0.1283 -0.0098 0.0088  0.0276  23  LEU C O   
555 C CB  . LEU C 23 ? 0.1105 0.1344 0.1060 -0.0008 0.0008  0.0155  23  LEU C CB  
556 C CG  . LEU C 23 ? 0.1384 0.1448 0.0994 0.0079  0.0166  0.0017  23  LEU C CG  
557 C CD1 . LEU C 23 ? 0.1192 0.1668 0.1055 0.0180  -0.0036 0.0023  23  LEU C CD1 
558 C CD2 . LEU C 23 ? 0.1370 0.1751 0.1398 0.0020  -0.0248 -0.0059 23  LEU C CD2 
559 N N   . SER C 24 ? 0.1292 0.1287 0.1569 -0.0007 -0.0179 0.0047  24  SER C N   
560 C CA  . SER C 24 ? 0.1700 0.1350 0.1405 0.0311  -0.0182 -0.0168 24  SER C CA  
561 C C   . SER C 24 ? 0.1949 0.1172 0.1601 0.0214  0.0020  -0.0245 24  SER C C   
562 O O   . SER C 24 ? 0.2524 0.1300 0.2406 0.0539  0.0079  0.0111  24  SER C O   
563 C CB  . SER C 24 ? 0.1743 0.1463 0.2039 0.0372  -0.0014 -0.0354 24  SER C CB  
564 O OG  . SER C 24 ? 0.2394 0.1835 0.2028 0.0428  0.0247  -0.0187 24  SER C OG  
565 N N   . THR C 25 ? 0.2296 0.1589 0.1403 0.0219  0.0051  0.0252  25  THR C N   
566 C CA  . THR C 25 ? 0.2411 0.2070 0.1792 -0.0003 0.0282  -0.0322 25  THR C CA  
567 C C   . THR C 25 ? 0.2440 0.1526 0.1844 0.0041  0.0232  -0.0231 25  THR C C   
568 O O   . THR C 25 ? 0.3426 0.1372 0.2127 -0.0123 0.0093  -0.0217 25  THR C O   
569 C CB  . THR C 25 ? 0.3268 0.2470 0.2010 -0.0328 -0.0258 -0.0183 25  THR C CB  
570 O OG1 . THR C 25 ? 0.4125 0.3445 0.2125 -0.1283 -0.0483 -0.0139 25  THR C OG1 
571 C CG2 . THR C 25 ? 0.3151 0.2338 0.1839 -0.0639 -0.0065 0.0369  25  THR C CG2 
572 N N   . PHE C 26 ? 0.1924 0.1325 0.1895 0.0016  0.0052  -0.0226 26  PHE C N   
573 C CA  . PHE C 26 ? 0.1667 0.1449 0.1999 -0.0200 -0.0177 -0.0042 26  PHE C CA  
574 C C   . PHE C 26 ? 0.2189 0.1696 0.1826 0.0009  -0.0018 0.0024  26  PHE C C   
575 O O   . PHE C 26 ? 0.2418 0.1978 0.2585 -0.0243 -0.0071 0.0580  26  PHE C O   
576 C CB  . PHE C 26 ? 0.1969 0.1370 0.1878 -0.0204 0.0100  0.0164  26  PHE C CB  
577 C CG  . PHE C 26 ? 0.2040 0.1829 0.2012 -0.0091 0.0026  0.0319  26  PHE C CG  
578 C CD1 . PHE C 26 ? 0.1688 0.1595 0.1754 -0.0074 -0.0109 0.0156  26  PHE C CD1 
579 C CD2 . PHE C 26 ? 0.2173 0.2433 0.2231 -0.0310 0.0010  0.0665  26  PHE C CD2 
580 C CE1 . PHE C 26 ? 0.1984 0.1728 0.1949 0.0201  -0.0066 0.0093  26  PHE C CE1 
581 C CE2 . PHE C 26 ? 0.1868 0.2953 0.2899 -0.0373 -0.0357 0.0463  26  PHE C CE2 
582 C CZ  . PHE C 26 ? 0.1817 0.2565 0.2368 0.0254  -0.0319 0.0268  26  PHE C CZ  
583 N N   . LEU C 27 ? 0.2215 0.2035 0.1798 0.0123  0.0007  0.0272  27  LEU C N   
584 C CA  . LEU C 27 ? 0.2282 0.2115 0.2099 -0.0003 -0.0434 -0.0036 27  LEU C CA  
585 C C   . LEU C 27 ? 0.2930 0.2356 0.2912 0.0491  -0.0225 0.0186  27  LEU C C   
586 O O   . LEU C 27 ? 0.3547 0.2837 0.2910 0.0069  -0.0248 0.0431  27  LEU C O   
587 C CB  . LEU C 27 ? 0.2292 0.2082 0.2049 -0.0180 -0.0165 0.0493  27  LEU C CB  
588 C CG  . LEU C 27 ? 0.2670 0.2255 0.2746 0.0166  -0.0360 0.0465  27  LEU C CG  
589 C CD1 . LEU C 27 ? 0.3154 0.2973 0.3586 -0.0125 -0.1101 0.0345  27  LEU C CD1 
590 C CD2 . LEU C 27 ? 0.3655 0.3212 0.2760 0.0120  0.0082  -0.0339 27  LEU C CD2 
591 C C11 . 2KN D .  ? 0.3605 0.2594 0.3769 -0.0332 0.0183  0.0110  101 2KN B C11 
592 C C10 . 2KN D .  ? 0.3013 0.3032 0.2755 0.0109  -0.0387 0.0350  101 2KN B C10 
593 N N9  . 2KN D .  ? 0.3125 0.2528 0.3254 0.0354  0.0148  -0.0186 101 2KN B N9  
594 C C7  . 2KN D .  ? 0.2366 0.2616 0.2997 0.0058  0.0093  -0.0133 101 2KN B C7  
595 O O8  . 2KN D .  ? 0.2597 0.2907 0.3880 -0.0794 0.0376  -0.0209 101 2KN B O8  
596 C C4  . 2KN D .  ? 0.2182 0.3162 0.1990 0.0176  -0.0222 0.0317  101 2KN B C4  
597 C C5  . 2KN D .  ? 0.2557 0.1981 0.2407 -0.0136 -0.0083 -0.0137 101 2KN B C5  
598 C C3  . 2KN D .  ? 0.2307 0.2565 0.2503 0.0243  -0.0256 0.0033  101 2KN B C3  
599 C C2  . 2KN D .  ? 0.2849 0.2075 0.2050 -0.0148 0.0105  0.0181  101 2KN B C2  
600 C C17 . 2KN D .  ? 0.2944 0.2982 0.2453 -0.0290 -0.0107 0.0273  101 2KN B C17 
601 O O18 . 2KN D .  ? 0.3020 0.3543 0.3233 -0.0309 0.0376  -0.0329 101 2KN B O18 
602 N N19 . 2KN D .  ? 0.2507 0.2824 0.2769 0.0196  -0.0072 -0.0188 101 2KN B N19 
603 C C20 . 2KN D .  ? 0.2598 0.2708 0.2945 -0.0039 -0.0154 0.0130  101 2KN B C20 
604 C C21 . 2KN D .  ? 0.2557 0.2805 0.3095 0.0231  -0.0268 -0.0083 101 2KN B C21 
605 C C1  . 2KN D .  ? 0.2513 0.2880 0.1974 -0.0205 -0.0145 0.0053  101 2KN B C1  
606 C C6  . 2KN D .  ? 0.2172 0.1674 0.2686 0.0217  -0.0211 -0.0138 101 2KN B C6  
607 C C12 . 2KN D .  ? 0.2569 0.2561 0.2599 -0.0192 0.0016  0.0010  101 2KN B C12 
608 O O13 . 2KN D .  ? 0.3069 0.4189 0.2651 -0.0974 -0.0118 -0.0236 101 2KN B O13 
609 N N14 . 2KN D .  ? 0.2792 0.2297 0.2844 -0.0555 0.0035  0.0190  101 2KN B N14 
610 C C15 . 2KN D .  ? 0.2781 0.2641 0.3016 0.0453  0.0078  -0.0072 101 2KN B C15 
611 C C16 . 2KN D .  ? 0.3285 0.3248 0.3202 0.0279  0.0433  0.0549  101 2KN B C16 
612 O O   . HOH E .  ? 0.1062 0.1681 0.1220 -0.0094 -0.0178 0.0183  101 HOH A O   
613 O O   . HOH E .  ? 0.1504 0.1738 0.1579 0.0102  -0.0053 0.0406  102 HOH A O   
614 O O   . HOH E .  ? 0.1549 0.1267 0.1414 0.0121  0.0020  0.0338  103 HOH A O   
615 O O   . HOH E .  ? 0.1573 0.1700 0.1101 0.0225  -0.0143 -0.0017 104 HOH A O   
616 O O   . HOH E .  ? 0.2437 0.1810 0.2415 0.0365  -0.0069 0.0275  105 HOH A O   
617 O O   . HOH E .  ? 0.2138 0.2626 0.1636 -0.0162 0.0003  0.0508  106 HOH A O   
618 O O   . HOH E .  ? 0.2649 0.1819 0.3090 -0.0258 0.0240  0.0286  107 HOH A O   
619 O O   . HOH E .  ? 0.2312 0.1954 0.1436 -0.0063 0.0001  0.0292  108 HOH A O   
620 O O   . HOH E .  ? 0.5151 0.0874 0.1988 0.0324  -0.0237 0.0195  109 HOH A O   
621 O O   . HOH E .  ? 0.1621 0.2700 0.2411 0.0556  -0.0159 -0.0677 110 HOH A O   
622 O O   . HOH E .  ? 0.2549 0.3246 0.4601 0.1372  0.0670  0.0785  111 HOH A O   
623 O O   . HOH E .  ? 0.5016 0.2152 0.3409 -0.0059 0.0603  -0.0358 112 HOH A O   
624 O O   . HOH E .  ? 0.4363 0.1759 0.2137 0.0107  -0.0482 0.0424  113 HOH A O   
625 O O   . HOH E .  ? 0.2356 0.1816 0.3507 -0.0098 -0.0445 0.0066  114 HOH A O   
626 O O   . HOH E .  ? 0.2152 0.3337 0.2916 0.0056  -0.0303 0.0053  115 HOH A O   
627 O O   . HOH E .  ? 0.1961 0.4243 0.2866 -0.0207 -0.0251 -0.1244 116 HOH A O   
628 O O   . HOH E .  ? 0.3846 0.2564 0.3317 -0.0102 -0.0686 -0.0105 117 HOH A O   
629 O O   . HOH E .  ? 0.3436 0.2412 0.3203 -0.0807 -0.0355 -0.0729 118 HOH A O   
630 O O   . HOH E .  ? 0.2913 0.2258 0.3015 -0.0009 0.0295  0.0479  119 HOH A O   
631 O O   . HOH E .  ? 0.2360 0.2307 0.4787 -0.0265 -0.0358 0.0054  120 HOH A O   
632 O O   . HOH E .  ? 0.4509 0.2345 0.4934 0.0066  0.0684  -0.1246 121 HOH A O   
633 O O   . HOH E .  ? 0.5478 0.5201 0.3521 -0.1348 0.0513  -0.0754 122 HOH A O   
634 O O   . HOH E .  ? 0.2534 0.3458 0.3678 0.0127  -0.0211 0.1423  123 HOH A O   
635 O O   . HOH E .  ? 0.7283 0.6583 0.2797 0.2064  0.0689  -0.0049 124 HOH A O   
636 O O   . HOH E .  ? 0.3755 0.4614 0.6486 0.1198  -0.0927 -0.0791 125 HOH A O   
637 O O   . HOH E .  ? 0.6048 0.2973 0.3921 -0.0984 -0.1064 0.0593  126 HOH A O   
638 O O   . HOH E .  ? 0.5628 0.2199 0.3126 0.0284  0.0003  0.0260  127 HOH A O   
639 O O   . HOH E .  ? 0.2718 0.4141 0.3836 -0.0557 0.0453  0.0455  128 HOH A O   
640 O O   . HOH E .  ? 0.4387 0.2860 0.4392 0.0089  -0.0662 0.1375  129 HOH A O   
641 O O   . HOH E .  ? 0.1458 0.6486 0.9556 0.2655  0.1086  0.0621  130 HOH A O   
642 O O   . HOH E .  ? 0.5236 0.4854 0.4389 0.0444  0.0204  0.1862  131 HOH A O   
643 O O   . HOH E .  ? 0.3286 0.5220 0.7216 -0.1221 -0.1287 0.0897  132 HOH A O   
644 O O   . HOH E .  ? 0.4121 0.3926 0.4333 0.0595  0.1264  0.0187  133 HOH A O   
645 O O   . HOH E .  ? 0.6148 0.8462 0.4263 0.1133  0.0974  -0.1041 134 HOH A O   
646 O O   . HOH E .  ? 0.3684 0.5330 0.5090 0.1460  -0.0387 0.0736  135 HOH A O   
647 O O   . HOH E .  ? 0.5917 0.3340 0.3339 -0.1144 -0.0544 -0.0135 136 HOH A O   
648 O O   . HOH E .  ? 0.7690 0.3274 0.4418 -0.0110 0.0881  -0.0372 137 HOH A O   
649 O O   . HOH E .  ? 0.4658 0.4570 0.8991 0.0179  0.0463  -0.0419 138 HOH A O   
650 O O   . HOH E .  ? 0.5145 0.5153 0.5590 0.1677  0.0563  0.1542  139 HOH A O   
651 O O   . HOH E .  ? 0.6512 0.5217 0.6489 -0.0195 -0.0398 0.2225  140 HOH A O   
652 O O   . HOH E .  ? 0.4983 0.3672 0.4493 0.1344  0.0317  -0.0977 141 HOH A O   
653 O O   . HOH E .  ? 0.9928 0.6747 0.4324 0.2766  -0.0328 0.2483  142 HOH A O   
654 O O   . HOH E .  ? 0.2272 0.7883 0.2400 0.0427  0.0166  0.0891  143 HOH A O   
655 O O   . HOH E .  ? 0.7866 0.7383 1.0232 -0.1298 0.2162  0.1344  144 HOH A O   
656 O O   . HOH F .  ? 0.1658 0.1585 0.1406 0.0302  0.0081  0.0081  201 HOH B O   
657 O O   . HOH F .  ? 0.1196 0.1864 0.1223 -0.0026 0.0117  0.0132  202 HOH B O   
658 O O   . HOH F .  ? 0.1412 0.1380 0.1537 0.0166  -0.0021 0.0171  203 HOH B O   
659 O O   . HOH F .  ? 0.1521 0.1356 0.1814 -0.0331 -0.0249 0.0184  204 HOH B O   
660 O O   . HOH F .  ? 0.3145 0.1540 0.2310 0.0357  -0.0012 0.0536  205 HOH B O   
661 O O   . HOH F .  ? 0.2104 0.1373 0.2317 -0.0001 -0.0380 -0.0045 206 HOH B O   
662 O O   . HOH F .  ? 0.2012 0.2210 0.3295 0.0611  -0.0578 -0.0152 207 HOH B O   
663 O O   . HOH F .  ? 0.2302 0.1599 0.2258 -0.0038 0.0306  -0.0085 208 HOH B O   
664 O O   . HOH F .  ? 0.3872 0.2762 0.2556 -0.1564 -0.0531 0.0632  209 HOH B O   
665 O O   . HOH F .  ? 0.2519 0.1935 0.3477 0.0016  -0.0310 0.0483  210 HOH B O   
666 O O   . HOH F .  ? 0.2058 0.1413 0.3120 0.0289  -0.0615 0.0158  211 HOH B O   
667 O O   . HOH F .  ? 0.1998 0.3439 0.2676 0.0476  0.0354  0.1239  212 HOH B O   
668 O O   . HOH F .  ? 0.2181 0.3578 0.1709 0.0042  -0.0249 0.0450  213 HOH B O   
669 O O   . HOH F .  ? 0.1723 0.4691 0.3851 0.1010  -0.0541 -0.0455 214 HOH B O   
670 O O   . HOH F .  ? 0.2541 0.3262 0.2611 -0.0126 0.0096  0.0171  215 HOH B O   
671 O O   . HOH F .  ? 0.2497 0.2883 0.3087 0.0687  0.0507  0.0208  216 HOH B O   
672 O O   . HOH F .  ? 0.2242 0.4225 0.2071 -0.0754 0.0285  -0.0435 217 HOH B O   
673 O O   . HOH F .  ? 0.2979 0.2544 0.3428 -0.0279 -0.0645 -0.0089 218 HOH B O   
674 O O   . HOH F .  ? 0.4714 0.2385 0.2895 -0.0679 0.0568  -0.0759 219 HOH B O   
675 O O   . HOH F .  ? 0.2269 0.3873 0.3832 0.0206  -0.0168 0.1210  220 HOH B O   
676 O O   . HOH F .  ? 0.3355 0.1722 0.5648 0.0540  -0.0644 -0.0291 221 HOH B O   
677 O O   . HOH F .  ? 0.5095 0.1505 0.2609 0.0862  -0.0284 -0.0186 222 HOH B O   
678 O O   . HOH F .  ? 0.1622 0.3144 0.4585 0.0470  -0.0186 -0.0457 223 HOH B O   
679 O O   . HOH F .  ? 0.2843 0.3404 0.3254 0.0744  -0.0436 -0.0659 224 HOH B O   
680 O O   . HOH F .  ? 0.3434 0.3625 0.3161 0.0391  -0.0155 -0.0091 225 HOH B O   
681 O O   . HOH F .  ? 0.2984 0.3583 0.3940 0.0991  0.0085  0.0425  226 HOH B O   
682 O O   . HOH F .  ? 0.2773 0.3704 0.4872 0.0556  -0.0534 -0.0940 227 HOH B O   
683 O O   . HOH F .  ? 0.4943 0.5241 0.3591 -0.0260 -0.1198 0.0241  228 HOH B O   
684 O O   . HOH F .  ? 0.2676 0.3780 0.7783 -0.0808 0.0738  0.0228  229 HOH B O   
685 O O   . HOH F .  ? 0.3693 0.3767 0.4119 -0.1507 -0.1658 -0.0435 230 HOH B O   
686 O O   . HOH F .  ? 0.3342 0.2688 0.3716 -0.0485 -0.0213 0.0266  231 HOH B O   
687 O O   . HOH F .  ? 0.7294 0.3416 0.4088 0.0208  -0.1065 0.0884  232 HOH B O   
688 O O   . HOH F .  ? 0.4730 0.3439 0.2975 -0.0033 -0.0076 -0.0321 233 HOH B O   
689 O O   . HOH F .  ? 0.5595 0.4397 0.3193 0.0549  0.0508  -0.0647 234 HOH B O   
690 O O   . HOH F .  ? 0.3891 0.5513 0.3188 0.0287  -0.0017 0.0795  235 HOH B O   
691 O O   . HOH F .  ? 0.2976 0.7731 0.6497 0.1699  0.0056  -0.0132 236 HOH B O   
692 O O   . HOH F .  ? 0.5674 0.2397 0.4463 0.1435  0.0679  0.0524  237 HOH B O   
693 O O   . HOH F .  ? 0.5034 0.3084 0.3178 -0.0293 -0.0831 -0.0428 238 HOH B O   
694 O O   . HOH F .  ? 0.8441 0.5191 0.6828 0.0776  0.2490  0.1064  239 HOH B O   
695 O O   . HOH F .  ? 0.6240 0.6779 0.2796 -0.0410 0.0998  0.0470  240 HOH B O   
696 O O   . HOH F .  ? 0.5832 0.7089 0.3336 -0.0449 0.0394  0.2067  241 HOH B O   
697 O O   . HOH F .  ? 0.5572 0.6303 1.1052 0.0281  -0.1264 0.2446  242 HOH B O   
698 O O   . HOH F .  ? 0.5579 0.3783 0.3831 0.0658  -0.0609 -0.0012 243 HOH B O   
699 O O   . HOH F .  ? 0.3275 0.8732 0.7077 0.2445  0.1290  0.2396  244 HOH B O   
700 O O   . HOH F .  ? 0.8031 0.4708 0.4404 0.1939  0.0327  0.1982  245 HOH B O   
701 O O   . HOH F .  ? 0.4230 0.3389 0.5569 -0.0435 -0.1264 -0.0470 246 HOH B O   
702 O O   . HOH F .  ? 0.6610 0.3623 0.3474 -0.0410 -0.0596 -0.0122 247 HOH B O   
703 O O   . HOH F .  ? 0.5949 0.6072 1.2443 0.0188  -0.0665 0.0039  248 HOH B O   
704 O O   . HOH F .  ? 0.5031 0.6185 0.6178 0.1177  -0.0959 0.0400  249 HOH B O   
705 O O   . HOH F .  ? 0.7248 0.3896 0.4193 -0.1327 0.0899  -0.0685 250 HOH B O   
706 O O   . HOH F .  ? 0.8382 0.3057 0.5666 0.0785  0.0630  0.0256  251 HOH B O   
707 O O   . HOH F .  ? 0.9277 0.2657 0.5487 0.0699  -0.1148 0.0203  252 HOH B O   
708 O O   . HOH F .  ? 0.3691 0.4792 0.6809 -0.1231 -0.0497 -0.0297 253 HOH B O   
709 O O   . HOH F .  ? 0.5924 0.2257 0.8893 0.0488  -0.0924 0.2043  254 HOH B O   
710 O O   . HOH F .  ? 0.4249 0.2263 0.7990 0.0845  -0.0393 0.0191  255 HOH B O   
711 O O   . HOH G .  ? 0.1641 0.1532 0.1431 0.0199  -0.0098 0.0013  101 HOH C O   
712 O O   . HOH G .  ? 0.1329 0.1493 0.1407 0.0028  0.0079  0.0066  102 HOH C O   
713 O O   . HOH G .  ? 0.1421 0.1180 0.1549 -0.0025 0.0092  0.0135  103 HOH C O   
714 O O   . HOH G .  ? 0.1269 0.1341 0.1753 0.0115  0.0293  0.0165  104 HOH C O   
715 O O   . HOH G .  ? 0.1455 0.2247 0.1958 0.0211  -0.0078 0.0446  105 HOH C O   
716 O O   . HOH G .  ? 0.1539 0.2453 0.3048 0.0587  -0.0225 -0.0153 106 HOH C O   
717 O O   . HOH G .  ? 0.2484 0.2176 0.4757 0.0221  0.1033  -0.0890 107 HOH C O   
718 O O   . HOH G .  ? 0.2469 0.2542 0.2184 0.0589  0.0646  0.0785  108 HOH C O   
719 O O   . HOH G .  ? 0.2415 0.2665 0.2374 0.0109  0.0439  0.0040  109 HOH C O   
720 O O   . HOH G .  ? 0.2243 0.3387 0.2475 0.0936  0.0331  0.0567  110 HOH C O   
721 O O   . HOH G .  ? 0.3534 0.4361 0.1937 -0.0667 0.0168  0.0803  111 HOH C O   
722 O O   . HOH G .  ? 0.3581 0.2280 0.2018 -0.0528 -0.0296 0.0373  112 HOH C O   
723 O O   . HOH G .  ? 0.2685 0.2927 0.3024 0.0035  -0.0125 0.0658  113 HOH C O   
724 O O   . HOH G .  ? 0.3232 0.2544 0.2101 0.0315  -0.0240 0.0950  114 HOH C O   
725 O O   . HOH G .  ? 0.3475 0.2896 0.2729 -0.0771 0.0609  -0.0995 115 HOH C O   
726 O O   . HOH G .  ? 0.3238 0.3251 0.2226 0.0330  -0.0040 -0.0208 116 HOH C O   
727 O O   . HOH G .  ? 0.4621 0.3344 0.2772 0.0608  -0.1125 0.0145  117 HOH C O   
728 O O   . HOH G .  ? 0.5616 0.2964 0.2489 -0.0423 0.0924  0.0777  118 HOH C O   
729 O O   . HOH G .  ? 0.5085 0.5349 0.2656 -0.1264 0.0870  0.0060  119 HOH C O   
730 O O   . HOH G .  ? 0.2824 0.2835 0.3540 0.0957  -0.0446 0.0237  120 HOH C O   
731 O O   . HOH G .  ? 0.3953 0.5272 0.1904 0.0149  0.0434  0.1061  121 HOH C O   
732 O O   . HOH G .  ? 0.4239 0.3658 0.2245 0.0558  -0.0008 -0.0347 122 HOH C O   
733 O O   . HOH G .  ? 0.3277 0.4276 0.3042 -0.1267 -0.0607 0.0123  123 HOH C O   
734 O O   . HOH G .  ? 0.3567 0.4236 0.4373 0.1464  -0.0416 -0.0941 124 HOH C O   
735 O O   . HOH G .  ? 0.6325 0.4241 0.2124 -0.0003 0.0048  0.0609  125 HOH C O   
736 O O   . HOH G .  ? 0.4097 0.3742 0.4273 0.0653  0.0675  -0.1083 126 HOH C O   
737 O O   . HOH G .  ? 0.6018 0.3089 0.4176 -0.0529 -0.1696 0.0075  127 HOH C O   
738 O O   . HOH G .  ? 0.3473 0.3880 0.4353 -0.1308 -0.0078 -0.0074 128 HOH C O   
739 O O   . HOH G .  ? 0.4835 0.4367 0.5065 -0.0959 -0.2350 -0.0518 129 HOH C O   
740 O O   . HOH G .  ? 0.7240 0.4412 0.5007 -0.0864 0.2370  0.1639  130 HOH C O   
741 O O   . HOH G .  ? 0.4505 0.3994 0.3376 0.1032  -0.0683 0.0191  131 HOH C O   
742 O O   . HOH G .  ? 0.4231 0.3833 0.4312 -0.1235 -0.0941 -0.0547 132 HOH C O   
743 O O   . HOH G .  ? 0.5664 0.4174 0.3808 0.0198  -0.0428 -0.0363 133 HOH C O   
744 O O   . HOH G .  ? 0.4984 0.6645 0.3412 0.2553  -0.1552 -0.1854 134 HOH C O   
745 O O   . HOH G .  ? 0.7281 0.8660 0.7395 -0.0604 0.0729  0.0786  135 HOH C O   
746 O O   . HOH G .  ? 0.5160 0.3123 0.4608 0.1466  -0.1811 0.0686  136 HOH C O   
747 O O   . HOH G .  ? 0.6387 0.5448 0.7606 0.0160  0.0281  0.0564  137 HOH C O   
748 O O   . HOH G .  ? 0.6707 0.6858 0.5587 -0.0376 -0.1696 0.2212  138 HOH C O   
749 O O   . HOH G .  ? 0.4233 0.4765 0.3132 0.2079  -0.0415 0.1098  139 HOH C O   
750 O O   . HOH G .  ? 0.4354 0.4631 0.7579 -0.1880 -0.0221 0.0728  140 HOH C O   
751 O O   . HOH G .  ? 0.5012 0.4621 0.8182 -0.0775 0.2820  -0.0827 141 HOH C O   
752 O O   . HOH G .  ? 0.3634 0.5010 0.3907 -0.1373 -0.0436 0.0387  142 HOH C O   
753 O O   . HOH G .  ? 0.7403 0.5160 0.7155 0.0027  -0.0369 0.0108  143 HOH C O   
754 O O   . HOH G .  ? 0.6501 0.6884 0.8460 -0.0127 0.0338  -0.3297 144 HOH C O   
# 
loop_
_pdbx_poly_seq_scheme.asym_id 
_pdbx_poly_seq_scheme.entity_id 
_pdbx_poly_seq_scheme.seq_id 
_pdbx_poly_seq_scheme.mon_id 
_pdbx_poly_seq_scheme.ndb_seq_num 
_pdbx_poly_seq_scheme.pdb_seq_num 
_pdbx_poly_seq_scheme.auth_seq_num 
_pdbx_poly_seq_scheme.pdb_mon_id 
_pdbx_poly_seq_scheme.auth_mon_id 
_pdbx_poly_seq_scheme.pdb_strand_id 
_pdbx_poly_seq_scheme.pdb_ins_code 
_pdbx_poly_seq_scheme.hetero 
A 1 1  GLY 1  1  ?  ?   ?   A . n 
A 1 2  TYR 2  2  ?  ?   ?   A . n 
A 1 3  ILE 3  3  3  ILE ILE A . n 
A 1 4  PRO 4  4  4  PRO PRO A . n 
A 1 5  GLU 5  5  5  GLU GLU A . n 
A 1 6  ALA 6  6  6  ALA ALA A . n 
A 1 7  PRO 7  7  7  PRO PRO A . n 
A 1 8  ARG 8  8  8  ARG ARG A . n 
A 1 9  ASP 9  9  9  ASP ASP A . n 
A 1 10 GLY 10 10 10 GLY GLY A . n 
A 1 11 GLN 11 11 11 GLN GLN A . n 
A 1 12 ALA 12 12 12 ALA ALA A . n 
A 1 13 TYR 13 13 13 TYR TYR A . n 
A 1 14 VAL 14 14 14 VAL VAL A . n 
A 1 15 ARG 15 15 15 ARG ARG A . n 
A 1 16 LYS 16 16 16 LYS LYS A . n 
A 1 17 ASP 17 17 17 ASP ASP A . n 
A 1 18 GLY 18 18 18 GLY GLY A . n 
A 1 19 GLU 19 19 19 GLU GLU A . n 
A 1 20 TRP 20 20 20 TRP TRP A . n 
A 1 21 VAL 21 21 21 VAL VAL A . n 
A 1 22 LEU 22 22 22 LEU LEU A . n 
A 1 23 LEU 23 23 23 LEU LEU A . n 
A 1 24 SER 24 24 24 SER SER A . n 
A 1 25 THR 25 25 25 THR THR A . n 
A 1 26 PHE 26 26 26 PHE PHE A . n 
A 1 27 LEU 27 27 27 LEU LEU A . n 
B 1 1  GLY 1  1  ?  ?   ?   B . n 
B 1 2  TYR 2  2  ?  ?   ?   B . n 
B 1 3  ILE 3  3  ?  ?   ?   B . n 
B 1 4  PRO 4  4  4  PRO PRO B . n 
B 1 5  GLU 5  5  5  GLU GLU B . n 
B 1 6  ALA 6  6  6  ALA ALA B . n 
B 1 7  PRO 7  7  7  PRO PRO B . n 
B 1 8  ARG 8  8  8  ARG ARG B . n 
B 1 9  ASP 9  9  9  ASP ASP B . n 
B 1 10 GLY 10 10 10 GLY GLY B . n 
B 1 11 GLN 11 11 11 GLN GLN B . n 
B 1 12 ALA 12 12 12 ALA ALA B . n 
B 1 13 TYR 13 13 13 TYR TYR B . n 
B 1 14 VAL 14 14 14 VAL VAL B . n 
B 1 15 ARG 15 15 15 ARG ARG B . n 
B 1 16 LYS 16 16 16 LYS LYS B . n 
B 1 17 ASP 17 17 17 ASP ASP B . n 
B 1 18 GLY 18 18 18 GLY GLY B . n 
B 1 19 GLU 19 19 19 GLU GLU B . n 
B 1 20 TRP 20 20 20 TRP TRP B . n 
B 1 21 VAL 21 21 21 VAL VAL B . n 
B 1 22 LEU 22 22 22 LEU LEU B . n 
B 1 23 LEU 23 23 23 LEU LEU B . n 
B 1 24 SER 24 24 24 SER SER B . n 
B 1 25 THR 25 25 25 THR THR B . n 
B 1 26 PHE 26 26 26 PHE PHE B . n 
B 1 27 LEU 27 27 27 LEU LEU B . n 
C 1 1  GLY 1  1  ?  ?   ?   C . n 
C 1 2  TYR 2  2  ?  ?   ?   C . n 
C 1 3  ILE 3  3  ?  ?   ?   C . n 
C 1 4  PRO 4  4  4  PRO PRO C . n 
C 1 5  GLU 5  5  5  GLU GLU C . n 
C 1 6  ALA 6  6  6  ALA ALA C . n 
C 1 7  PRO 7  7  7  PRO PRO C . n 
C 1 8  ARG 8  8  8  ARG ARG C . n 
C 1 9  ASP 9  9  9  ASP ASP C . n 
C 1 10 GLY 10 10 10 GLY GLY C . n 
C 1 11 GLN 11 11 11 GLN GLN C . n 
C 1 12 ALA 12 12 12 ALA ALA C . n 
C 1 13 TYR 13 13 13 TYR TYR C . n 
C 1 14 VAL 14 14 14 VAL VAL C . n 
C 1 15 ARG 15 15 15 ARG ARG C . n 
C 1 16 LYS 16 16 16 LYS LYS C . n 
C 1 17 ASP 17 17 17 ASP ASP C . n 
C 1 18 GLY 18 18 18 GLY GLY C . n 
C 1 19 GLU 19 19 19 GLU GLU C . n 
C 1 20 TRP 20 20 20 TRP TRP C . n 
C 1 21 VAL 21 21 21 VAL VAL C . n 
C 1 22 LEU 22 22 22 LEU LEU C . n 
C 1 23 LEU 23 23 23 LEU LEU C . n 
C 1 24 SER 24 24 24 SER SER C . n 
C 1 25 THR 25 25 25 THR THR C . n 
C 1 26 PHE 26 26 26 PHE PHE C . n 
C 1 27 LEU 27 27 27 LEU LEU C . n 
# 
loop_
_pdbx_nonpoly_scheme.asym_id 
_pdbx_nonpoly_scheme.entity_id 
_pdbx_nonpoly_scheme.mon_id 
_pdbx_nonpoly_scheme.ndb_seq_num 
_pdbx_nonpoly_scheme.pdb_seq_num 
_pdbx_nonpoly_scheme.auth_seq_num 
_pdbx_nonpoly_scheme.pdb_mon_id 
_pdbx_nonpoly_scheme.auth_mon_id 
_pdbx_nonpoly_scheme.pdb_strand_id 
_pdbx_nonpoly_scheme.pdb_ins_code 
D 2 2KN 1  101 1   2KN LIG B . 
E 3 HOH 1  101 1   HOH HOH A . 
E 3 HOH 2  102 3   HOH HOH A . 
E 3 HOH 3  103 9   HOH HOH A . 
E 3 HOH 4  104 11  HOH HOH A . 
E 3 HOH 5  105 15  HOH HOH A . 
E 3 HOH 6  106 18  HOH HOH A . 
E 3 HOH 7  107 19  HOH HOH A . 
E 3 HOH 8  108 20  HOH HOH A . 
E 3 HOH 9  109 22  HOH HOH A . 
E 3 HOH 10 110 27  HOH HOH A . 
E 3 HOH 11 111 28  HOH HOH A . 
E 3 HOH 12 112 34  HOH HOH A . 
E 3 HOH 13 113 38  HOH HOH A . 
E 3 HOH 14 114 39  HOH HOH A . 
E 3 HOH 15 115 47  HOH HOH A . 
E 3 HOH 16 116 48  HOH HOH A . 
E 3 HOH 17 117 57  HOH HOH A . 
E 3 HOH 18 118 58  HOH HOH A . 
E 3 HOH 19 119 62  HOH HOH A . 
E 3 HOH 20 120 63  HOH HOH A . 
E 3 HOH 21 121 67  HOH HOH A . 
E 3 HOH 22 122 72  HOH HOH A . 
E 3 HOH 23 123 73  HOH HOH A . 
E 3 HOH 24 124 74  HOH HOH A . 
E 3 HOH 25 125 77  HOH HOH A . 
E 3 HOH 26 126 78  HOH HOH A . 
E 3 HOH 27 127 79  HOH HOH A . 
E 3 HOH 28 128 83  HOH HOH A . 
E 3 HOH 29 129 85  HOH HOH A . 
E 3 HOH 30 130 89  HOH HOH A . 
E 3 HOH 31 131 95  HOH HOH A . 
E 3 HOH 32 132 99  HOH HOH A . 
E 3 HOH 33 133 102 HOH HOH A . 
E 3 HOH 34 134 103 HOH HOH A . 
E 3 HOH 35 135 106 HOH HOH A . 
E 3 HOH 36 136 107 HOH HOH A . 
E 3 HOH 37 137 109 HOH HOH A . 
E 3 HOH 38 138 115 HOH HOH A . 
E 3 HOH 39 139 120 HOH HOH A . 
E 3 HOH 40 140 121 HOH HOH A . 
E 3 HOH 41 141 126 HOH HOH A . 
E 3 HOH 42 142 139 HOH HOH A . 
E 3 HOH 43 143 140 HOH HOH A . 
E 3 HOH 44 144 143 HOH HOH A . 
F 3 HOH 1  201 5   HOH HOH B . 
F 3 HOH 2  202 7   HOH HOH B . 
F 3 HOH 3  203 8   HOH HOH B . 
F 3 HOH 4  204 12  HOH HOH B . 
F 3 HOH 5  205 13  HOH HOH B . 
F 3 HOH 6  206 16  HOH HOH B . 
F 3 HOH 7  207 21  HOH HOH B . 
F 3 HOH 8  208 24  HOH HOH B . 
F 3 HOH 9  209 25  HOH HOH B . 
F 3 HOH 10 210 29  HOH HOH B . 
F 3 HOH 11 211 30  HOH HOH B . 
F 3 HOH 12 212 33  HOH HOH B . 
F 3 HOH 13 213 35  HOH HOH B . 
F 3 HOH 14 214 36  HOH HOH B . 
F 3 HOH 15 215 41  HOH HOH B . 
F 3 HOH 16 216 43  HOH HOH B . 
F 3 HOH 17 217 45  HOH HOH B . 
F 3 HOH 18 218 52  HOH HOH B . 
F 3 HOH 19 219 53  HOH HOH B . 
F 3 HOH 20 220 54  HOH HOH B . 
F 3 HOH 21 221 56  HOH HOH B . 
F 3 HOH 22 222 61  HOH HOH B . 
F 3 HOH 23 223 64  HOH HOH B . 
F 3 HOH 24 224 68  HOH HOH B . 
F 3 HOH 25 225 69  HOH HOH B . 
F 3 HOH 26 226 70  HOH HOH B . 
F 3 HOH 27 227 71  HOH HOH B . 
F 3 HOH 28 228 75  HOH HOH B . 
F 3 HOH 29 229 76  HOH HOH B . 
F 3 HOH 30 230 82  HOH HOH B . 
F 3 HOH 31 231 86  HOH HOH B . 
F 3 HOH 32 232 87  HOH HOH B . 
F 3 HOH 33 233 88  HOH HOH B . 
F 3 HOH 34 234 91  HOH HOH B . 
F 3 HOH 35 235 94  HOH HOH B . 
F 3 HOH 36 236 96  HOH HOH B . 
F 3 HOH 37 237 97  HOH HOH B . 
F 3 HOH 38 238 104 HOH HOH B . 
F 3 HOH 39 239 105 HOH HOH B . 
F 3 HOH 40 240 108 HOH HOH B . 
F 3 HOH 41 241 110 HOH HOH B . 
F 3 HOH 42 242 114 HOH HOH B . 
F 3 HOH 43 243 117 HOH HOH B . 
F 3 HOH 44 244 118 HOH HOH B . 
F 3 HOH 45 245 124 HOH HOH B . 
F 3 HOH 46 246 125 HOH HOH B . 
F 3 HOH 47 247 128 HOH HOH B . 
F 3 HOH 48 248 129 HOH HOH B . 
F 3 HOH 49 249 130 HOH HOH B . 
F 3 HOH 50 250 134 HOH HOH B . 
F 3 HOH 51 251 135 HOH HOH B . 
F 3 HOH 52 252 137 HOH HOH B . 
F 3 HOH 53 253 138 HOH HOH B . 
F 3 HOH 54 254 141 HOH HOH B . 
F 3 HOH 55 255 142 HOH HOH B . 
G 3 HOH 1  101 2   HOH HOH C . 
G 3 HOH 2  102 4   HOH HOH C . 
G 3 HOH 3  103 6   HOH HOH C . 
G 3 HOH 4  104 10  HOH HOH C . 
G 3 HOH 5  105 14  HOH HOH C . 
G 3 HOH 6  106 17  HOH HOH C . 
G 3 HOH 7  107 23  HOH HOH C . 
G 3 HOH 8  108 26  HOH HOH C . 
G 3 HOH 9  109 31  HOH HOH C . 
G 3 HOH 10 110 32  HOH HOH C . 
G 3 HOH 11 111 37  HOH HOH C . 
G 3 HOH 12 112 40  HOH HOH C . 
G 3 HOH 13 113 42  HOH HOH C . 
G 3 HOH 14 114 44  HOH HOH C . 
G 3 HOH 15 115 46  HOH HOH C . 
G 3 HOH 16 116 49  HOH HOH C . 
G 3 HOH 17 117 50  HOH HOH C . 
G 3 HOH 18 118 51  HOH HOH C . 
G 3 HOH 19 119 55  HOH HOH C . 
G 3 HOH 20 120 59  HOH HOH C . 
G 3 HOH 21 121 60  HOH HOH C . 
G 3 HOH 22 122 65  HOH HOH C . 
G 3 HOH 23 123 66  HOH HOH C . 
G 3 HOH 24 124 80  HOH HOH C . 
G 3 HOH 25 125 81  HOH HOH C . 
G 3 HOH 26 126 84  HOH HOH C . 
G 3 HOH 27 127 90  HOH HOH C . 
G 3 HOH 28 128 92  HOH HOH C . 
G 3 HOH 29 129 93  HOH HOH C . 
G 3 HOH 30 130 98  HOH HOH C . 
G 3 HOH 31 131 100 HOH HOH C . 
G 3 HOH 32 132 101 HOH HOH C . 
G 3 HOH 33 133 111 HOH HOH C . 
G 3 HOH 34 134 112 HOH HOH C . 
G 3 HOH 35 135 113 HOH HOH C . 
G 3 HOH 36 136 116 HOH HOH C . 
G 3 HOH 37 137 119 HOH HOH C . 
G 3 HOH 38 138 122 HOH HOH C . 
G 3 HOH 39 139 123 HOH HOH C . 
G 3 HOH 40 140 127 HOH HOH C . 
G 3 HOH 41 141 131 HOH HOH C . 
G 3 HOH 42 142 132 HOH HOH C . 
G 3 HOH 43 143 133 HOH HOH C . 
G 3 HOH 44 144 136 HOH HOH C . 
# 
_pdbx_struct_assembly.id                   1 
_pdbx_struct_assembly.details              author_and_software_defined_assembly 
_pdbx_struct_assembly.method_details       PISA 
_pdbx_struct_assembly.oligomeric_details   trimeric 
_pdbx_struct_assembly.oligomeric_count     3 
# 
_pdbx_struct_assembly_gen.assembly_id       1 
_pdbx_struct_assembly_gen.oper_expression   1 
_pdbx_struct_assembly_gen.asym_id_list      A,B,C,D,E,F,G 
# 
loop_
_pdbx_struct_assembly_prop.biol_id 
_pdbx_struct_assembly_prop.type 
_pdbx_struct_assembly_prop.value 
_pdbx_struct_assembly_prop.details 
1 'ABSA (A^2)' 2660 ? 
1 MORE         -14  ? 
1 'SSA (A^2)'  4290 ? 
# 
_pdbx_struct_oper_list.id                   1 
_pdbx_struct_oper_list.type                 'identity operation' 
_pdbx_struct_oper_list.name                 1_555 
_pdbx_struct_oper_list.symmetry_operation   x,y,z 
_pdbx_struct_oper_list.matrix[1][1]         1.0000000000 
_pdbx_struct_oper_list.matrix[1][2]         0.0000000000 
_pdbx_struct_oper_list.matrix[1][3]         0.0000000000 
_pdbx_struct_oper_list.vector[1]            0.0000000000 
_pdbx_struct_oper_list.matrix[2][1]         0.0000000000 
_pdbx_struct_oper_list.matrix[2][2]         1.0000000000 
_pdbx_struct_oper_list.matrix[2][3]         0.0000000000 
_pdbx_struct_oper_list.vector[2]            0.0000000000 
_pdbx_struct_oper_list.matrix[3][1]         0.0000000000 
_pdbx_struct_oper_list.matrix[3][2]         0.0000000000 
_pdbx_struct_oper_list.matrix[3][3]         1.0000000000 
_pdbx_struct_oper_list.vector[3]            0.0000000000 
# 
loop_
_pdbx_audit_revision_history.ordinal 
_pdbx_audit_revision_history.data_content_type 
_pdbx_audit_revision_history.major_revision 
_pdbx_audit_revision_history.minor_revision 
_pdbx_audit_revision_history.revision_date 
1 'Structure model' 1 0 2014-03-12 
2 'Structure model' 1 1 2014-10-08 
3 'Structure model' 1 2 2023-09-20 
# 
_pdbx_audit_revision_details.ordinal             1 
_pdbx_audit_revision_details.revision_ordinal    1 
_pdbx_audit_revision_details.data_content_type   'Structure model' 
_pdbx_audit_revision_details.provider            repository 
_pdbx_audit_revision_details.type                'Initial release' 
_pdbx_audit_revision_details.description         ? 
_pdbx_audit_revision_details.details             ? 
# 
loop_
_pdbx_audit_revision_group.ordinal 
_pdbx_audit_revision_group.revision_ordinal 
_pdbx_audit_revision_group.data_content_type 
_pdbx_audit_revision_group.group 
1 2 'Structure model' 'Database references'    
2 3 'Structure model' 'Data collection'        
3 3 'Structure model' 'Database references'    
4 3 'Structure model' 'Derived calculations'   
5 3 'Structure model' 'Refinement description' 
# 
loop_
_pdbx_audit_revision_category.ordinal 
_pdbx_audit_revision_category.revision_ordinal 
_pdbx_audit_revision_category.data_content_type 
_pdbx_audit_revision_category.category 
1 3 'Structure model' chem_comp_atom                
2 3 'Structure model' chem_comp_bond                
3 3 'Structure model' database_2                    
4 3 'Structure model' pdbx_initial_refinement_model 
5 3 'Structure model' struct_site                   
# 
loop_
_pdbx_audit_revision_item.ordinal 
_pdbx_audit_revision_item.revision_ordinal 
_pdbx_audit_revision_item.data_content_type 
_pdbx_audit_revision_item.item 
1 3 'Structure model' '_database_2.pdbx_DOI'                
2 3 'Structure model' '_database_2.pdbx_database_accession' 
3 3 'Structure model' '_struct_site.pdbx_auth_asym_id'      
4 3 'Structure model' '_struct_site.pdbx_auth_comp_id'      
5 3 'Structure model' '_struct_site.pdbx_auth_seq_id'       
# 
loop_
_software.name 
_software.classification 
_software.version 
_software.citation_id 
_software.pdbx_ordinal 
XDS    'data scaling'   .        ? 1 
PHASER phasing          .        ? 2 
REFMAC refinement       5.7.0029 ? 3 
XDS    'data reduction' .        ? 4 
XSCALE 'data scaling'   .        ? 5 
# 
_pdbx_entry_details.entry_id                 4NCW 
_pdbx_entry_details.nonpolymer_details       ? 
_pdbx_entry_details.sequence_details         
;A TRIMESIC ACID DERIVATIVE WAS USED TO CROSSLINK THE THREE FOLDON SUBUNITS AT THEIR C-NERMINI. 
ONLY PART OF THE TRIMESIC ACID IS DEFINED IN THE ELECTRON DENSITY FOR THIS STRUCTURE. 
IT IS PRESENT AS AN 2KN GROUP IN THE COORDINATES.
;
_pdbx_entry_details.compound_details         ? 
_pdbx_entry_details.source_details           ? 
_pdbx_entry_details.has_ligand_of_interest   ? 
# 
_pdbx_validate_close_contact.id               1 
_pdbx_validate_close_contact.PDB_model_num    1 
_pdbx_validate_close_contact.auth_atom_id_1   O 
_pdbx_validate_close_contact.auth_asym_id_1   A 
_pdbx_validate_close_contact.auth_comp_id_1   HOH 
_pdbx_validate_close_contact.auth_seq_id_1    111 
_pdbx_validate_close_contact.PDB_ins_code_1   ? 
_pdbx_validate_close_contact.label_alt_id_1   ? 
_pdbx_validate_close_contact.auth_atom_id_2   O 
_pdbx_validate_close_contact.auth_asym_id_2   A 
_pdbx_validate_close_contact.auth_comp_id_2   HOH 
_pdbx_validate_close_contact.auth_seq_id_2    142 
_pdbx_validate_close_contact.PDB_ins_code_2   ? 
_pdbx_validate_close_contact.label_alt_id_2   ? 
_pdbx_validate_close_contact.dist             1.97 
# 
_pdbx_validate_symm_contact.id                1 
_pdbx_validate_symm_contact.PDB_model_num     1 
_pdbx_validate_symm_contact.auth_atom_id_1    O 
_pdbx_validate_symm_contact.auth_asym_id_1    A 
_pdbx_validate_symm_contact.auth_comp_id_1    HOH 
_pdbx_validate_symm_contact.auth_seq_id_1     143 
_pdbx_validate_symm_contact.PDB_ins_code_1    ? 
_pdbx_validate_symm_contact.label_alt_id_1    ? 
_pdbx_validate_symm_contact.site_symmetry_1   1_555 
_pdbx_validate_symm_contact.auth_atom_id_2    O 
_pdbx_validate_symm_contact.auth_asym_id_2    B 
_pdbx_validate_symm_contact.auth_comp_id_2    HOH 
_pdbx_validate_symm_contact.auth_seq_id_2     254 
_pdbx_validate_symm_contact.PDB_ins_code_2    ? 
_pdbx_validate_symm_contact.label_alt_id_2    ? 
_pdbx_validate_symm_contact.site_symmetry_2   2_557 
_pdbx_validate_symm_contact.dist              2.01 
# 
loop_
_pdbx_validate_torsion.id 
_pdbx_validate_torsion.PDB_model_num 
_pdbx_validate_torsion.auth_comp_id 
_pdbx_validate_torsion.auth_asym_id 
_pdbx_validate_torsion.auth_seq_id 
_pdbx_validate_torsion.PDB_ins_code 
_pdbx_validate_torsion.label_alt_id 
_pdbx_validate_torsion.phi 
_pdbx_validate_torsion.psi 
1 1 ASP A 9 ? ? -148.13 20.55 
2 1 ASP B 9 ? ? -149.39 20.69 
3 1 ASP C 9 ? ? -149.74 21.48 
# 
loop_
_pdbx_unobs_or_zero_occ_residues.id 
_pdbx_unobs_or_zero_occ_residues.PDB_model_num 
_pdbx_unobs_or_zero_occ_residues.polymer_flag 
_pdbx_unobs_or_zero_occ_residues.occupancy_flag 
_pdbx_unobs_or_zero_occ_residues.auth_asym_id 
_pdbx_unobs_or_zero_occ_residues.auth_comp_id 
_pdbx_unobs_or_zero_occ_residues.auth_seq_id 
_pdbx_unobs_or_zero_occ_residues.PDB_ins_code 
_pdbx_unobs_or_zero_occ_residues.label_asym_id 
_pdbx_unobs_or_zero_occ_residues.label_comp_id 
_pdbx_unobs_or_zero_occ_residues.label_seq_id 
1 1 Y 1 A GLY 1 ? A GLY 1 
2 1 Y 1 A TYR 2 ? A TYR 2 
3 1 Y 1 B GLY 1 ? B GLY 1 
4 1 Y 1 B TYR 2 ? B TYR 2 
5 1 Y 1 B ILE 3 ? B ILE 3 
6 1 Y 1 C GLY 1 ? C GLY 1 
7 1 Y 1 C TYR 2 ? C TYR 2 
8 1 Y 1 C ILE 3 ? C ILE 3 
# 
loop_
_chem_comp_atom.comp_id 
_chem_comp_atom.atom_id 
_chem_comp_atom.type_symbol 
_chem_comp_atom.pdbx_aromatic_flag 
_chem_comp_atom.pdbx_stereo_config 
_chem_comp_atom.pdbx_ordinal 
2KN C11  C N N 1   
2KN C10  C N N 2   
2KN N9   N N N 3   
2KN C7   C N N 4   
2KN O8   O N N 5   
2KN C4   C Y N 6   
2KN C5   C Y N 7   
2KN C3   C Y N 8   
2KN C2   C Y N 9   
2KN C17  C N N 10  
2KN O18  O N N 11  
2KN N19  N N N 12  
2KN C20  C N N 13  
2KN C21  C N N 14  
2KN C1   C Y N 15  
2KN C6   C Y N 16  
2KN C12  C N N 17  
2KN O13  O N N 18  
2KN N14  N N N 19  
2KN C15  C N N 20  
2KN C16  C N N 21  
2KN H1   H N N 22  
2KN H2   H N N 23  
2KN H3   H N N 24  
2KN H4   H N N 25  
2KN H5   H N N 26  
2KN H6   H N N 27  
2KN H7   H N N 28  
2KN H8   H N N 29  
2KN H9   H N N 30  
2KN H10  H N N 31  
2KN H11  H N N 32  
2KN H12  H N N 33  
2KN H13  H N N 34  
2KN H14  H N N 35  
2KN H15  H N N 36  
2KN H16  H N N 37  
2KN H17  H N N 38  
2KN H18  H N N 39  
2KN H19  H N N 40  
2KN H20  H N N 41  
2KN H21  H N N 42  
ALA N    N N N 43  
ALA CA   C N S 44  
ALA C    C N N 45  
ALA O    O N N 46  
ALA CB   C N N 47  
ALA OXT  O N N 48  
ALA H    H N N 49  
ALA H2   H N N 50  
ALA HA   H N N 51  
ALA HB1  H N N 52  
ALA HB2  H N N 53  
ALA HB3  H N N 54  
ALA HXT  H N N 55  
ARG N    N N N 56  
ARG CA   C N S 57  
ARG C    C N N 58  
ARG O    O N N 59  
ARG CB   C N N 60  
ARG CG   C N N 61  
ARG CD   C N N 62  
ARG NE   N N N 63  
ARG CZ   C N N 64  
ARG NH1  N N N 65  
ARG NH2  N N N 66  
ARG OXT  O N N 67  
ARG H    H N N 68  
ARG H2   H N N 69  
ARG HA   H N N 70  
ARG HB2  H N N 71  
ARG HB3  H N N 72  
ARG HG2  H N N 73  
ARG HG3  H N N 74  
ARG HD2  H N N 75  
ARG HD3  H N N 76  
ARG HE   H N N 77  
ARG HH11 H N N 78  
ARG HH12 H N N 79  
ARG HH21 H N N 80  
ARG HH22 H N N 81  
ARG HXT  H N N 82  
ASP N    N N N 83  
ASP CA   C N S 84  
ASP C    C N N 85  
ASP O    O N N 86  
ASP CB   C N N 87  
ASP CG   C N N 88  
ASP OD1  O N N 89  
ASP OD2  O N N 90  
ASP OXT  O N N 91  
ASP H    H N N 92  
ASP H2   H N N 93  
ASP HA   H N N 94  
ASP HB2  H N N 95  
ASP HB3  H N N 96  
ASP HD2  H N N 97  
ASP HXT  H N N 98  
GLN N    N N N 99  
GLN CA   C N S 100 
GLN C    C N N 101 
GLN O    O N N 102 
GLN CB   C N N 103 
GLN CG   C N N 104 
GLN CD   C N N 105 
GLN OE1  O N N 106 
GLN NE2  N N N 107 
GLN OXT  O N N 108 
GLN H    H N N 109 
GLN H2   H N N 110 
GLN HA   H N N 111 
GLN HB2  H N N 112 
GLN HB3  H N N 113 
GLN HG2  H N N 114 
GLN HG3  H N N 115 
GLN HE21 H N N 116 
GLN HE22 H N N 117 
GLN HXT  H N N 118 
GLU N    N N N 119 
GLU CA   C N S 120 
GLU C    C N N 121 
GLU O    O N N 122 
GLU CB   C N N 123 
GLU CG   C N N 124 
GLU CD   C N N 125 
GLU OE1  O N N 126 
GLU OE2  O N N 127 
GLU OXT  O N N 128 
GLU H    H N N 129 
GLU H2   H N N 130 
GLU HA   H N N 131 
GLU HB2  H N N 132 
GLU HB3  H N N 133 
GLU HG2  H N N 134 
GLU HG3  H N N 135 
GLU HE2  H N N 136 
GLU HXT  H N N 137 
GLY N    N N N 138 
GLY CA   C N N 139 
GLY C    C N N 140 
GLY O    O N N 141 
GLY OXT  O N N 142 
GLY H    H N N 143 
GLY H2   H N N 144 
GLY HA2  H N N 145 
GLY HA3  H N N 146 
GLY HXT  H N N 147 
HOH O    O N N 148 
HOH H1   H N N 149 
HOH H2   H N N 150 
ILE N    N N N 151 
ILE CA   C N S 152 
ILE C    C N N 153 
ILE O    O N N 154 
ILE CB   C N S 155 
ILE CG1  C N N 156 
ILE CG2  C N N 157 
ILE CD1  C N N 158 
ILE OXT  O N N 159 
ILE H    H N N 160 
ILE H2   H N N 161 
ILE HA   H N N 162 
ILE HB   H N N 163 
ILE HG12 H N N 164 
ILE HG13 H N N 165 
ILE HG21 H N N 166 
ILE HG22 H N N 167 
ILE HG23 H N N 168 
ILE HD11 H N N 169 
ILE HD12 H N N 170 
ILE HD13 H N N 171 
ILE HXT  H N N 172 
LEU N    N N N 173 
LEU CA   C N S 174 
LEU C    C N N 175 
LEU O    O N N 176 
LEU CB   C N N 177 
LEU CG   C N N 178 
LEU CD1  C N N 179 
LEU CD2  C N N 180 
LEU OXT  O N N 181 
LEU H    H N N 182 
LEU H2   H N N 183 
LEU HA   H N N 184 
LEU HB2  H N N 185 
LEU HB3  H N N 186 
LEU HG   H N N 187 
LEU HD11 H N N 188 
LEU HD12 H N N 189 
LEU HD13 H N N 190 
LEU HD21 H N N 191 
LEU HD22 H N N 192 
LEU HD23 H N N 193 
LEU HXT  H N N 194 
LYS N    N N N 195 
LYS CA   C N S 196 
LYS C    C N N 197 
LYS O    O N N 198 
LYS CB   C N N 199 
LYS CG   C N N 200 
LYS CD   C N N 201 
LYS CE   C N N 202 
LYS NZ   N N N 203 
LYS OXT  O N N 204 
LYS H    H N N 205 
LYS H2   H N N 206 
LYS HA   H N N 207 
LYS HB2  H N N 208 
LYS HB3  H N N 209 
LYS HG2  H N N 210 
LYS HG3  H N N 211 
LYS HD2  H N N 212 
LYS HD3  H N N 213 
LYS HE2  H N N 214 
LYS HE3  H N N 215 
LYS HZ1  H N N 216 
LYS HZ2  H N N 217 
LYS HZ3  H N N 218 
LYS HXT  H N N 219 
PHE N    N N N 220 
PHE CA   C N S 221 
PHE C    C N N 222 
PHE O    O N N 223 
PHE CB   C N N 224 
PHE CG   C Y N 225 
PHE CD1  C Y N 226 
PHE CD2  C Y N 227 
PHE CE1  C Y N 228 
PHE CE2  C Y N 229 
PHE CZ   C Y N 230 
PHE OXT  O N N 231 
PHE H    H N N 232 
PHE H2   H N N 233 
PHE HA   H N N 234 
PHE HB2  H N N 235 
PHE HB3  H N N 236 
PHE HD1  H N N 237 
PHE HD2  H N N 238 
PHE HE1  H N N 239 
PHE HE2  H N N 240 
PHE HZ   H N N 241 
PHE HXT  H N N 242 
PRO N    N N N 243 
PRO CA   C N S 244 
PRO C    C N N 245 
PRO O    O N N 246 
PRO CB   C N N 247 
PRO CG   C N N 248 
PRO CD   C N N 249 
PRO OXT  O N N 250 
PRO H    H N N 251 
PRO HA   H N N 252 
PRO HB2  H N N 253 
PRO HB3  H N N 254 
PRO HG2  H N N 255 
PRO HG3  H N N 256 
PRO HD2  H N N 257 
PRO HD3  H N N 258 
PRO HXT  H N N 259 
SER N    N N N 260 
SER CA   C N S 261 
SER C    C N N 262 
SER O    O N N 263 
SER CB   C N N 264 
SER OG   O N N 265 
SER OXT  O N N 266 
SER H    H N N 267 
SER H2   H N N 268 
SER HA   H N N 269 
SER HB2  H N N 270 
SER HB3  H N N 271 
SER HG   H N N 272 
SER HXT  H N N 273 
THR N    N N N 274 
THR CA   C N S 275 
THR C    C N N 276 
THR O    O N N 277 
THR CB   C N R 278 
THR OG1  O N N 279 
THR CG2  C N N 280 
THR OXT  O N N 281 
THR H    H N N 282 
THR H2   H N N 283 
THR HA   H N N 284 
THR HB   H N N 285 
THR HG1  H N N 286 
THR HG21 H N N 287 
THR HG22 H N N 288 
THR HG23 H N N 289 
THR HXT  H N N 290 
TRP N    N N N 291 
TRP CA   C N S 292 
TRP C    C N N 293 
TRP O    O N N 294 
TRP CB   C N N 295 
TRP CG   C Y N 296 
TRP CD1  C Y N 297 
TRP CD2  C Y N 298 
TRP NE1  N Y N 299 
TRP CE2  C Y N 300 
TRP CE3  C Y N 301 
TRP CZ2  C Y N 302 
TRP CZ3  C Y N 303 
TRP CH2  C Y N 304 
TRP OXT  O N N 305 
TRP H    H N N 306 
TRP H2   H N N 307 
TRP HA   H N N 308 
TRP HB2  H N N 309 
TRP HB3  H N N 310 
TRP HD1  H N N 311 
TRP HE1  H N N 312 
TRP HE3  H N N 313 
TRP HZ2  H N N 314 
TRP HZ3  H N N 315 
TRP HH2  H N N 316 
TRP HXT  H N N 317 
TYR N    N N N 318 
TYR CA   C N S 319 
TYR C    C N N 320 
TYR O    O N N 321 
TYR CB   C N N 322 
TYR CG   C Y N 323 
TYR CD1  C Y N 324 
TYR CD2  C Y N 325 
TYR CE1  C Y N 326 
TYR CE2  C Y N 327 
TYR CZ   C Y N 328 
TYR OH   O N N 329 
TYR OXT  O N N 330 
TYR H    H N N 331 
TYR H2   H N N 332 
TYR HA   H N N 333 
TYR HB2  H N N 334 
TYR HB3  H N N 335 
TYR HD1  H N N 336 
TYR HD2  H N N 337 
TYR HE1  H N N 338 
TYR HE2  H N N 339 
TYR HH   H N N 340 
TYR HXT  H N N 341 
VAL N    N N N 342 
VAL CA   C N S 343 
VAL C    C N N 344 
VAL O    O N N 345 
VAL CB   C N N 346 
VAL CG1  C N N 347 
VAL CG2  C N N 348 
VAL OXT  O N N 349 
VAL H    H N N 350 
VAL H2   H N N 351 
VAL HA   H N N 352 
VAL HB   H N N 353 
VAL HG11 H N N 354 
VAL HG12 H N N 355 
VAL HG13 H N N 356 
VAL HG21 H N N 357 
VAL HG22 H N N 358 
VAL HG23 H N N 359 
VAL HXT  H N N 360 
# 
loop_
_chem_comp_bond.comp_id 
_chem_comp_bond.atom_id_1 
_chem_comp_bond.atom_id_2 
_chem_comp_bond.value_order 
_chem_comp_bond.pdbx_aromatic_flag 
_chem_comp_bond.pdbx_stereo_config 
_chem_comp_bond.pdbx_ordinal 
2KN C4  C3   doub Y N 1   
2KN C4  C5   sing Y N 2   
2KN C4  C7   sing N N 3   
2KN C6  C1   sing Y N 4   
2KN C6  C5   doub Y N 5   
2KN C6  C12  sing N N 6   
2KN C2  C1   doub Y N 7   
2KN C2  C3   sing Y N 8   
2KN C2  C17  sing N N 9   
2KN C17 O18  doub N N 10  
2KN C17 N19  sing N N 11  
2KN C12 O13  doub N N 12  
2KN C12 N14  sing N N 13  
2KN C7  O8   doub N N 14  
2KN C7  N9   sing N N 15  
2KN N19 C20  sing N N 16  
2KN N14 C15  sing N N 17  
2KN N9  C10  sing N N 18  
2KN C20 C21  sing N N 19  
2KN C15 C16  sing N N 20  
2KN C10 C11  sing N N 21  
2KN C11 H1   sing N N 22  
2KN C11 H2   sing N N 23  
2KN C11 H3   sing N N 24  
2KN C10 H4   sing N N 25  
2KN C10 H5   sing N N 26  
2KN N9  H6   sing N N 27  
2KN C5  H7   sing N N 28  
2KN C3  H8   sing N N 29  
2KN N19 H9   sing N N 30  
2KN C20 H10  sing N N 31  
2KN C20 H11  sing N N 32  
2KN C21 H12  sing N N 33  
2KN C21 H13  sing N N 34  
2KN C21 H14  sing N N 35  
2KN C1  H15  sing N N 36  
2KN N14 H16  sing N N 37  
2KN C15 H17  sing N N 38  
2KN C15 H18  sing N N 39  
2KN C16 H19  sing N N 40  
2KN C16 H20  sing N N 41  
2KN C16 H21  sing N N 42  
ALA N   CA   sing N N 43  
ALA N   H    sing N N 44  
ALA N   H2   sing N N 45  
ALA CA  C    sing N N 46  
ALA CA  CB   sing N N 47  
ALA CA  HA   sing N N 48  
ALA C   O    doub N N 49  
ALA C   OXT  sing N N 50  
ALA CB  HB1  sing N N 51  
ALA CB  HB2  sing N N 52  
ALA CB  HB3  sing N N 53  
ALA OXT HXT  sing N N 54  
ARG N   CA   sing N N 55  
ARG N   H    sing N N 56  
ARG N   H2   sing N N 57  
ARG CA  C    sing N N 58  
ARG CA  CB   sing N N 59  
ARG CA  HA   sing N N 60  
ARG C   O    doub N N 61  
ARG C   OXT  sing N N 62  
ARG CB  CG   sing N N 63  
ARG CB  HB2  sing N N 64  
ARG CB  HB3  sing N N 65  
ARG CG  CD   sing N N 66  
ARG CG  HG2  sing N N 67  
ARG CG  HG3  sing N N 68  
ARG CD  NE   sing N N 69  
ARG CD  HD2  sing N N 70  
ARG CD  HD3  sing N N 71  
ARG NE  CZ   sing N N 72  
ARG NE  HE   sing N N 73  
ARG CZ  NH1  sing N N 74  
ARG CZ  NH2  doub N N 75  
ARG NH1 HH11 sing N N 76  
ARG NH1 HH12 sing N N 77  
ARG NH2 HH21 sing N N 78  
ARG NH2 HH22 sing N N 79  
ARG OXT HXT  sing N N 80  
ASP N   CA   sing N N 81  
ASP N   H    sing N N 82  
ASP N   H2   sing N N 83  
ASP CA  C    sing N N 84  
ASP CA  CB   sing N N 85  
ASP CA  HA   sing N N 86  
ASP C   O    doub N N 87  
ASP C   OXT  sing N N 88  
ASP CB  CG   sing N N 89  
ASP CB  HB2  sing N N 90  
ASP CB  HB3  sing N N 91  
ASP CG  OD1  doub N N 92  
ASP CG  OD2  sing N N 93  
ASP OD2 HD2  sing N N 94  
ASP OXT HXT  sing N N 95  
GLN N   CA   sing N N 96  
GLN N   H    sing N N 97  
GLN N   H2   sing N N 98  
GLN CA  C    sing N N 99  
GLN CA  CB   sing N N 100 
GLN CA  HA   sing N N 101 
GLN C   O    doub N N 102 
GLN C   OXT  sing N N 103 
GLN CB  CG   sing N N 104 
GLN CB  HB2  sing N N 105 
GLN CB  HB3  sing N N 106 
GLN CG  CD   sing N N 107 
GLN CG  HG2  sing N N 108 
GLN CG  HG3  sing N N 109 
GLN CD  OE1  doub N N 110 
GLN CD  NE2  sing N N 111 
GLN NE2 HE21 sing N N 112 
GLN NE2 HE22 sing N N 113 
GLN OXT HXT  sing N N 114 
GLU N   CA   sing N N 115 
GLU N   H    sing N N 116 
GLU N   H2   sing N N 117 
GLU CA  C    sing N N 118 
GLU CA  CB   sing N N 119 
GLU CA  HA   sing N N 120 
GLU C   O    doub N N 121 
GLU C   OXT  sing N N 122 
GLU CB  CG   sing N N 123 
GLU CB  HB2  sing N N 124 
GLU CB  HB3  sing N N 125 
GLU CG  CD   sing N N 126 
GLU CG  HG2  sing N N 127 
GLU CG  HG3  sing N N 128 
GLU CD  OE1  doub N N 129 
GLU CD  OE2  sing N N 130 
GLU OE2 HE2  sing N N 131 
GLU OXT HXT  sing N N 132 
GLY N   CA   sing N N 133 
GLY N   H    sing N N 134 
GLY N   H2   sing N N 135 
GLY CA  C    sing N N 136 
GLY CA  HA2  sing N N 137 
GLY CA  HA3  sing N N 138 
GLY C   O    doub N N 139 
GLY C   OXT  sing N N 140 
GLY OXT HXT  sing N N 141 
HOH O   H1   sing N N 142 
HOH O   H2   sing N N 143 
ILE N   CA   sing N N 144 
ILE N   H    sing N N 145 
ILE N   H2   sing N N 146 
ILE CA  C    sing N N 147 
ILE CA  CB   sing N N 148 
ILE CA  HA   sing N N 149 
ILE C   O    doub N N 150 
ILE C   OXT  sing N N 151 
ILE CB  CG1  sing N N 152 
ILE CB  CG2  sing N N 153 
ILE CB  HB   sing N N 154 
ILE CG1 CD1  sing N N 155 
ILE CG1 HG12 sing N N 156 
ILE CG1 HG13 sing N N 157 
ILE CG2 HG21 sing N N 158 
ILE CG2 HG22 sing N N 159 
ILE CG2 HG23 sing N N 160 
ILE CD1 HD11 sing N N 161 
ILE CD1 HD12 sing N N 162 
ILE CD1 HD13 sing N N 163 
ILE OXT HXT  sing N N 164 
LEU N   CA   sing N N 165 
LEU N   H    sing N N 166 
LEU N   H2   sing N N 167 
LEU CA  C    sing N N 168 
LEU CA  CB   sing N N 169 
LEU CA  HA   sing N N 170 
LEU C   O    doub N N 171 
LEU C   OXT  sing N N 172 
LEU CB  CG   sing N N 173 
LEU CB  HB2  sing N N 174 
LEU CB  HB3  sing N N 175 
LEU CG  CD1  sing N N 176 
LEU CG  CD2  sing N N 177 
LEU CG  HG   sing N N 178 
LEU CD1 HD11 sing N N 179 
LEU CD1 HD12 sing N N 180 
LEU CD1 HD13 sing N N 181 
LEU CD2 HD21 sing N N 182 
LEU CD2 HD22 sing N N 183 
LEU CD2 HD23 sing N N 184 
LEU OXT HXT  sing N N 185 
LYS N   CA   sing N N 186 
LYS N   H    sing N N 187 
LYS N   H2   sing N N 188 
LYS CA  C    sing N N 189 
LYS CA  CB   sing N N 190 
LYS CA  HA   sing N N 191 
LYS C   O    doub N N 192 
LYS C   OXT  sing N N 193 
LYS CB  CG   sing N N 194 
LYS CB  HB2  sing N N 195 
LYS CB  HB3  sing N N 196 
LYS CG  CD   sing N N 197 
LYS CG  HG2  sing N N 198 
LYS CG  HG3  sing N N 199 
LYS CD  CE   sing N N 200 
LYS CD  HD2  sing N N 201 
LYS CD  HD3  sing N N 202 
LYS CE  NZ   sing N N 203 
LYS CE  HE2  sing N N 204 
LYS CE  HE3  sing N N 205 
LYS NZ  HZ1  sing N N 206 
LYS NZ  HZ2  sing N N 207 
LYS NZ  HZ3  sing N N 208 
LYS OXT HXT  sing N N 209 
PHE N   CA   sing N N 210 
PHE N   H    sing N N 211 
PHE N   H2   sing N N 212 
PHE CA  C    sing N N 213 
PHE CA  CB   sing N N 214 
PHE CA  HA   sing N N 215 
PHE C   O    doub N N 216 
PHE C   OXT  sing N N 217 
PHE CB  CG   sing N N 218 
PHE CB  HB2  sing N N 219 
PHE CB  HB3  sing N N 220 
PHE CG  CD1  doub Y N 221 
PHE CG  CD2  sing Y N 222 
PHE CD1 CE1  sing Y N 223 
PHE CD1 HD1  sing N N 224 
PHE CD2 CE2  doub Y N 225 
PHE CD2 HD2  sing N N 226 
PHE CE1 CZ   doub Y N 227 
PHE CE1 HE1  sing N N 228 
PHE CE2 CZ   sing Y N 229 
PHE CE2 HE2  sing N N 230 
PHE CZ  HZ   sing N N 231 
PHE OXT HXT  sing N N 232 
PRO N   CA   sing N N 233 
PRO N   CD   sing N N 234 
PRO N   H    sing N N 235 
PRO CA  C    sing N N 236 
PRO CA  CB   sing N N 237 
PRO CA  HA   sing N N 238 
PRO C   O    doub N N 239 
PRO C   OXT  sing N N 240 
PRO CB  CG   sing N N 241 
PRO CB  HB2  sing N N 242 
PRO CB  HB3  sing N N 243 
PRO CG  CD   sing N N 244 
PRO CG  HG2  sing N N 245 
PRO CG  HG3  sing N N 246 
PRO CD  HD2  sing N N 247 
PRO CD  HD3  sing N N 248 
PRO OXT HXT  sing N N 249 
SER N   CA   sing N N 250 
SER N   H    sing N N 251 
SER N   H2   sing N N 252 
SER CA  C    sing N N 253 
SER CA  CB   sing N N 254 
SER CA  HA   sing N N 255 
SER C   O    doub N N 256 
SER C   OXT  sing N N 257 
SER CB  OG   sing N N 258 
SER CB  HB2  sing N N 259 
SER CB  HB3  sing N N 260 
SER OG  HG   sing N N 261 
SER OXT HXT  sing N N 262 
THR N   CA   sing N N 263 
THR N   H    sing N N 264 
THR N   H2   sing N N 265 
THR CA  C    sing N N 266 
THR CA  CB   sing N N 267 
THR CA  HA   sing N N 268 
THR C   O    doub N N 269 
THR C   OXT  sing N N 270 
THR CB  OG1  sing N N 271 
THR CB  CG2  sing N N 272 
THR CB  HB   sing N N 273 
THR OG1 HG1  sing N N 274 
THR CG2 HG21 sing N N 275 
THR CG2 HG22 sing N N 276 
THR CG2 HG23 sing N N 277 
THR OXT HXT  sing N N 278 
TRP N   CA   sing N N 279 
TRP N   H    sing N N 280 
TRP N   H2   sing N N 281 
TRP CA  C    sing N N 282 
TRP CA  CB   sing N N 283 
TRP CA  HA   sing N N 284 
TRP C   O    doub N N 285 
TRP C   OXT  sing N N 286 
TRP CB  CG   sing N N 287 
TRP CB  HB2  sing N N 288 
TRP CB  HB3  sing N N 289 
TRP CG  CD1  doub Y N 290 
TRP CG  CD2  sing Y N 291 
TRP CD1 NE1  sing Y N 292 
TRP CD1 HD1  sing N N 293 
TRP CD2 CE2  doub Y N 294 
TRP CD2 CE3  sing Y N 295 
TRP NE1 CE2  sing Y N 296 
TRP NE1 HE1  sing N N 297 
TRP CE2 CZ2  sing Y N 298 
TRP CE3 CZ3  doub Y N 299 
TRP CE3 HE3  sing N N 300 
TRP CZ2 CH2  doub Y N 301 
TRP CZ2 HZ2  sing N N 302 
TRP CZ3 CH2  sing Y N 303 
TRP CZ3 HZ3  sing N N 304 
TRP CH2 HH2  sing N N 305 
TRP OXT HXT  sing N N 306 
TYR N   CA   sing N N 307 
TYR N   H    sing N N 308 
TYR N   H2   sing N N 309 
TYR CA  C    sing N N 310 
TYR CA  CB   sing N N 311 
TYR CA  HA   sing N N 312 
TYR C   O    doub N N 313 
TYR C   OXT  sing N N 314 
TYR CB  CG   sing N N 315 
TYR CB  HB2  sing N N 316 
TYR CB  HB3  sing N N 317 
TYR CG  CD1  doub Y N 318 
TYR CG  CD2  sing Y N 319 
TYR CD1 CE1  sing Y N 320 
TYR CD1 HD1  sing N N 321 
TYR CD2 CE2  doub Y N 322 
TYR CD2 HD2  sing N N 323 
TYR CE1 CZ   doub Y N 324 
TYR CE1 HE1  sing N N 325 
TYR CE2 CZ   sing Y N 326 
TYR CE2 HE2  sing N N 327 
TYR CZ  OH   sing N N 328 
TYR OH  HH   sing N N 329 
TYR OXT HXT  sing N N 330 
VAL N   CA   sing N N 331 
VAL N   H    sing N N 332 
VAL N   H2   sing N N 333 
VAL CA  C    sing N N 334 
VAL CA  CB   sing N N 335 
VAL CA  HA   sing N N 336 
VAL C   O    doub N N 337 
VAL C   OXT  sing N N 338 
VAL CB  CG1  sing N N 339 
VAL CB  CG2  sing N N 340 
VAL CB  HB   sing N N 341 
VAL CG1 HG11 sing N N 342 
VAL CG1 HG12 sing N N 343 
VAL CG1 HG13 sing N N 344 
VAL CG2 HG21 sing N N 345 
VAL CG2 HG22 sing N N 346 
VAL CG2 HG23 sing N N 347 
VAL OXT HXT  sing N N 348 
# 
loop_
_pdbx_entity_nonpoly.entity_id 
_pdbx_entity_nonpoly.name 
_pdbx_entity_nonpoly.comp_id 
2 "N,N',N''-triethylbenzene-1,3,5-tricarboxamide" 2KN 
3 water                                           HOH 
# 
_pdbx_initial_refinement_model.id               1 
_pdbx_initial_refinement_model.entity_id_list   ? 
_pdbx_initial_refinement_model.type             'experimental model' 
_pdbx_initial_refinement_model.source_name      PDB 
_pdbx_initial_refinement_model.accession_code   4NCU 
_pdbx_initial_refinement_model.details          ? 
# 
